data_3GG9
#
_entry.id   3GG9
#
_cell.length_a   92.034
_cell.length_b   97.625
_cell.length_c   97.808
_cell.angle_alpha   90.00
_cell.angle_beta   114.96
_cell.angle_gamma   90.00
#
_symmetry.space_group_name_H-M   'P 1 21 1'
#
loop_
_entity.id
_entity.type
_entity.pdbx_description
1 polymer 'd-3-phosphoglycerate dehydrogenase oxidoreductase protein'
2 non-polymer 'SULFATE ION'
3 non-polymer GLYCEROL
4 non-polymer 'CHLORIDE ION'
5 water water
#
_entity_poly.entity_id   1
_entity_poly.type   'polypeptide(L)'
_entity_poly.pdbx_seq_one_letter_code
;MSLKIAVLDDYQDAVRKLDCFSLLQDHEVKVFNNTVKGVGQLAARVADVEALVLIRERTRVTRQLLDRLPKLKIISQTGR
VSRDAGGHIDLEACTDKGVVVLEGKGSPVAPAELTWALVMAAQRRIPQYVASLKHGAWQQSGLKSTTMPPNFGIGRVLKG
QTLGIFGYGKIGQLVAGYGRAFGMNVLVWGRENSKERARADGFAVAESKDALFEQSDVLSVHLRLNDETRSIITVADLTR
MKPTALFVNTSRAELVEENGMVTALNRGRPGMAAIDVFETEPILQGHTLLRMENCICTPHIGYVERESYEMYFGIAFQNI
LDILQGNVDSVANPTALAPALIRAEGHHHHHH
;
_entity_poly.pdbx_strand_id   A,B,C,D
#
loop_
_chem_comp.id
_chem_comp.type
_chem_comp.name
_chem_comp.formula
CL non-polymer 'CHLORIDE ION' 'Cl -1'
GOL non-polymer GLYCEROL 'C3 H8 O3'
SO4 non-polymer 'SULFATE ION' 'O4 S -2'
#
# COMPACT_ATOMS: atom_id res chain seq x y z
N SER A 2 21.16 53.84 13.08
CA SER A 2 21.63 53.50 11.73
C SER A 2 22.89 52.59 11.79
N LEU A 3 22.69 51.32 11.51
CA LEU A 3 23.73 50.30 11.59
C LEU A 3 24.34 50.00 10.24
N LYS A 4 25.59 49.54 10.28
CA LYS A 4 26.26 48.94 9.15
C LYS A 4 25.86 47.45 9.20
N ILE A 5 25.13 47.00 8.18
CA ILE A 5 24.59 45.63 8.13
C ILE A 5 25.18 44.86 6.97
N ALA A 6 25.55 43.60 7.21
CA ALA A 6 25.97 42.72 6.14
C ALA A 6 25.13 41.45 6.11
N VAL A 7 24.78 41.04 4.89
CA VAL A 7 24.11 39.77 4.64
C VAL A 7 25.11 38.90 3.87
N LEU A 8 25.37 37.71 4.39
CA LEU A 8 26.36 36.81 3.81
C LEU A 8 25.73 35.76 2.88
N ASP A 9 26.53 35.25 1.95
CA ASP A 9 26.26 34.00 1.19
C ASP A 9 24.99 33.99 0.32
N ASP A 10 24.70 35.10 -0.34
CA ASP A 10 23.49 35.22 -1.17
C ASP A 10 23.87 35.06 -2.64
N TYR A 11 23.97 33.81 -3.09
CA TYR A 11 24.65 33.48 -4.36
C TYR A 11 23.97 34.10 -5.57
N GLN A 12 22.64 34.16 -5.55
CA GLN A 12 21.87 34.69 -6.68
C GLN A 12 21.40 36.12 -6.49
N ASP A 13 21.93 36.80 -5.46
CA ASP A 13 21.68 38.22 -5.21
C ASP A 13 20.18 38.46 -5.10
N ALA A 14 19.49 37.60 -4.38
CA ALA A 14 18.02 37.66 -4.30
C ALA A 14 17.52 38.56 -3.22
N VAL A 15 18.27 38.64 -2.13
CA VAL A 15 17.86 39.33 -0.91
C VAL A 15 17.52 40.80 -1.14
N ARG A 16 18.38 41.49 -1.90
CA ARG A 16 18.15 42.91 -2.15
C ARG A 16 16.92 43.20 -3.03
N LYS A 17 16.38 42.19 -3.70
CA LYS A 17 15.18 42.39 -4.54
C LYS A 17 13.88 42.00 -3.84
N LEU A 18 13.97 41.58 -2.59
CA LEU A 18 12.77 41.14 -1.86
C LEU A 18 11.98 42.36 -1.47
N ASP A 19 10.64 42.24 -1.40
CA ASP A 19 9.81 43.31 -0.86
C ASP A 19 10.26 43.73 0.54
N CYS A 20 10.68 42.76 1.35
CA CYS A 20 11.04 43.02 2.74
C CYS A 20 12.37 43.79 2.91
N PHE A 21 13.21 43.83 1.89
CA PHE A 21 14.48 44.56 1.98
C PHE A 21 14.32 46.04 2.38
N SER A 22 13.16 46.63 2.08
CA SER A 22 12.88 48.03 2.42
CA SER A 22 12.86 48.02 2.42
C SER A 22 12.76 48.25 3.93
N LEU A 23 12.61 47.16 4.69
CA LEU A 23 12.64 47.23 6.15
C LEU A 23 13.96 47.82 6.68
N LEU A 24 15.05 47.65 5.94
CA LEU A 24 16.36 48.14 6.39
C LEU A 24 16.75 49.51 5.82
N GLN A 25 15.75 50.34 5.51
CA GLN A 25 15.92 51.61 4.79
C GLN A 25 16.72 52.65 5.56
N ASP A 26 16.65 52.57 6.89
CA ASP A 26 17.42 53.44 7.77
C ASP A 26 18.86 52.97 8.00
N HIS A 27 19.30 51.93 7.29
CA HIS A 27 20.62 51.32 7.53
C HIS A 27 21.39 51.16 6.27
N GLU A 28 22.71 50.97 6.42
CA GLU A 28 23.59 50.70 5.30
C GLU A 28 23.80 49.18 5.20
N VAL A 29 23.38 48.60 4.09
CA VAL A 29 23.37 47.12 3.91
C VAL A 29 24.26 46.71 2.76
N LYS A 30 25.17 45.78 3.03
CA LYS A 30 25.96 45.15 1.99
C LYS A 30 25.57 43.68 1.92
N VAL A 31 25.22 43.22 0.72
CA VAL A 31 24.91 41.81 0.51
C VAL A 31 26.08 41.20 -0.26
N PHE A 32 26.64 40.13 0.28
CA PHE A 32 27.70 39.42 -0.44
C PHE A 32 27.10 38.26 -1.21
N ASN A 33 27.65 37.98 -2.38
CA ASN A 33 27.13 36.97 -3.29
C ASN A 33 28.00 35.71 -3.42
N ASN A 34 29.04 35.64 -2.60
CA ASN A 34 29.83 34.42 -2.52
C ASN A 34 30.25 34.15 -1.10
N THR A 35 30.85 33.00 -0.87
CA THR A 35 31.20 32.55 0.46
C THR A 35 32.70 32.61 0.62
N VAL A 36 33.13 33.07 1.78
CA VAL A 36 34.52 33.14 2.14
C VAL A 36 34.69 32.30 3.41
N LYS A 37 35.61 31.35 3.33
CA LYS A 37 35.89 30.50 4.47
CA LYS A 37 35.93 30.42 4.41
C LYS A 37 37.28 30.79 5.02
N GLY A 38 37.44 30.55 6.31
CA GLY A 38 38.69 30.89 6.98
C GLY A 38 38.53 32.22 7.66
N VAL A 39 38.97 32.26 8.92
CA VAL A 39 38.71 33.36 9.83
C VAL A 39 39.22 34.71 9.29
N GLY A 40 40.46 34.71 8.81
CA GLY A 40 41.13 35.93 8.33
C GLY A 40 40.37 36.72 7.28
N GLN A 41 40.11 36.08 6.14
CA GLN A 41 39.42 36.68 5.01
C GLN A 41 37.99 37.12 5.33
N LEU A 42 37.30 36.33 6.15
CA LEU A 42 35.92 36.63 6.53
C LEU A 42 35.85 37.81 7.50
N ALA A 43 36.76 37.86 8.46
CA ALA A 43 36.84 38.97 9.41
C ALA A 43 37.16 40.31 8.73
N ALA A 44 38.04 40.27 7.73
CA ALA A 44 38.34 41.46 6.92
C ALA A 44 37.14 41.91 6.10
N ARG A 45 36.34 40.95 5.64
CA ARG A 45 35.17 41.26 4.83
CA ARG A 45 35.14 41.21 4.84
C ARG A 45 34.06 41.93 5.65
N VAL A 46 33.88 41.52 6.90
CA VAL A 46 32.84 42.09 7.77
C VAL A 46 33.36 42.96 8.95
N ALA A 47 34.54 43.56 8.77
CA ALA A 47 35.24 44.27 9.84
C ALA A 47 34.45 45.43 10.46
N ASP A 48 33.71 46.16 9.63
CA ASP A 48 32.96 47.33 10.11
C ASP A 48 31.50 47.08 10.48
N VAL A 49 31.02 45.84 10.31
CA VAL A 49 29.58 45.65 10.49
C VAL A 49 29.17 45.49 11.94
N GLU A 50 28.06 46.12 12.29
CA GLU A 50 27.52 46.01 13.61
C GLU A 50 26.44 44.94 13.64
N ALA A 51 25.81 44.67 12.50
CA ALA A 51 24.77 43.63 12.42
C ALA A 51 24.98 42.69 11.26
N LEU A 52 24.93 41.40 11.55
CA LEU A 52 25.22 40.41 10.54
C LEU A 52 23.96 39.57 10.36
N VAL A 53 23.50 39.46 9.12
CA VAL A 53 22.40 38.57 8.79
C VAL A 53 22.96 37.30 8.13
N LEU A 54 22.65 36.16 8.75
CA LEU A 54 23.08 34.86 8.26
C LEU A 54 21.94 34.14 7.56
N ILE A 55 22.26 33.51 6.44
CA ILE A 55 21.33 32.68 5.67
C ILE A 55 21.50 31.24 6.10
N ARG A 56 20.55 30.79 6.92
CA ARG A 56 20.55 29.44 7.45
CA ARG A 56 20.53 29.44 7.49
C ARG A 56 21.91 29.01 8.00
N GLU A 57 22.44 27.87 7.58
CA GLU A 57 23.74 27.42 8.08
C GLU A 57 24.89 27.63 7.11
N ARG A 58 24.76 28.57 6.19
CA ARG A 58 25.79 28.77 5.15
C ARG A 58 27.18 29.22 5.67
N THR A 59 27.18 29.97 6.77
CA THR A 59 28.42 30.44 7.43
C THR A 59 28.37 30.04 8.90
N ARG A 60 29.45 29.46 9.40
CA ARG A 60 29.55 29.21 10.83
C ARG A 60 30.26 30.32 11.58
N VAL A 61 29.77 30.62 12.78
CA VAL A 61 30.33 31.69 13.59
C VAL A 61 31.06 31.09 14.79
N THR A 62 32.38 31.15 14.71
CA THR A 62 33.27 30.58 15.73
C THR A 62 33.74 31.66 16.72
N ARG A 63 34.23 31.24 17.89
CA ARG A 63 34.92 32.12 18.85
C ARG A 63 36.09 32.85 18.18
N GLN A 64 36.84 32.14 17.34
CA GLN A 64 38.00 32.72 16.67
CA GLN A 64 37.99 32.69 16.62
C GLN A 64 37.61 33.84 15.69
N LEU A 65 36.41 33.75 15.13
CA LEU A 65 35.88 34.80 14.30
C LEU A 65 35.47 35.98 15.17
N LEU A 66 34.72 35.70 16.24
CA LEU A 66 34.25 36.75 17.14
C LEU A 66 35.38 37.56 17.79
N ASP A 67 36.52 36.89 18.02
CA ASP A 67 37.76 37.53 18.50
C ASP A 67 38.25 38.61 17.54
N ARG A 68 37.99 38.42 16.25
CA ARG A 68 38.45 39.34 15.22
C ARG A 68 37.41 40.39 14.81
N LEU A 69 36.29 40.46 15.52
CA LEU A 69 35.21 41.38 15.15
C LEU A 69 34.74 42.28 16.32
N PRO A 70 35.51 43.35 16.61
CA PRO A 70 35.16 44.22 17.74
C PRO A 70 33.83 44.98 17.61
N LYS A 71 33.43 45.32 16.39
CA LYS A 71 32.24 46.17 16.18
C LYS A 71 30.91 45.42 16.17
N LEU A 72 30.94 44.09 16.15
CA LEU A 72 29.72 43.28 16.00
C LEU A 72 28.86 43.33 17.25
N LYS A 73 27.58 43.67 17.07
CA LYS A 73 26.62 43.75 18.17
C LYS A 73 25.48 42.74 18.06
N ILE A 74 25.09 42.43 16.82
CA ILE A 74 23.93 41.60 16.53
C ILE A 74 24.25 40.56 15.44
N ILE A 75 23.88 39.31 15.69
CA ILE A 75 23.74 38.32 14.62
C ILE A 75 22.26 38.01 14.51
N SER A 76 21.72 38.20 13.31
CA SER A 76 20.32 37.87 13.07
C SER A 76 20.22 36.67 12.14
N GLN A 77 19.67 35.58 12.68
CA GLN A 77 19.58 34.29 12.02
C GLN A 77 18.25 34.14 11.31
N THR A 78 18.33 33.82 10.02
CA THR A 78 17.15 33.40 9.26
C THR A 78 16.81 31.97 9.71
N GLY A 79 15.57 31.74 10.10
CA GLY A 79 15.19 30.45 10.64
C GLY A 79 15.68 30.22 12.06
N ARG A 80 15.62 28.96 12.50
CA ARG A 80 15.92 28.58 13.89
C ARG A 80 17.40 28.61 14.27
N VAL A 81 17.67 28.88 15.55
CA VAL A 81 19.01 28.79 16.10
C VAL A 81 19.08 27.53 16.95
N SER A 82 19.99 26.62 16.59
CA SER A 82 20.16 25.37 17.34
C SER A 82 20.92 25.59 18.65
N ARG A 83 20.34 25.10 19.74
CA ARG A 83 20.92 25.24 21.08
C ARG A 83 21.93 24.14 21.39
N ASP A 84 21.94 23.09 20.58
CA ASP A 84 22.72 21.89 20.87
C ASP A 84 24.23 22.04 20.62
N ALA A 85 24.99 21.05 21.09
CA ALA A 85 26.45 20.99 20.92
C ALA A 85 26.81 20.99 19.44
N GLY A 86 27.86 21.72 19.10
CA GLY A 86 28.09 22.10 17.72
C GLY A 86 27.16 23.25 17.45
N GLY A 87 26.32 23.11 16.41
CA GLY A 87 25.50 24.22 15.92
C GLY A 87 26.41 25.18 15.18
N HIS A 88 25.89 25.90 14.19
CA HIS A 88 26.76 26.74 13.38
CA HIS A 88 26.74 26.76 13.38
C HIS A 88 27.09 28.09 14.06
N ILE A 89 26.45 28.39 15.18
CA ILE A 89 26.82 29.58 15.96
C ILE A 89 27.24 29.21 17.39
N ASP A 90 28.47 29.59 17.77
CA ASP A 90 28.94 29.42 19.15
C ASP A 90 28.27 30.45 20.06
N LEU A 91 27.16 30.04 20.68
CA LEU A 91 26.30 30.96 21.43
C LEU A 91 26.96 31.47 22.71
N GLU A 92 27.74 30.59 23.35
CA GLU A 92 28.50 30.95 24.56
C GLU A 92 29.57 32.00 24.25
N ALA A 93 30.26 31.84 23.13
CA ALA A 93 31.24 32.84 22.69
C ALA A 93 30.58 34.18 22.36
N CYS A 94 29.38 34.13 21.78
CA CYS A 94 28.57 35.32 21.49
C CYS A 94 28.17 36.01 22.79
N THR A 95 27.68 35.23 23.74
CA THR A 95 27.29 35.72 25.06
C THR A 95 28.48 36.37 25.78
N ASP A 96 29.68 35.79 25.64
CA ASP A 96 30.93 36.35 26.18
C ASP A 96 31.28 37.74 25.63
N LYS A 97 31.01 37.95 24.34
CA LYS A 97 31.29 39.23 23.69
C LYS A 97 30.11 40.21 23.85
N GLY A 98 29.02 39.75 24.43
CA GLY A 98 27.79 40.55 24.49
C GLY A 98 27.21 40.78 23.10
N VAL A 99 27.34 39.79 22.23
CA VAL A 99 26.74 39.79 20.89
C VAL A 99 25.42 39.03 20.98
N VAL A 100 24.30 39.71 20.72
CA VAL A 100 23.01 39.03 20.76
C VAL A 100 22.72 38.26 19.49
N VAL A 101 22.22 37.04 19.64
CA VAL A 101 21.84 36.22 18.51
C VAL A 101 20.33 36.23 18.42
N LEU A 102 19.81 36.69 17.28
CA LEU A 102 18.37 36.81 17.09
C LEU A 102 17.86 35.61 16.32
N GLU A 103 16.75 35.05 16.76
CA GLU A 103 16.24 33.80 16.18
C GLU A 103 15.03 34.10 15.33
N GLY A 104 15.04 33.56 14.12
CA GLY A 104 13.91 33.69 13.24
C GLY A 104 12.93 32.55 13.39
N LYS A 105 12.01 32.46 12.44
CA LYS A 105 11.13 31.31 12.31
C LYS A 105 11.30 30.69 10.92
N GLY A 106 11.02 29.39 10.83
CA GLY A 106 11.08 28.68 9.56
C GLY A 106 9.75 28.13 9.11
N SER A 107 9.77 27.44 7.97
CA SER A 107 8.56 26.87 7.40
C SER A 107 8.89 25.54 6.70
N PRO A 108 8.02 24.52 6.86
CA PRO A 108 8.36 23.26 6.21
C PRO A 108 7.96 23.20 4.72
N VAL A 109 7.19 24.17 4.21
CA VAL A 109 6.56 23.98 2.90
C VAL A 109 7.54 23.95 1.73
N ALA A 110 8.44 24.92 1.65
CA ALA A 110 9.45 24.97 0.55
C ALA A 110 10.37 23.75 0.47
N PRO A 111 10.94 23.31 1.60
CA PRO A 111 11.72 22.07 1.49
C PRO A 111 10.90 20.80 1.29
N ALA A 112 9.64 20.76 1.73
CA ALA A 112 8.80 19.60 1.43
C ALA A 112 8.50 19.52 -0.07
N GLU A 113 8.14 20.65 -0.66
CA GLU A 113 7.83 20.66 -2.09
C GLU A 113 9.07 20.33 -2.88
N LEU A 114 10.18 20.82 -2.39
CA LEU A 114 11.46 20.55 -3.08
C LEU A 114 11.80 19.06 -3.04
N THR A 115 11.64 18.44 -1.88
CA THR A 115 11.75 16.98 -1.77
C THR A 115 10.95 16.22 -2.82
N TRP A 116 9.70 16.62 -3.00
CA TRP A 116 8.83 15.97 -3.96
C TRP A 116 9.19 16.24 -5.40
N ALA A 117 9.69 17.45 -5.66
CA ALA A 117 10.14 17.84 -6.99
C ALA A 117 11.29 16.91 -7.38
N LEU A 118 12.15 16.60 -6.42
CA LEU A 118 13.27 15.66 -6.65
C LEU A 118 12.85 14.21 -6.82
N VAL A 119 11.88 13.75 -6.02
CA VAL A 119 11.23 12.44 -6.21
C VAL A 119 10.71 12.26 -7.62
N MET A 120 9.87 13.19 -8.08
CA MET A 120 9.33 13.17 -9.44
C MET A 120 10.42 13.33 -10.53
N ALA A 121 11.37 14.22 -10.30
CA ALA A 121 12.43 14.48 -11.26
C ALA A 121 13.25 13.21 -11.42
N ALA A 122 13.63 12.59 -10.30
CA ALA A 122 14.41 11.34 -10.33
C ALA A 122 13.62 10.15 -10.91
N GLN A 123 12.40 9.93 -10.43
CA GLN A 123 11.65 8.76 -10.92
C GLN A 123 11.33 8.84 -12.42
N ARG A 124 11.28 10.05 -12.97
CA ARG A 124 10.99 10.19 -14.39
C ARG A 124 12.22 10.53 -15.20
N ARG A 125 13.37 10.53 -14.52
CA ARG A 125 14.69 10.79 -15.15
C ARG A 125 14.74 12.10 -15.91
N ILE A 126 14.04 13.10 -15.38
CA ILE A 126 13.92 14.37 -16.04
C ILE A 126 15.27 15.09 -16.34
N PRO A 127 16.19 15.28 -15.34
CA PRO A 127 17.45 15.92 -15.70
C PRO A 127 18.21 15.20 -16.82
N GLN A 128 18.26 13.87 -16.74
CA GLN A 128 18.94 13.04 -17.74
C GLN A 128 18.33 13.15 -19.16
N TYR A 129 17.01 13.08 -19.26
CA TYR A 129 16.37 13.18 -20.55
C TYR A 129 16.50 14.59 -21.12
N VAL A 130 16.37 15.61 -20.26
CA VAL A 130 16.43 17.01 -20.69
C VAL A 130 17.83 17.35 -21.26
N ALA A 131 18.86 16.93 -20.54
CA ALA A 131 20.26 17.19 -20.92
C ALA A 131 20.66 16.48 -22.22
N SER A 132 20.20 15.24 -22.36
CA SER A 132 20.40 14.47 -23.59
C SER A 132 19.79 15.14 -24.80
N LEU A 133 18.58 15.66 -24.62
CA LEU A 133 17.83 16.30 -25.68
C LEU A 133 18.50 17.57 -26.18
N LYS A 134 19.13 18.31 -25.26
CA LYS A 134 19.85 19.54 -25.58
CA LYS A 134 19.82 19.54 -25.62
C LYS A 134 21.10 19.24 -26.41
N HIS A 135 21.61 18.03 -26.26
CA HIS A 135 22.76 17.54 -27.01
C HIS A 135 22.35 16.72 -28.23
N GLY A 136 21.07 16.77 -28.57
CA GLY A 136 20.56 16.16 -29.78
C GLY A 136 20.07 14.72 -29.69
N ALA A 137 20.14 14.12 -28.50
CA ALA A 137 19.71 12.74 -28.38
C ALA A 137 18.23 12.70 -27.98
N TRP A 138 17.40 12.14 -28.84
CA TRP A 138 15.97 12.08 -28.60
C TRP A 138 15.62 10.91 -27.71
N GLN A 139 14.92 11.22 -26.61
CA GLN A 139 14.38 10.20 -25.70
C GLN A 139 15.48 9.23 -25.22
N GLN A 140 16.57 9.77 -24.67
CA GLN A 140 17.67 8.96 -24.11
C GLN A 140 18.07 9.45 -22.72
N SER A 141 18.05 8.58 -21.73
CA SER A 141 18.32 9.02 -20.37
C SER A 141 19.57 8.39 -19.80
N GLY A 142 20.31 7.64 -20.64
CA GLY A 142 21.44 6.83 -20.17
C GLY A 142 20.95 5.67 -19.31
N LEU A 143 21.68 5.37 -18.24
CA LEU A 143 21.30 4.36 -17.23
C LEU A 143 21.13 2.93 -17.79
N LYS A 144 21.89 2.65 -18.85
CA LYS A 144 21.77 1.36 -19.55
C LYS A 144 22.95 0.41 -19.31
N SER A 145 23.72 0.70 -18.25
CA SER A 145 24.82 -0.14 -17.82
C SER A 145 24.36 -1.54 -17.41
N THR A 146 25.25 -2.53 -17.60
CA THR A 146 24.98 -3.94 -17.29
C THR A 146 24.79 -4.21 -15.80
N THR A 147 25.38 -3.35 -14.97
CA THR A 147 25.22 -3.40 -13.51
C THR A 147 23.83 -2.91 -13.03
N MET A 148 23.13 -2.17 -13.89
CA MET A 148 21.82 -1.58 -13.59
C MET A 148 20.65 -2.49 -14.00
N PRO A 149 19.47 -2.34 -13.34
CA PRO A 149 18.30 -3.13 -13.74
C PRO A 149 17.89 -2.93 -15.22
N PRO A 150 17.21 -3.93 -15.82
CA PRO A 150 16.66 -3.79 -17.17
C PRO A 150 15.64 -2.65 -17.26
N ASN A 151 15.79 -1.80 -18.29
CA ASN A 151 14.92 -0.64 -18.53
C ASN A 151 14.97 0.39 -17.41
N PHE A 152 16.11 0.49 -16.73
CA PHE A 152 16.26 1.42 -15.61
C PHE A 152 16.25 2.87 -16.09
N GLY A 153 16.54 3.07 -17.37
CA GLY A 153 16.57 4.40 -17.99
C GLY A 153 15.17 4.95 -18.23
N ILE A 154 14.16 4.10 -18.13
CA ILE A 154 12.76 4.46 -18.37
CA ILE A 154 12.81 4.57 -18.39
C ILE A 154 12.09 4.96 -17.10
N GLY A 155 11.12 5.87 -17.22
CA GLY A 155 10.38 6.37 -16.07
C GLY A 155 9.63 5.33 -15.26
N ARG A 156 9.37 5.68 -14.00
CA ARG A 156 8.62 4.83 -13.10
C ARG A 156 7.46 5.62 -12.49
N VAL A 157 6.31 4.99 -12.44
CA VAL A 157 5.08 5.60 -11.92
C VAL A 157 5.17 5.49 -10.39
N LEU A 158 4.61 6.48 -9.68
CA LEU A 158 4.56 6.47 -8.23
C LEU A 158 3.36 5.69 -7.72
N LYS A 159 2.21 5.88 -8.36
CA LYS A 159 0.97 5.19 -7.94
C LYS A 159 1.20 3.72 -7.65
N GLY A 160 0.85 3.29 -6.43
CA GLY A 160 0.89 1.88 -6.07
C GLY A 160 2.25 1.38 -5.61
N GLN A 161 3.24 2.28 -5.60
CA GLN A 161 4.57 2.00 -5.07
C GLN A 161 4.69 2.37 -3.60
N THR A 162 5.76 1.90 -2.99
CA THR A 162 6.00 2.15 -1.58
C THR A 162 6.95 3.32 -1.31
N LEU A 163 6.42 4.30 -0.59
CA LEU A 163 7.18 5.45 -0.08
C LEU A 163 7.57 5.25 1.38
N GLY A 164 8.86 5.12 1.64
CA GLY A 164 9.40 5.13 3.00
C GLY A 164 9.73 6.54 3.49
N ILE A 165 9.18 6.90 4.64
CA ILE A 165 9.48 8.19 5.27
C ILE A 165 10.25 7.93 6.56
N PHE A 166 11.53 8.29 6.54
CA PHE A 166 12.39 8.20 7.73
C PHE A 166 12.42 9.56 8.47
N GLY A 167 11.56 9.69 9.49
CA GLY A 167 11.43 10.92 10.29
C GLY A 167 10.10 11.59 9.99
N TYR A 168 9.32 11.84 11.03
CA TYR A 168 7.98 12.35 10.82
C TYR A 168 7.78 13.66 11.59
N GLY A 169 8.67 14.62 11.33
CA GLY A 169 8.51 16.00 11.83
C GLY A 169 7.60 16.74 10.85
N LYS A 170 7.62 18.06 10.88
CA LYS A 170 6.75 18.84 9.98
C LYS A 170 7.00 18.59 8.47
N ILE A 171 8.26 18.50 8.05
CA ILE A 171 8.57 18.18 6.66
C ILE A 171 8.15 16.76 6.24
N GLY A 172 8.49 15.77 7.06
CA GLY A 172 8.12 14.39 6.80
C GLY A 172 6.62 14.19 6.65
N GLN A 173 5.86 14.93 7.44
CA GLN A 173 4.40 14.85 7.47
C GLN A 173 3.81 15.35 6.15
N LEU A 174 4.34 16.46 5.64
CA LEU A 174 3.89 16.98 4.34
C LEU A 174 4.21 16.03 3.19
N VAL A 175 5.44 15.51 3.18
CA VAL A 175 5.86 14.59 2.16
C VAL A 175 5.16 13.24 2.20
N ALA A 176 4.87 12.73 3.40
CA ALA A 176 3.97 11.58 3.56
C ALA A 176 2.58 11.84 2.93
N GLY A 177 2.04 13.05 3.12
CA GLY A 177 0.78 13.47 2.52
C GLY A 177 0.80 13.48 1.00
N TYR A 178 1.89 13.99 0.41
CA TYR A 178 2.07 13.95 -1.04
C TYR A 178 2.03 12.52 -1.59
N GLY A 179 2.73 11.63 -0.89
CA GLY A 179 2.77 10.21 -1.24
C GLY A 179 1.37 9.63 -1.30
N ARG A 180 0.60 9.88 -0.24
CA ARG A 180 -0.78 9.40 -0.16
CA ARG A 180 -0.79 9.42 -0.15
C ARG A 180 -1.64 9.94 -1.32
N ALA A 181 -1.48 11.23 -1.63
CA ALA A 181 -2.24 11.83 -2.73
C ALA A 181 -1.82 11.31 -4.10
N PHE A 182 -0.58 10.82 -4.24
CA PHE A 182 -0.19 10.13 -5.46
C PHE A 182 -0.58 8.65 -5.51
N GLY A 183 -1.23 8.16 -4.45
CA GLY A 183 -1.65 6.74 -4.40
C GLY A 183 -0.50 5.77 -4.08
N MET A 184 0.52 6.26 -3.37
CA MET A 184 1.64 5.44 -2.94
C MET A 184 1.29 4.69 -1.65
N ASN A 185 1.97 3.58 -1.39
CA ASN A 185 1.94 2.86 -0.11
C ASN A 185 2.92 3.52 0.87
N VAL A 186 2.40 4.33 1.79
CA VAL A 186 3.29 5.10 2.66
C VAL A 186 3.59 4.38 4.00
N LEU A 187 4.88 4.18 4.24
CA LEU A 187 5.41 3.64 5.50
C LEU A 187 6.35 4.63 6.18
N VAL A 188 6.13 4.81 7.49
CA VAL A 188 6.91 5.76 8.28
C VAL A 188 7.77 5.00 9.31
N TRP A 189 8.97 5.50 9.55
CA TRP A 189 9.79 5.03 10.67
C TRP A 189 10.50 6.23 11.34
N GLY A 190 10.88 6.08 12.60
CA GLY A 190 11.58 7.13 13.36
C GLY A 190 11.56 6.80 14.84
N ARG A 191 11.84 7.81 15.67
CA ARG A 191 11.75 7.70 17.13
C ARG A 191 10.32 7.41 17.50
N GLU A 192 10.09 6.98 18.74
CA GLU A 192 8.77 6.63 19.23
C GLU A 192 7.68 7.66 18.99
N ASN A 193 7.97 8.93 19.28
CA ASN A 193 6.93 9.98 19.12
C ASN A 193 6.56 10.25 17.64
N SER A 194 7.52 10.11 16.72
CA SER A 194 7.25 10.13 15.27
C SER A 194 6.28 9.01 14.89
N LYS A 195 6.54 7.79 15.39
CA LYS A 195 5.67 6.67 15.14
C LYS A 195 4.26 6.94 15.63
N GLU A 196 4.14 7.60 16.78
CA GLU A 196 2.83 7.83 17.43
C GLU A 196 2.02 8.81 16.60
N ARG A 197 2.68 9.87 16.16
CA ARG A 197 2.04 10.90 15.34
CA ARG A 197 2.07 10.92 15.33
C ARG A 197 1.69 10.35 13.95
N ALA A 198 2.54 9.48 13.41
CA ALA A 198 2.24 8.80 12.14
C ALA A 198 0.98 7.92 12.24
N ARG A 199 0.91 7.07 13.26
CA ARG A 199 -0.28 6.23 13.52
C ARG A 199 -1.55 7.03 13.72
N ALA A 200 -1.44 8.18 14.39
CA ALA A 200 -2.57 9.07 14.63
C ALA A 200 -3.06 9.72 13.33
N ASP A 201 -2.13 9.93 12.40
CA ASP A 201 -2.43 10.51 11.07
C ASP A 201 -2.87 9.47 10.04
N GLY A 202 -2.97 8.21 10.44
CA GLY A 202 -3.45 7.15 9.57
C GLY A 202 -2.36 6.53 8.72
N PHE A 203 -1.10 6.79 9.05
CA PHE A 203 -0.01 6.18 8.32
C PHE A 203 0.46 4.90 8.97
N ALA A 204 0.78 3.91 8.15
CA ALA A 204 1.43 2.68 8.59
C ALA A 204 2.87 2.96 9.03
N VAL A 205 3.30 2.26 10.06
CA VAL A 205 4.64 2.38 10.58
C VAL A 205 5.36 1.11 10.18
N ALA A 206 6.56 1.23 9.63
CA ALA A 206 7.34 0.07 9.23
C ALA A 206 7.68 -0.81 10.43
N GLU A 207 7.80 -2.13 10.20
CA GLU A 207 8.10 -3.12 11.25
C GLU A 207 9.38 -2.77 11.99
N SER A 208 10.37 -2.30 11.21
CA SER A 208 11.65 -1.92 11.75
C SER A 208 12.32 -0.99 10.76
N LYS A 209 13.40 -0.37 11.19
CA LYS A 209 14.28 0.40 10.32
C LYS A 209 14.71 -0.44 9.11
N ASP A 210 15.13 -1.67 9.38
CA ASP A 210 15.50 -2.62 8.32
CA ASP A 210 15.51 -2.61 8.32
C ASP A 210 14.38 -2.82 7.29
N ALA A 211 13.14 -2.94 7.77
CA ALA A 211 11.96 -3.13 6.92
C ALA A 211 11.69 -1.94 5.99
N LEU A 212 11.98 -0.75 6.49
CA LEU A 212 11.81 0.49 5.72
C LEU A 212 12.71 0.51 4.50
N PHE A 213 13.97 0.13 4.70
CA PHE A 213 14.95 0.12 3.61
C PHE A 213 14.73 -0.99 2.60
N GLU A 214 14.26 -2.16 3.06
CA GLU A 214 13.95 -3.30 2.20
C GLU A 214 12.76 -3.06 1.28
N GLN A 215 11.70 -2.47 1.85
CA GLN A 215 10.40 -2.35 1.18
C GLN A 215 10.16 -1.11 0.32
N SER A 216 10.84 -0.01 0.60
CA SER A 216 10.55 1.26 -0.07
C SER A 216 11.02 1.29 -1.51
N ASP A 217 10.16 1.78 -2.41
CA ASP A 217 10.58 2.06 -3.78
C ASP A 217 11.23 3.44 -3.82
N VAL A 218 10.76 4.32 -2.95
CA VAL A 218 11.32 5.65 -2.75
C VAL A 218 11.47 5.79 -1.25
N LEU A 219 12.66 6.15 -0.78
CA LEU A 219 12.88 6.37 0.64
C LEU A 219 13.39 7.79 0.83
N SER A 220 12.65 8.56 1.61
CA SER A 220 13.04 9.93 1.82
C SER A 220 13.30 10.21 3.27
N VAL A 221 14.43 10.87 3.52
CA VAL A 221 14.94 11.18 4.88
C VAL A 221 14.60 12.59 5.39
N HIS A 222 13.88 12.66 6.51
CA HIS A 222 13.50 13.93 7.11
C HIS A 222 13.83 14.04 8.60
N LEU A 223 15.12 14.13 8.89
CA LEU A 223 15.62 14.17 10.26
C LEU A 223 16.49 15.40 10.46
N ARG A 224 16.46 15.95 11.66
CA ARG A 224 17.38 16.99 12.07
C ARG A 224 18.68 16.30 12.45
N LEU A 225 19.79 16.97 12.20
CA LEU A 225 21.12 16.45 12.54
C LEU A 225 21.48 16.77 14.00
N ASN A 226 21.78 15.72 14.76
CA ASN A 226 22.23 15.81 16.15
C ASN A 226 23.01 14.54 16.46
N ASP A 227 23.50 14.40 17.69
CA ASP A 227 24.33 13.24 18.09
C ASP A 227 23.64 11.90 17.95
N GLU A 228 22.31 11.91 18.09
CA GLU A 228 21.53 10.69 17.92
C GLU A 228 21.43 10.26 16.46
N THR A 229 21.37 11.23 15.54
CA THR A 229 21.09 10.95 14.12
C THR A 229 22.29 11.04 13.18
N ARG A 230 23.43 11.54 13.66
CA ARG A 230 24.64 11.51 12.85
C ARG A 230 25.01 10.06 12.52
N SER A 231 25.18 9.78 11.22
CA SER A 231 25.53 8.45 10.67
C SER A 231 24.48 7.39 10.95
N ILE A 232 23.23 7.81 11.14
CA ILE A 232 22.15 6.88 11.48
C ILE A 232 21.84 5.95 10.32
N ILE A 233 22.24 6.36 9.12
CA ILE A 233 22.02 5.56 7.92
C ILE A 233 23.42 5.07 7.54
N THR A 234 23.57 3.76 7.49
CA THR A 234 24.85 3.15 7.20
C THR A 234 24.82 2.58 5.80
N VAL A 235 25.98 2.13 5.30
CA VAL A 235 26.04 1.39 4.04
C VAL A 235 25.23 0.10 4.11
N ALA A 236 25.17 -0.55 5.28
CA ALA A 236 24.39 -1.78 5.42
C ALA A 236 22.91 -1.49 5.17
N ASP A 237 22.43 -0.38 5.73
CA ASP A 237 21.04 0.07 5.52
C ASP A 237 20.74 0.33 4.04
N LEU A 238 21.57 1.14 3.40
CA LEU A 238 21.41 1.45 1.98
C LEU A 238 21.51 0.22 1.07
N THR A 239 22.44 -0.70 1.35
CA THR A 239 22.57 -1.89 0.50
C THR A 239 21.46 -2.92 0.71
N ARG A 240 20.58 -2.66 1.69
CA ARG A 240 19.36 -3.42 1.91
CA ARG A 240 19.38 -3.46 1.87
C ARG A 240 18.30 -3.04 0.88
N MET A 241 18.44 -1.84 0.30
CA MET A 241 17.46 -1.28 -0.64
C MET A 241 17.35 -2.07 -1.94
N LYS A 242 16.19 -2.00 -2.59
CA LYS A 242 16.02 -2.63 -3.90
C LYS A 242 17.03 -2.06 -4.93
N PRO A 243 17.42 -2.88 -5.92
CA PRO A 243 18.21 -2.37 -7.06
C PRO A 243 17.50 -1.30 -7.91
N THR A 244 16.18 -1.20 -7.82
CA THR A 244 15.40 -0.18 -8.54
C THR A 244 14.97 1.02 -7.66
N ALA A 245 15.40 0.98 -6.40
CA ALA A 245 14.98 1.94 -5.39
C ALA A 245 15.66 3.29 -5.49
N LEU A 246 14.91 4.32 -5.12
CA LEU A 246 15.42 5.70 -5.04
C LEU A 246 15.61 6.19 -3.58
N PHE A 247 16.83 6.63 -3.27
CA PHE A 247 17.12 7.24 -1.98
C PHE A 247 17.12 8.76 -2.07
N VAL A 248 16.28 9.43 -1.29
CA VAL A 248 16.20 10.90 -1.31
C VAL A 248 16.68 11.51 0.01
N ASN A 249 17.56 12.49 -0.07
CA ASN A 249 18.01 13.19 1.13
C ASN A 249 18.10 14.69 0.89
N THR A 250 17.08 15.41 1.37
CA THR A 250 17.12 16.85 1.39
C THR A 250 17.33 17.39 2.81
N SER A 251 17.81 16.56 3.73
CA SER A 251 17.97 16.98 5.12
C SER A 251 19.38 17.47 5.43
N ARG A 252 20.26 16.54 5.81
CA ARG A 252 21.66 16.84 6.04
CA ARG A 252 21.66 16.84 6.04
C ARG A 252 22.48 15.65 5.53
N ALA A 253 23.64 15.93 4.92
CA ALA A 253 24.51 14.86 4.38
C ALA A 253 25.06 13.89 5.42
N GLU A 254 25.30 14.40 6.62
CA GLU A 254 25.98 13.67 7.67
C GLU A 254 25.04 12.69 8.41
N LEU A 255 23.76 12.72 8.06
CA LEU A 255 22.84 11.66 8.46
C LEU A 255 23.23 10.28 7.93
N VAL A 256 23.91 10.26 6.77
CA VAL A 256 24.45 9.01 6.21
C VAL A 256 25.92 8.99 6.57
N GLU A 257 26.42 7.83 7.01
CA GLU A 257 27.85 7.67 7.28
C GLU A 257 28.70 8.09 6.09
N GLU A 258 29.84 8.66 6.41
CA GLU A 258 30.76 9.24 5.46
C GLU A 258 31.09 8.27 4.31
N ASN A 259 30.95 8.77 3.09
CA ASN A 259 31.06 8.01 1.83
C ASN A 259 30.07 6.85 1.66
N GLY A 260 29.14 6.70 2.60
CA GLY A 260 28.21 5.58 2.57
C GLY A 260 27.35 5.53 1.33
N MET A 261 26.85 6.70 0.93
CA MET A 261 26.05 6.80 -0.26
C MET A 261 26.76 6.45 -1.59
N VAL A 262 27.92 7.07 -1.83
CA VAL A 262 28.72 6.74 -2.99
C VAL A 262 28.98 5.24 -2.99
N THR A 263 29.38 4.70 -1.84
CA THR A 263 29.68 3.28 -1.67
C THR A 263 28.48 2.42 -2.06
N ALA A 264 27.30 2.74 -1.52
CA ALA A 264 26.12 1.96 -1.81
C ALA A 264 25.68 2.06 -3.27
N LEU A 265 25.74 3.26 -3.86
CA LEU A 265 25.41 3.42 -5.28
C LEU A 265 26.33 2.58 -6.16
N ASN A 266 27.62 2.59 -5.83
CA ASN A 266 28.59 1.75 -6.53
C ASN A 266 28.37 0.24 -6.37
N ARG A 267 27.65 -0.18 -5.33
CA ARG A 267 27.32 -1.60 -5.18
C ARG A 267 25.95 -1.96 -5.77
N GLY A 268 25.23 -0.94 -6.23
CA GLY A 268 24.00 -1.12 -7.02
C GLY A 268 22.70 -1.12 -6.26
N ARG A 269 22.78 -0.92 -4.95
CA ARG A 269 21.60 -0.82 -4.05
C ARG A 269 21.83 0.37 -3.11
N PRO A 270 20.97 1.42 -3.18
CA PRO A 270 19.80 1.62 -4.05
C PRO A 270 20.25 1.84 -5.51
N GLY A 271 19.30 1.88 -6.44
CA GLY A 271 19.61 2.10 -7.85
C GLY A 271 19.84 3.57 -8.19
N MET A 272 19.25 4.45 -7.40
CA MET A 272 19.32 5.88 -7.70
C MET A 272 19.23 6.71 -6.43
N ALA A 273 19.85 7.88 -6.46
CA ALA A 273 19.69 8.85 -5.41
C ALA A 273 19.34 10.25 -5.92
N ALA A 274 18.66 11.02 -5.07
CA ALA A 274 18.45 12.43 -5.33
C ALA A 274 18.78 13.17 -4.04
N ILE A 275 19.75 14.09 -4.11
CA ILE A 275 20.22 14.76 -2.89
C ILE A 275 20.29 16.28 -3.08
N ASP A 276 20.11 16.99 -1.98
CA ASP A 276 20.10 18.45 -2.01
C ASP A 276 21.16 19.02 -1.08
N VAL A 277 21.89 18.16 -0.39
CA VAL A 277 22.76 18.60 0.69
C VAL A 277 24.09 17.87 0.63
N PHE A 278 25.15 18.59 0.92
CA PHE A 278 26.52 18.05 0.89
C PHE A 278 27.23 18.36 2.21
N GLU A 279 28.28 17.58 2.54
CA GLU A 279 29.05 17.80 3.77
C GLU A 279 29.76 19.15 3.75
N THR A 280 30.24 19.53 2.57
CA THR A 280 30.89 20.81 2.38
C THR A 280 30.11 21.55 1.31
N GLU A 281 29.76 22.80 1.58
CA GLU A 281 29.06 23.67 0.65
C GLU A 281 29.71 25.04 0.76
N PRO A 282 29.86 25.78 -0.36
CA PRO A 282 29.49 25.46 -1.72
C PRO A 282 30.43 24.46 -2.39
N ILE A 283 29.89 23.76 -3.38
CA ILE A 283 30.65 22.85 -4.23
C ILE A 283 30.98 23.61 -5.52
N LEU A 284 32.23 24.06 -5.64
CA LEU A 284 32.68 24.88 -6.77
C LEU A 284 33.65 24.14 -7.67
N GLN A 285 34.16 23.02 -7.16
CA GLN A 285 35.21 22.28 -7.81
C GLN A 285 34.80 20.82 -8.06
N GLY A 286 33.50 20.56 -8.03
CA GLY A 286 32.96 19.25 -8.37
C GLY A 286 32.86 18.33 -7.19
N HIS A 287 32.38 17.13 -7.47
CA HIS A 287 32.08 16.11 -6.47
C HIS A 287 31.82 14.79 -7.18
N THR A 288 32.23 13.70 -6.55
CA THR A 288 32.02 12.34 -7.06
C THR A 288 30.57 12.10 -7.50
N LEU A 289 29.61 12.52 -6.68
CA LEU A 289 28.18 12.32 -6.95
C LEU A 289 27.70 13.05 -8.20
N LEU A 290 28.34 14.17 -8.52
CA LEU A 290 27.97 14.96 -9.69
C LEU A 290 28.37 14.26 -10.99
N ARG A 291 29.34 13.35 -10.89
CA ARG A 291 29.78 12.59 -12.06
C ARG A 291 29.11 11.23 -12.18
N MET A 292 28.08 10.99 -11.37
CA MET A 292 27.27 9.77 -11.41
C MET A 292 25.91 10.00 -12.05
N GLU A 293 25.64 9.30 -13.15
CA GLU A 293 24.37 9.41 -13.89
C GLU A 293 23.14 8.99 -13.06
N ASN A 294 23.36 8.11 -12.09
CA ASN A 294 22.28 7.69 -11.16
C ASN A 294 22.23 8.48 -9.84
N CYS A 295 22.83 9.68 -9.83
CA CYS A 295 22.55 10.65 -8.77
C CYS A 295 22.09 11.96 -9.39
N ILE A 296 20.99 12.49 -8.86
CA ILE A 296 20.58 13.85 -9.20
C ILE A 296 20.89 14.73 -8.01
N CYS A 297 21.72 15.74 -8.21
CA CYS A 297 22.16 16.64 -7.13
C CYS A 297 21.77 18.06 -7.42
N THR A 298 21.07 18.67 -6.46
CA THR A 298 20.76 20.07 -6.52
C THR A 298 21.53 20.79 -5.43
N PRO A 299 21.82 22.09 -5.64
CA PRO A 299 22.70 22.81 -4.73
C PRO A 299 22.00 23.43 -3.52
N HIS A 300 21.51 22.58 -2.63
CA HIS A 300 20.91 23.01 -1.39
C HIS A 300 19.86 24.10 -1.58
N ILE A 301 18.89 23.79 -2.43
CA ILE A 301 17.79 24.75 -2.80
C ILE A 301 16.47 24.50 -2.08
N GLY A 302 16.46 23.53 -1.17
CA GLY A 302 15.27 23.29 -0.32
C GLY A 302 14.54 24.55 0.17
N TYR A 303 15.28 25.51 0.73
CA TYR A 303 14.67 26.74 1.28
CA TYR A 303 14.66 26.75 1.28
C TYR A 303 14.81 27.95 0.36
N VAL A 304 15.51 27.78 -0.77
CA VAL A 304 15.70 28.86 -1.76
C VAL A 304 14.46 29.00 -2.64
N GLU A 305 13.54 29.84 -2.18
CA GLU A 305 12.26 29.96 -2.82
C GLU A 305 11.73 31.35 -2.43
N ARG A 306 11.01 31.99 -3.33
CA ARG A 306 10.67 33.41 -3.18
CA ARG A 306 10.69 33.41 -3.16
C ARG A 306 9.84 33.73 -1.93
N GLU A 307 8.79 32.94 -1.67
CA GLU A 307 7.93 33.16 -0.50
C GLU A 307 8.70 32.85 0.79
N SER A 308 9.46 31.75 0.76
CA SER A 308 10.33 31.37 1.85
C SER A 308 11.30 32.51 2.19
N TYR A 309 11.99 33.08 1.21
CA TYR A 309 12.91 34.21 1.45
C TYR A 309 12.16 35.45 2.01
N GLU A 310 11.02 35.76 1.42
CA GLU A 310 10.23 36.89 1.94
C GLU A 310 9.96 36.72 3.44
N MET A 311 9.48 35.54 3.85
CA MET A 311 9.18 35.21 5.26
C MET A 311 10.44 35.18 6.12
N TYR A 312 11.44 34.41 5.68
CA TYR A 312 12.68 34.25 6.44
C TYR A 312 13.41 35.58 6.71
N PHE A 313 13.71 36.33 5.65
CA PHE A 313 14.36 37.65 5.79
C PHE A 313 13.45 38.72 6.40
N GLY A 314 12.17 38.70 6.04
CA GLY A 314 11.23 39.64 6.68
C GLY A 314 11.39 39.57 8.20
N ILE A 315 11.37 38.35 8.74
CA ILE A 315 11.54 38.13 10.17
C ILE A 315 12.91 38.48 10.69
N ALA A 316 13.99 38.05 10.02
CA ALA A 316 15.33 38.42 10.47
C ALA A 316 15.58 39.94 10.48
N PHE A 317 15.03 40.65 9.48
CA PHE A 317 15.13 42.11 9.38
C PHE A 317 14.29 42.82 10.44
N GLN A 318 13.04 42.38 10.59
CA GLN A 318 12.18 42.91 11.67
C GLN A 318 12.79 42.65 13.05
N ASN A 319 13.48 41.52 13.22
CA ASN A 319 14.15 41.23 14.49
C ASN A 319 15.20 42.28 14.85
N ILE A 320 16.00 42.70 13.87
CA ILE A 320 16.97 43.77 14.08
C ILE A 320 16.25 45.06 14.49
N LEU A 321 15.20 45.43 13.75
CA LEU A 321 14.41 46.61 14.09
C LEU A 321 13.79 46.57 15.49
N ASP A 322 13.27 45.41 15.88
CA ASP A 322 12.64 45.22 17.19
C ASP A 322 13.66 45.35 18.31
N ILE A 323 14.87 44.83 18.11
CA ILE A 323 15.92 44.91 19.13
C ILE A 323 16.36 46.36 19.36
N LEU A 324 16.49 47.11 18.28
CA LEU A 324 16.86 48.52 18.37
C LEU A 324 15.82 49.38 19.07
N GLN A 325 14.61 48.86 19.24
CA GLN A 325 13.55 49.54 19.98
C GLN A 325 13.35 48.94 21.38
N GLY A 326 14.24 48.04 21.79
CA GLY A 326 14.14 47.44 23.12
C GLY A 326 13.25 46.21 23.27
N ASN A 327 12.64 45.77 22.17
CA ASN A 327 11.95 44.48 22.17
C ASN A 327 12.97 43.39 21.90
N VAL A 328 13.30 42.63 22.94
CA VAL A 328 14.34 41.60 22.85
C VAL A 328 13.81 40.17 22.90
N ASP A 329 12.53 39.99 22.53
CA ASP A 329 11.90 38.67 22.47
C ASP A 329 12.60 37.66 21.56
N SER A 330 13.23 38.12 20.48
CA SER A 330 13.87 37.21 19.54
C SER A 330 15.28 36.80 19.93
N VAL A 331 15.77 37.31 21.07
CA VAL A 331 17.14 36.99 21.52
C VAL A 331 17.23 35.54 21.98
N ALA A 332 18.13 34.78 21.33
CA ALA A 332 18.38 33.38 21.66
C ALA A 332 19.16 33.26 22.97
N ASN A 333 20.11 34.17 23.17
CA ASN A 333 21.03 34.14 24.31
C ASN A 333 20.85 35.36 25.24
N PRO A 334 19.74 35.44 25.99
CA PRO A 334 19.42 36.72 26.64
C PRO A 334 20.44 37.18 27.69
N THR A 335 21.28 36.27 28.18
CA THR A 335 22.33 36.63 29.15
C THR A 335 23.49 37.42 28.53
N ALA A 336 23.41 37.68 27.21
CA ALA A 336 24.33 38.59 26.54
C ALA A 336 23.89 40.05 26.70
N LEU A 337 22.69 40.25 27.21
CA LEU A 337 22.16 41.60 27.44
C LEU A 337 22.66 42.18 28.76
N ALA A 338 23.12 41.30 29.64
CA ALA A 338 23.68 41.67 30.94
C ALA A 338 24.98 42.48 30.78
N PRO A 339 25.29 43.36 31.77
CA PRO A 339 26.56 44.10 31.75
C PRO A 339 27.78 43.19 31.91
N ALA A 340 28.90 43.58 31.30
CA ALA A 340 30.14 42.80 31.29
C ALA A 340 30.63 42.32 32.67
N LEU A 341 30.23 43.02 33.72
CA LEU A 341 30.53 42.66 35.11
C LEU A 341 29.81 41.39 35.59
N ILE A 342 28.56 41.22 35.15
CA ILE A 342 27.78 40.02 35.48
C ILE A 342 27.98 38.94 34.40
N ARG A 343 28.62 39.31 33.29
CA ARG A 343 28.97 38.38 32.22
C ARG A 343 30.33 37.71 32.43
N SER B 2 18.27 5.96 36.24
CA SER B 2 18.31 4.52 35.82
C SER B 2 17.55 3.63 36.80
N LEU B 3 16.34 3.24 36.39
CA LEU B 3 15.43 2.40 37.19
C LEU B 3 15.52 0.93 36.80
N LYS B 4 15.14 0.07 37.74
CA LYS B 4 14.83 -1.31 37.43
C LYS B 4 13.34 -1.37 37.12
N ILE B 5 13.02 -2.08 36.04
CA ILE B 5 11.67 -2.19 35.51
C ILE B 5 11.30 -3.67 35.42
N ALA B 6 10.07 -4.00 35.85
CA ALA B 6 9.54 -5.32 35.60
C ALA B 6 8.33 -5.29 34.65
N VAL B 7 8.25 -6.30 33.79
CA VAL B 7 7.07 -6.52 32.96
C VAL B 7 6.49 -7.89 33.30
N LEU B 8 5.20 -7.93 33.62
CA LEU B 8 4.55 -9.18 34.02
C LEU B 8 3.75 -9.82 32.91
N ASP B 9 3.50 -11.14 33.05
CA ASP B 9 2.49 -11.84 32.26
C ASP B 9 2.73 -11.96 30.75
N ASP B 10 3.97 -11.97 30.29
CA ASP B 10 4.24 -12.03 28.84
C ASP B 10 4.51 -13.47 28.40
N TYR B 11 3.41 -14.20 28.19
CA TYR B 11 3.40 -15.65 27.95
C TYR B 11 4.34 -16.12 26.85
N GLN B 12 4.35 -15.41 25.73
CA GLN B 12 5.18 -15.83 24.61
C GLN B 12 6.52 -15.12 24.52
N ASP B 13 6.90 -14.44 25.59
CA ASP B 13 8.17 -13.69 25.67
C ASP B 13 8.34 -12.74 24.48
N ALA B 14 7.28 -11.99 24.18
CA ALA B 14 7.23 -11.16 22.98
C ALA B 14 7.82 -9.76 23.19
N VAL B 15 7.66 -9.24 24.41
CA VAL B 15 7.96 -7.83 24.71
C VAL B 15 9.41 -7.46 24.43
N ARG B 16 10.35 -8.33 24.82
CA ARG B 16 11.75 -8.04 24.66
C ARG B 16 12.21 -8.12 23.20
N LYS B 17 11.37 -8.67 22.33
CA LYS B 17 11.71 -8.70 20.91
C LYS B 17 11.13 -7.53 20.14
N LEU B 18 10.30 -6.73 20.80
CA LEU B 18 9.66 -5.58 20.15
C LEU B 18 10.69 -4.52 19.79
N ASP B 19 10.51 -3.91 18.63
CA ASP B 19 11.30 -2.76 18.19
C ASP B 19 11.32 -1.65 19.26
N CYS B 20 10.16 -1.39 19.89
CA CYS B 20 10.07 -0.38 20.95
C CYS B 20 10.80 -0.71 22.27
N PHE B 21 11.18 -1.97 22.47
CA PHE B 21 11.88 -2.36 23.70
C PHE B 21 13.18 -1.54 23.93
N SER B 22 13.83 -1.10 22.86
CA SER B 22 15.05 -0.29 22.97
C SER B 22 14.88 1.08 23.65
N LEU B 23 13.64 1.54 23.81
CA LEU B 23 13.32 2.74 24.59
C LEU B 23 13.80 2.64 26.03
N LEU B 24 13.90 1.41 26.52
CA LEU B 24 14.31 1.15 27.90
C LEU B 24 15.79 0.80 28.03
N GLN B 25 16.58 1.05 26.98
CA GLN B 25 18.01 0.65 26.95
C GLN B 25 18.87 1.17 28.10
N ASP B 26 18.49 2.32 28.69
CA ASP B 26 19.22 2.88 29.82
C ASP B 26 18.83 2.25 31.16
N HIS B 27 17.90 1.28 31.11
CA HIS B 27 17.31 0.71 32.32
C HIS B 27 17.43 -0.81 32.36
N GLU B 28 17.45 -1.34 33.56
CA GLU B 28 17.45 -2.79 33.77
C GLU B 28 16.01 -3.26 33.69
N VAL B 29 15.72 -4.13 32.74
CA VAL B 29 14.35 -4.63 32.54
C VAL B 29 14.28 -6.13 32.77
N LYS B 30 13.31 -6.55 33.57
CA LYS B 30 13.01 -7.97 33.75
C LYS B 30 11.59 -8.28 33.26
N VAL B 31 11.47 -9.29 32.40
CA VAL B 31 10.16 -9.69 31.85
C VAL B 31 9.82 -11.11 32.29
N PHE B 32 8.65 -11.29 32.90
CA PHE B 32 8.15 -12.62 33.28
C PHE B 32 7.17 -13.19 32.24
N ASN B 33 7.23 -14.51 32.07
CA ASN B 33 6.55 -15.18 30.97
C ASN B 33 5.43 -16.09 31.39
N ASN B 34 4.96 -15.93 32.61
CA ASN B 34 3.77 -16.62 33.08
C ASN B 34 3.07 -15.77 34.12
N THR B 35 1.89 -16.20 34.55
CA THR B 35 1.10 -15.42 35.47
C THR B 35 1.14 -16.13 36.82
N VAL B 36 1.33 -15.35 37.88
CA VAL B 36 1.16 -15.80 39.26
C VAL B 36 0.10 -14.92 39.92
N LYS B 37 -0.74 -15.51 40.77
CA LYS B 37 -1.83 -14.74 41.36
CA LYS B 37 -1.87 -14.79 41.36
C LYS B 37 -1.67 -14.54 42.86
N GLY B 38 -0.79 -15.32 43.48
CA GLY B 38 -0.51 -15.20 44.92
C GLY B 38 0.18 -13.87 45.18
N VAL B 39 -0.30 -13.14 46.18
CA VAL B 39 0.27 -11.84 46.58
C VAL B 39 1.80 -11.95 46.83
N GLY B 40 2.23 -13.06 47.41
CA GLY B 40 3.64 -13.27 47.70
C GLY B 40 4.47 -13.62 46.49
N GLN B 41 3.85 -14.35 45.56
CA GLN B 41 4.45 -14.64 44.26
C GLN B 41 4.67 -13.36 43.47
N LEU B 42 3.67 -12.48 43.48
CA LEU B 42 3.75 -11.21 42.76
C LEU B 42 4.75 -10.25 43.40
N ALA B 43 4.74 -10.20 44.74
CA ALA B 43 5.65 -9.35 45.49
C ALA B 43 7.08 -9.79 45.26
N ALA B 44 7.30 -11.10 45.18
CA ALA B 44 8.65 -11.66 44.87
C ALA B 44 9.17 -11.21 43.49
N ARG B 45 8.26 -10.96 42.55
CA ARG B 45 8.65 -10.56 41.20
C ARG B 45 8.84 -9.07 41.06
N VAL B 46 8.10 -8.30 41.87
CA VAL B 46 8.06 -6.85 41.73
C VAL B 46 8.94 -6.11 42.76
N ALA B 47 9.33 -6.79 43.85
CA ALA B 47 9.94 -6.07 45.00
C ALA B 47 11.19 -5.26 44.68
N ASP B 48 11.93 -5.74 43.70
CA ASP B 48 13.23 -5.19 43.29
C ASP B 48 13.14 -3.93 42.39
N VAL B 49 11.93 -3.54 41.97
CA VAL B 49 11.80 -2.53 40.90
C VAL B 49 11.13 -1.21 41.29
N GLU B 50 11.43 -0.16 40.53
CA GLU B 50 10.82 1.14 40.76
C GLU B 50 9.66 1.38 39.78
N ALA B 51 9.70 0.67 38.66
CA ALA B 51 8.69 0.80 37.60
C ALA B 51 8.15 -0.57 37.21
N LEU B 52 6.83 -0.69 37.25
CA LEU B 52 6.16 -1.90 36.89
C LEU B 52 5.35 -1.63 35.60
N VAL B 53 5.52 -2.48 34.59
CA VAL B 53 4.71 -2.39 33.38
C VAL B 53 3.66 -3.52 33.35
N LEU B 54 2.39 -3.13 33.28
CA LEU B 54 1.29 -4.09 33.21
C LEU B 54 0.76 -4.26 31.78
N ILE B 55 0.46 -5.52 31.42
CA ILE B 55 -0.12 -5.83 30.13
CA ILE B 55 -0.12 -5.84 30.11
C ILE B 55 -1.63 -5.92 30.33
N ARG B 56 -2.32 -4.86 29.94
CA ARG B 56 -3.78 -4.80 30.10
CA ARG B 56 -3.78 -4.74 30.12
C ARG B 56 -4.19 -5.25 31.50
N GLU B 57 -5.20 -6.13 31.60
CA GLU B 57 -5.71 -6.56 32.90
C GLU B 57 -5.23 -7.93 33.37
N ARG B 58 -4.09 -8.39 32.85
CA ARG B 58 -3.54 -9.69 33.20
C ARG B 58 -3.23 -9.91 34.69
N THR B 59 -2.71 -8.87 35.36
CA THR B 59 -2.46 -8.83 36.82
C THR B 59 -3.27 -7.72 37.50
N ARG B 60 -3.83 -8.04 38.65
CA ARG B 60 -4.58 -7.11 39.49
C ARG B 60 -3.64 -6.53 40.56
N VAL B 61 -3.71 -5.21 40.76
CA VAL B 61 -2.87 -4.52 41.76
C VAL B 61 -3.74 -4.11 42.95
N THR B 62 -3.58 -4.83 44.06
CA THR B 62 -4.36 -4.57 45.27
C THR B 62 -3.56 -3.74 46.29
N ARG B 63 -4.24 -3.25 47.33
CA ARG B 63 -3.57 -2.63 48.47
C ARG B 63 -2.57 -3.59 49.13
N GLN B 64 -2.99 -4.84 49.34
CA GLN B 64 -2.17 -5.88 49.97
C GLN B 64 -0.85 -6.10 49.22
N LEU B 65 -0.91 -6.15 47.89
CA LEU B 65 0.30 -6.20 47.09
C LEU B 65 1.18 -4.94 47.25
N LEU B 66 0.55 -3.76 47.23
CA LEU B 66 1.28 -2.50 47.34
C LEU B 66 2.00 -2.34 48.67
N ASP B 67 1.37 -2.84 49.74
CA ASP B 67 1.96 -2.84 51.09
C ASP B 67 3.32 -3.54 51.10
N ARG B 68 3.52 -4.43 50.13
CA ARG B 68 4.74 -5.23 50.06
C ARG B 68 5.76 -4.67 49.11
N LEU B 69 5.48 -3.50 48.53
CA LEU B 69 6.36 -2.95 47.48
C LEU B 69 6.89 -1.55 47.78
N PRO B 70 7.76 -1.44 48.82
CA PRO B 70 8.15 -0.07 49.22
C PRO B 70 9.05 0.68 48.22
N LYS B 71 9.70 -0.03 47.30
CA LYS B 71 10.53 0.61 46.25
CA LYS B 71 10.53 0.62 46.28
C LYS B 71 9.69 1.15 45.10
N LEU B 72 8.44 0.68 44.96
CA LEU B 72 7.67 1.01 43.75
C LEU B 72 7.26 2.47 43.67
N LYS B 73 7.54 3.10 42.53
CA LYS B 73 7.15 4.50 42.34
CA LYS B 73 7.27 4.54 42.26
C LYS B 73 6.31 4.75 41.08
N ILE B 74 6.38 3.84 40.10
CA ILE B 74 5.65 3.97 38.84
C ILE B 74 4.95 2.67 38.45
N ILE B 75 3.66 2.76 38.14
CA ILE B 75 3.01 1.70 37.36
C ILE B 75 2.67 2.24 35.97
N SER B 76 3.22 1.63 34.93
CA SER B 76 2.90 2.07 33.56
C SER B 76 1.93 1.07 32.93
N GLN B 77 0.71 1.54 32.67
CA GLN B 77 -0.33 0.70 32.11
C GLN B 77 -0.36 0.78 30.58
N THR B 78 -0.29 -0.38 29.91
CA THR B 78 -0.65 -0.46 28.48
C THR B 78 -2.17 -0.33 28.32
N GLY B 79 -2.60 0.59 27.47
CA GLY B 79 -4.01 0.87 27.30
C GLY B 79 -4.56 1.72 28.41
N ARG B 80 -5.89 1.80 28.44
CA ARG B 80 -6.63 2.63 29.38
C ARG B 80 -6.54 2.15 30.83
N VAL B 81 -6.74 3.11 31.74
CA VAL B 81 -6.82 2.88 33.17
C VAL B 81 -8.29 3.11 33.54
N SER B 82 -8.96 2.05 34.01
CA SER B 82 -10.35 2.14 34.40
C SER B 82 -10.51 2.85 35.75
N ARG B 83 -11.34 3.90 35.76
CA ARG B 83 -11.65 4.65 36.98
CA ARG B 83 -11.65 4.65 36.97
C ARG B 83 -12.76 3.96 37.77
N ASP B 84 -13.53 3.13 37.07
CA ASP B 84 -14.61 2.31 37.63
C ASP B 84 -14.10 1.48 38.81
N ALA B 85 -14.93 1.32 39.83
CA ALA B 85 -14.56 0.65 41.09
C ALA B 85 -14.12 -0.81 40.96
N GLY B 86 -14.32 -1.42 39.79
CA GLY B 86 -13.87 -2.77 39.52
C GLY B 86 -12.58 -2.84 38.69
N GLY B 87 -11.90 -1.70 38.58
CA GLY B 87 -10.64 -1.59 37.84
C GLY B 87 -9.55 -2.42 38.49
N HIS B 88 -8.69 -3.01 37.68
CA HIS B 88 -7.68 -3.95 38.16
C HIS B 88 -6.54 -3.30 38.97
N ILE B 89 -6.42 -1.98 38.91
CA ILE B 89 -5.49 -1.26 39.76
C ILE B 89 -6.25 -0.47 40.83
N ASP B 90 -5.88 -0.67 42.11
CA ASP B 90 -6.42 0.12 43.22
C ASP B 90 -5.74 1.50 43.22
N LEU B 91 -6.37 2.45 42.52
CA LEU B 91 -5.82 3.78 42.32
C LEU B 91 -5.68 4.62 43.60
N GLU B 92 -6.67 4.50 44.49
CA GLU B 92 -6.66 5.15 45.81
C GLU B 92 -5.44 4.74 46.60
N ALA B 93 -5.21 3.42 46.61
CA ALA B 93 -4.09 2.80 47.31
C ALA B 93 -2.75 3.22 46.73
N CYS B 94 -2.68 3.33 45.39
CA CYS B 94 -1.50 3.86 44.71
C CYS B 94 -1.18 5.30 45.11
N THR B 95 -2.20 6.16 45.08
CA THR B 95 -2.07 7.56 45.53
C THR B 95 -1.53 7.67 46.97
N ASP B 96 -2.14 6.93 47.90
CA ASP B 96 -1.66 6.81 49.28
C ASP B 96 -0.18 6.43 49.39
N LYS B 97 0.27 5.47 48.58
CA LYS B 97 1.67 5.05 48.56
C LYS B 97 2.57 6.04 47.83
N GLY B 98 1.99 7.02 47.17
CA GLY B 98 2.74 7.91 46.29
C GLY B 98 3.18 7.25 44.98
N VAL B 99 2.47 6.21 44.54
CA VAL B 99 2.75 5.53 43.26
C VAL B 99 1.92 6.18 42.14
N VAL B 100 2.60 6.63 41.10
CA VAL B 100 1.92 7.18 39.91
C VAL B 100 1.53 6.07 38.93
N VAL B 101 0.27 6.10 38.51
CA VAL B 101 -0.23 5.17 37.49
C VAL B 101 -0.28 5.92 36.16
N LEU B 102 0.45 5.40 35.18
CA LEU B 102 0.54 6.03 33.86
C LEU B 102 -0.41 5.34 32.90
N GLU B 103 -1.16 6.14 32.15
CA GLU B 103 -2.19 5.67 31.26
C GLU B 103 -1.68 5.71 29.83
N GLY B 104 -1.87 4.61 29.10
CA GLY B 104 -1.55 4.60 27.70
C GLY B 104 -2.78 4.74 26.83
N LYS B 105 -2.64 4.31 25.59
CA LYS B 105 -3.67 4.44 24.57
C LYS B 105 -3.78 3.09 23.87
N GLY B 106 -5.02 2.69 23.60
CA GLY B 106 -5.32 1.47 22.90
C GLY B 106 -5.73 1.67 21.44
N SER B 107 -5.98 0.57 20.73
CA SER B 107 -6.38 0.62 19.32
C SER B 107 -7.47 -0.43 19.08
N PRO B 108 -8.50 -0.08 18.27
CA PRO B 108 -9.61 -1.01 18.05
C PRO B 108 -9.34 -2.08 17.00
N VAL B 109 -8.26 -1.93 16.24
CA VAL B 109 -8.03 -2.69 15.01
C VAL B 109 -7.76 -4.19 15.23
N ALA B 110 -6.71 -4.50 15.98
CA ALA B 110 -6.38 -5.90 16.26
C ALA B 110 -7.54 -6.69 16.88
N PRO B 111 -8.21 -6.14 17.92
CA PRO B 111 -9.40 -6.87 18.42
C PRO B 111 -10.60 -6.96 17.47
N ALA B 112 -10.79 -5.97 16.60
CA ALA B 112 -11.83 -6.06 15.56
C ALA B 112 -11.47 -7.17 14.56
N GLU B 113 -10.21 -7.23 14.15
CA GLU B 113 -9.78 -8.27 13.25
C GLU B 113 -9.87 -9.65 13.91
N LEU B 114 -9.52 -9.75 15.19
CA LEU B 114 -9.61 -11.03 15.92
C LEU B 114 -11.04 -11.50 15.98
N THR B 115 -11.94 -10.56 16.27
CA THR B 115 -13.35 -10.87 16.30
C THR B 115 -13.79 -11.48 14.98
N TRP B 116 -13.39 -10.85 13.87
CA TRP B 116 -13.77 -11.37 12.58
C TRP B 116 -13.17 -12.75 12.31
N ALA B 117 -11.87 -12.90 12.59
CA ALA B 117 -11.21 -14.19 12.51
C ALA B 117 -12.05 -15.27 13.24
N LEU B 118 -12.54 -14.93 14.43
CA LEU B 118 -13.36 -15.84 15.23
C LEU B 118 -14.73 -16.16 14.60
N VAL B 119 -15.39 -15.14 14.07
CA VAL B 119 -16.65 -15.33 13.33
C VAL B 119 -16.44 -16.29 12.15
N MET B 120 -15.38 -16.09 11.39
CA MET B 120 -15.17 -16.87 10.19
C MET B 120 -14.68 -18.29 10.53
N ALA B 121 -13.83 -18.42 11.55
CA ALA B 121 -13.37 -19.73 12.05
C ALA B 121 -14.52 -20.59 12.56
N ALA B 122 -15.46 -19.96 13.26
CA ALA B 122 -16.56 -20.66 13.84
C ALA B 122 -17.53 -21.11 12.75
N GLN B 123 -17.91 -20.14 11.91
CA GLN B 123 -18.90 -20.39 10.87
C GLN B 123 -18.46 -21.45 9.86
N ARG B 124 -17.16 -21.50 9.56
CA ARG B 124 -16.62 -22.53 8.69
C ARG B 124 -16.03 -23.74 9.44
N ARG B 125 -16.20 -23.75 10.76
CA ARG B 125 -15.77 -24.85 11.66
C ARG B 125 -14.31 -25.22 11.46
N ILE B 126 -13.48 -24.20 11.24
CA ILE B 126 -12.07 -24.40 10.94
C ILE B 126 -11.30 -25.17 12.04
N PRO B 127 -11.39 -24.75 13.34
CA PRO B 127 -10.58 -25.51 14.30
C PRO B 127 -10.99 -27.00 14.39
N GLN B 128 -12.29 -27.27 14.34
CA GLN B 128 -12.85 -28.64 14.32
C GLN B 128 -12.35 -29.48 13.14
N TYR B 129 -12.39 -28.90 11.93
CA TYR B 129 -11.93 -29.59 10.71
C TYR B 129 -10.43 -29.81 10.73
N VAL B 130 -9.69 -28.81 11.20
CA VAL B 130 -8.23 -28.86 11.24
C VAL B 130 -7.74 -29.93 12.23
N ALA B 131 -8.38 -29.98 13.40
CA ALA B 131 -8.05 -30.93 14.47
C ALA B 131 -8.33 -32.37 14.02
N SER B 132 -9.53 -32.61 13.49
CA SER B 132 -9.90 -33.92 12.94
C SER B 132 -8.95 -34.42 11.86
N LEU B 133 -8.57 -33.52 10.96
CA LEU B 133 -7.66 -33.86 9.89
C LEU B 133 -6.31 -34.36 10.39
N LYS B 134 -5.76 -33.66 11.38
CA LYS B 134 -4.49 -34.05 12.03
C LYS B 134 -4.62 -35.41 12.70
N HIS B 135 -5.85 -35.77 13.09
CA HIS B 135 -6.15 -37.11 13.62
C HIS B 135 -6.56 -38.13 12.54
N GLY B 136 -6.33 -37.79 11.27
CA GLY B 136 -6.57 -38.70 10.15
C GLY B 136 -8.01 -38.83 9.67
N ALA B 137 -8.86 -37.93 10.14
CA ALA B 137 -10.27 -37.94 9.73
C ALA B 137 -10.50 -36.87 8.67
N TRP B 138 -10.83 -37.29 7.45
CA TRP B 138 -10.97 -36.35 6.34
C TRP B 138 -12.36 -35.73 6.39
N GLN B 139 -12.41 -34.40 6.50
CA GLN B 139 -13.64 -33.63 6.34
C GLN B 139 -14.69 -34.02 7.35
N GLN B 140 -14.28 -33.99 8.62
CA GLN B 140 -15.14 -34.30 9.74
C GLN B 140 -14.98 -33.16 10.74
N SER B 141 -16.07 -32.62 11.22
CA SER B 141 -16.01 -31.50 12.16
C SER B 141 -16.74 -31.81 13.46
N GLY B 142 -17.25 -33.04 13.58
CA GLY B 142 -18.08 -33.44 14.71
C GLY B 142 -19.41 -32.74 14.60
N LEU B 143 -19.97 -32.34 15.75
CA LEU B 143 -21.20 -31.53 15.81
C LEU B 143 -22.44 -32.25 15.26
N LYS B 144 -22.43 -33.58 15.38
CA LYS B 144 -23.50 -34.39 14.81
C LYS B 144 -24.37 -35.07 15.90
N SER B 145 -24.55 -34.37 17.01
CA SER B 145 -25.51 -34.78 18.03
C SER B 145 -26.95 -34.60 17.53
N THR B 146 -27.87 -35.38 18.09
CA THR B 146 -29.30 -35.30 17.74
C THR B 146 -29.95 -34.05 18.35
N THR B 147 -29.27 -33.46 19.33
CA THR B 147 -29.70 -32.21 19.96
C THR B 147 -29.44 -30.99 19.06
N MET B 148 -28.55 -31.15 18.08
CA MET B 148 -28.14 -30.07 17.17
C MET B 148 -29.00 -30.06 15.89
N PRO B 149 -29.15 -28.89 15.23
CA PRO B 149 -29.77 -28.79 13.90
C PRO B 149 -29.16 -29.69 12.81
N PRO B 150 -29.95 -30.02 11.76
CA PRO B 150 -29.46 -30.81 10.62
C PRO B 150 -28.31 -30.15 9.86
N ASN B 151 -27.28 -30.95 9.58
CA ASN B 151 -26.03 -30.49 8.94
C ASN B 151 -25.32 -29.33 9.63
N PHE B 152 -25.37 -29.30 10.97
CA PHE B 152 -24.74 -28.21 11.72
C PHE B 152 -23.21 -28.31 11.67
N GLY B 153 -22.69 -29.52 11.39
CA GLY B 153 -21.24 -29.74 11.25
C GLY B 153 -20.63 -29.11 10.02
N ILE B 154 -21.47 -28.76 9.07
CA ILE B 154 -21.06 -28.18 7.79
C ILE B 154 -21.02 -26.64 7.89
N GLY B 155 -20.08 -26.03 7.17
CA GLY B 155 -19.89 -24.58 7.18
C GLY B 155 -21.09 -23.76 6.72
N ARG B 156 -21.06 -22.47 7.07
CA ARG B 156 -22.15 -21.52 6.75
C ARG B 156 -21.59 -20.29 6.09
N VAL B 157 -22.29 -19.83 5.06
CA VAL B 157 -21.88 -18.63 4.33
C VAL B 157 -22.25 -17.39 5.15
N LEU B 158 -21.47 -16.32 5.01
CA LEU B 158 -21.76 -15.04 5.65
C LEU B 158 -22.81 -14.23 4.87
N LYS B 159 -22.54 -14.01 3.57
CA LYS B 159 -23.43 -13.24 2.67
C LYS B 159 -24.94 -13.50 2.86
N GLY B 160 -25.70 -12.42 3.03
CA GLY B 160 -27.15 -12.50 3.21
C GLY B 160 -27.61 -12.89 4.60
N GLN B 161 -26.68 -13.23 5.48
CA GLN B 161 -27.00 -13.52 6.88
C GLN B 161 -26.92 -12.22 7.72
N THR B 162 -27.58 -12.23 8.87
CA THR B 162 -27.67 -11.06 9.73
C THR B 162 -26.61 -11.02 10.83
N LEU B 163 -25.70 -10.05 10.72
CA LEU B 163 -24.73 -9.73 11.78
C LEU B 163 -25.35 -8.77 12.78
N GLY B 164 -25.57 -9.24 14.00
CA GLY B 164 -25.99 -8.40 15.11
C GLY B 164 -24.77 -7.85 15.83
N ILE B 165 -24.80 -6.56 16.15
CA ILE B 165 -23.73 -5.92 16.92
C ILE B 165 -24.31 -5.29 18.19
N PHE B 166 -23.85 -5.80 19.34
CA PHE B 166 -24.24 -5.26 20.63
C PHE B 166 -23.10 -4.38 21.16
N GLY B 167 -23.23 -3.08 20.88
CA GLY B 167 -22.24 -2.07 21.24
C GLY B 167 -21.57 -1.50 20.01
N TYR B 168 -21.91 -0.25 19.68
CA TYR B 168 -21.35 0.39 18.51
C TYR B 168 -20.26 1.42 18.86
N GLY B 169 -19.24 0.96 19.59
CA GLY B 169 -18.06 1.76 19.85
C GLY B 169 -17.07 1.59 18.73
N LYS B 170 -15.79 1.84 19.00
CA LYS B 170 -14.75 1.78 17.97
C LYS B 170 -14.54 0.36 17.40
N ILE B 171 -14.59 -0.65 18.26
CA ILE B 171 -14.47 -2.05 17.80
C ILE B 171 -15.72 -2.51 17.01
N GLY B 172 -16.89 -2.39 17.64
CA GLY B 172 -18.17 -2.70 16.99
C GLY B 172 -18.36 -2.05 15.63
N GLN B 173 -17.93 -0.78 15.52
CA GLN B 173 -17.95 -0.04 14.26
C GLN B 173 -17.16 -0.73 13.17
N LEU B 174 -15.94 -1.17 13.50
CA LEU B 174 -15.08 -1.81 12.50
C LEU B 174 -15.67 -3.17 12.08
N VAL B 175 -16.16 -3.92 13.06
CA VAL B 175 -16.72 -5.25 12.84
C VAL B 175 -17.98 -5.19 11.95
N ALA B 176 -18.83 -4.19 12.16
CA ALA B 176 -19.98 -3.96 11.30
C ALA B 176 -19.56 -3.61 9.86
N GLY B 177 -18.43 -2.94 9.70
CA GLY B 177 -17.86 -2.64 8.40
C GLY B 177 -17.31 -3.85 7.66
N TYR B 178 -16.81 -4.83 8.41
CA TYR B 178 -16.38 -6.12 7.85
C TYR B 178 -17.59 -6.91 7.39
N GLY B 179 -18.65 -6.92 8.20
CA GLY B 179 -19.90 -7.54 7.81
C GLY B 179 -20.35 -7.04 6.44
N ARG B 180 -20.31 -5.71 6.29
CA ARG B 180 -20.74 -5.06 5.06
CA ARG B 180 -20.72 -5.02 5.06
C ARG B 180 -19.93 -5.53 3.86
N ALA B 181 -18.62 -5.61 4.03
CA ALA B 181 -17.74 -6.08 2.95
C ALA B 181 -17.99 -7.55 2.55
N PHE B 182 -18.63 -8.31 3.45
CA PHE B 182 -19.00 -9.72 3.26
C PHE B 182 -20.47 -9.92 2.86
N GLY B 183 -21.19 -8.81 2.73
CA GLY B 183 -22.54 -8.81 2.20
C GLY B 183 -23.57 -9.28 3.20
N MET B 184 -23.31 -9.07 4.48
CA MET B 184 -24.25 -9.43 5.54
C MET B 184 -25.23 -8.27 5.72
N ASN B 185 -26.34 -8.51 6.41
CA ASN B 185 -27.25 -7.44 6.79
C ASN B 185 -26.97 -7.08 8.26
N VAL B 186 -26.40 -5.90 8.49
CA VAL B 186 -26.04 -5.51 9.86
C VAL B 186 -27.23 -4.98 10.64
N LEU B 187 -27.42 -5.53 11.83
CA LEU B 187 -28.24 -4.94 12.86
C LEU B 187 -27.31 -4.41 13.94
N VAL B 188 -27.63 -3.25 14.50
CA VAL B 188 -26.88 -2.70 15.64
C VAL B 188 -27.83 -2.39 16.79
N TRP B 189 -27.41 -2.72 18.01
CA TRP B 189 -28.12 -2.29 19.21
C TRP B 189 -27.12 -1.80 20.26
N GLY B 190 -27.57 -0.88 21.11
CA GLY B 190 -26.78 -0.37 22.24
C GLY B 190 -27.52 0.70 23.00
N ARG B 191 -26.83 1.69 23.51
CA ARG B 191 -27.56 2.78 24.10
C ARG B 191 -27.63 3.84 23.03
N GLU B 192 -28.18 4.99 23.37
CA GLU B 192 -28.60 5.98 22.37
C GLU B 192 -27.48 6.41 21.42
N ASN B 193 -26.29 6.61 21.99
CA ASN B 193 -25.10 7.02 21.25
C ASN B 193 -24.66 5.99 20.21
N SER B 194 -24.81 4.71 20.54
CA SER B 194 -24.49 3.60 19.63
C SER B 194 -25.43 3.62 18.42
N LYS B 195 -26.72 3.78 18.68
CA LYS B 195 -27.75 3.78 17.63
C LYS B 195 -27.60 4.92 16.60
N GLU B 196 -27.18 6.09 17.10
CA GLU B 196 -26.95 7.29 16.28
C GLU B 196 -25.79 7.15 15.30
N ARG B 197 -24.66 6.64 15.78
CA ARG B 197 -23.47 6.43 14.95
C ARG B 197 -23.73 5.33 13.92
N ALA B 198 -24.44 4.29 14.36
CA ALA B 198 -24.92 3.21 13.49
C ALA B 198 -25.70 3.74 12.28
N ARG B 199 -26.82 4.42 12.58
CA ARG B 199 -27.69 5.05 11.58
C ARG B 199 -26.92 5.91 10.57
N ALA B 200 -26.02 6.76 11.08
CA ALA B 200 -25.27 7.70 10.26
C ALA B 200 -24.22 7.00 9.37
N ASP B 201 -23.83 5.80 9.75
CA ASP B 201 -22.90 5.00 8.93
C ASP B 201 -23.62 4.19 7.86
N GLY B 202 -24.95 4.16 7.94
CA GLY B 202 -25.80 3.54 6.95
C GLY B 202 -26.31 2.18 7.39
N PHE B 203 -26.24 1.93 8.70
CA PHE B 203 -26.59 0.62 9.25
C PHE B 203 -27.95 0.64 9.90
N ALA B 204 -28.67 -0.46 9.75
CA ALA B 204 -29.94 -0.70 10.42
C ALA B 204 -29.73 -0.88 11.91
N VAL B 205 -30.71 -0.42 12.69
CA VAL B 205 -30.69 -0.61 14.14
C VAL B 205 -31.92 -1.44 14.57
N ALA B 206 -31.72 -2.28 15.58
CA ALA B 206 -32.80 -3.14 16.09
C ALA B 206 -33.84 -2.35 16.83
N GLU B 207 -35.05 -2.90 16.90
CA GLU B 207 -36.14 -2.25 17.62
C GLU B 207 -36.01 -2.48 19.13
N SER B 208 -35.24 -3.51 19.49
CA SER B 208 -34.89 -3.76 20.90
C SER B 208 -33.67 -4.68 21.02
N LYS B 209 -33.21 -4.84 22.25
CA LYS B 209 -32.19 -5.80 22.63
C LYS B 209 -32.60 -7.23 22.27
N ASP B 210 -33.82 -7.59 22.67
CA ASP B 210 -34.43 -8.88 22.38
C ASP B 210 -34.57 -9.12 20.87
N ALA B 211 -34.97 -8.10 20.13
CA ALA B 211 -34.99 -8.16 18.67
C ALA B 211 -33.63 -8.52 18.05
N LEU B 212 -32.55 -7.99 18.63
CA LEU B 212 -31.20 -8.23 18.11
C LEU B 212 -30.79 -9.69 18.34
N PHE B 213 -31.07 -10.21 19.53
CA PHE B 213 -30.75 -11.60 19.85
C PHE B 213 -31.54 -12.61 19.00
N GLU B 214 -32.81 -12.30 18.75
CA GLU B 214 -33.73 -13.12 17.95
C GLU B 214 -33.41 -13.21 16.47
N GLN B 215 -32.90 -12.12 15.90
CA GLN B 215 -32.72 -12.01 14.45
C GLN B 215 -31.29 -12.22 13.97
N SER B 216 -30.36 -12.32 14.92
CA SER B 216 -28.95 -12.50 14.58
C SER B 216 -28.65 -13.92 14.18
N ASP B 217 -27.95 -14.06 13.07
CA ASP B 217 -27.29 -15.32 12.68
C ASP B 217 -25.89 -15.36 13.31
N VAL B 218 -25.21 -14.22 13.34
CA VAL B 218 -24.00 -14.02 14.14
C VAL B 218 -24.19 -12.79 15.03
N LEU B 219 -24.18 -12.97 16.36
CA LEU B 219 -24.21 -11.84 17.31
C LEU B 219 -22.88 -11.67 18.01
N SER B 220 -22.30 -10.49 17.87
CA SER B 220 -21.03 -10.16 18.49
C SER B 220 -21.21 -8.97 19.43
N VAL B 221 -20.76 -9.15 20.68
CA VAL B 221 -20.88 -8.11 21.72
C VAL B 221 -19.61 -7.29 21.84
N HIS B 222 -19.77 -5.96 21.80
CA HIS B 222 -18.66 -5.02 21.86
C HIS B 222 -18.91 -3.89 22.86
N LEU B 223 -19.07 -4.28 24.11
CA LEU B 223 -19.39 -3.37 25.20
C LEU B 223 -18.26 -3.28 26.19
N ARG B 224 -18.11 -2.11 26.82
CA ARG B 224 -17.20 -1.98 27.96
C ARG B 224 -17.93 -2.47 29.20
N LEU B 225 -17.21 -3.18 30.07
CA LEU B 225 -17.79 -3.69 31.31
C LEU B 225 -17.81 -2.59 32.36
N ASN B 226 -19.00 -2.32 32.88
CA ASN B 226 -19.16 -1.41 34.00
C ASN B 226 -20.28 -1.92 34.87
N ASP B 227 -20.93 -1.02 35.62
CA ASP B 227 -22.00 -1.43 36.52
C ASP B 227 -23.32 -1.61 35.76
N GLU B 228 -23.49 -0.84 34.69
CA GLU B 228 -24.66 -0.93 33.83
C GLU B 228 -24.68 -2.18 32.94
N THR B 229 -23.50 -2.61 32.49
CA THR B 229 -23.41 -3.69 31.50
C THR B 229 -23.04 -5.03 32.13
N ARG B 230 -22.72 -5.01 33.42
CA ARG B 230 -22.46 -6.24 34.16
C ARG B 230 -23.72 -7.10 34.14
N SER B 231 -23.56 -8.32 33.63
CA SER B 231 -24.67 -9.28 33.42
C SER B 231 -25.82 -8.75 32.55
N ILE B 232 -25.49 -7.90 31.57
CA ILE B 232 -26.51 -7.35 30.66
C ILE B 232 -27.05 -8.41 29.68
N ILE B 233 -26.33 -9.51 29.53
CA ILE B 233 -26.81 -10.65 28.76
C ILE B 233 -27.21 -11.75 29.73
N THR B 234 -28.49 -12.12 29.72
CA THR B 234 -28.97 -13.22 30.56
C THR B 234 -29.10 -14.51 29.75
N VAL B 235 -29.42 -15.62 30.43
CA VAL B 235 -29.74 -16.89 29.78
C VAL B 235 -30.91 -16.70 28.81
N ALA B 236 -31.96 -16.01 29.29
CA ALA B 236 -33.15 -15.70 28.49
C ALA B 236 -32.88 -14.92 27.20
N ASP B 237 -31.86 -14.05 27.22
CA ASP B 237 -31.40 -13.36 26.00
C ASP B 237 -30.76 -14.32 25.02
N LEU B 238 -29.89 -15.17 25.54
CA LEU B 238 -29.16 -16.16 24.74
C LEU B 238 -30.09 -17.25 24.19
N THR B 239 -31.09 -17.65 24.97
CA THR B 239 -32.02 -18.71 24.53
C THR B 239 -33.06 -18.23 23.51
N ARG B 240 -33.06 -16.94 23.20
CA ARG B 240 -33.87 -16.38 22.13
C ARG B 240 -33.14 -16.45 20.79
N MET B 241 -31.84 -16.74 20.84
CA MET B 241 -31.04 -16.84 19.61
C MET B 241 -31.44 -18.10 18.84
N LYS B 242 -31.30 -18.05 17.53
CA LYS B 242 -31.60 -19.18 16.66
C LYS B 242 -30.73 -20.38 17.07
N PRO B 243 -31.27 -21.61 17.01
CA PRO B 243 -30.47 -22.80 17.31
C PRO B 243 -29.31 -23.00 16.32
N THR B 244 -29.33 -22.25 15.24
CA THR B 244 -28.25 -22.21 14.26
C THR B 244 -27.29 -21.02 14.45
N ALA B 245 -27.63 -20.10 15.35
CA ALA B 245 -26.89 -18.83 15.53
C ALA B 245 -25.55 -18.98 16.28
N LEU B 246 -24.62 -18.07 15.95
CA LEU B 246 -23.31 -17.99 16.62
C LEU B 246 -23.24 -16.76 17.53
N PHE B 247 -22.90 -16.98 18.79
CA PHE B 247 -22.60 -15.90 19.76
C PHE B 247 -21.10 -15.69 19.92
N VAL B 248 -20.64 -14.47 19.70
CA VAL B 248 -19.22 -14.14 19.81
C VAL B 248 -19.01 -13.13 20.96
N ASN B 249 -18.03 -13.38 21.82
CA ASN B 249 -17.67 -12.43 22.89
C ASN B 249 -16.18 -12.30 23.00
N THR B 250 -15.67 -11.20 22.46
CA THR B 250 -14.25 -10.85 22.57
C THR B 250 -14.06 -9.73 23.56
N SER B 251 -15.13 -9.29 24.21
CA SER B 251 -15.06 -8.14 25.13
C SER B 251 -14.64 -8.51 26.56
N ARG B 252 -15.63 -8.84 27.38
CA ARG B 252 -15.43 -9.24 28.77
CA ARG B 252 -15.42 -9.26 28.76
C ARG B 252 -16.43 -10.34 29.07
N ALA B 253 -16.03 -11.35 29.84
CA ALA B 253 -16.92 -12.46 30.17
C ALA B 253 -18.06 -12.06 31.08
N GLU B 254 -17.82 -11.05 31.91
CA GLU B 254 -18.73 -10.65 32.98
C GLU B 254 -19.95 -9.89 32.46
N LEU B 255 -19.93 -9.59 31.16
CA LEU B 255 -21.09 -9.05 30.45
C LEU B 255 -22.27 -10.03 30.41
N VAL B 256 -21.98 -11.33 30.47
CA VAL B 256 -22.98 -12.38 30.53
C VAL B 256 -23.06 -12.86 31.98
N GLU B 257 -24.27 -13.14 32.48
CA GLU B 257 -24.43 -13.65 33.85
C GLU B 257 -23.69 -14.98 34.05
N GLU B 258 -23.28 -15.24 35.28
CA GLU B 258 -22.46 -16.40 35.61
C GLU B 258 -23.17 -17.70 35.23
N ASN B 259 -22.41 -18.59 34.58
CA ASN B 259 -22.90 -19.87 34.03
C ASN B 259 -24.00 -19.77 32.97
N GLY B 260 -24.31 -18.56 32.52
CA GLY B 260 -25.37 -18.31 31.55
C GLY B 260 -25.05 -18.86 30.17
N MET B 261 -23.78 -18.74 29.79
CA MET B 261 -23.29 -19.24 28.53
C MET B 261 -23.33 -20.77 28.41
N VAL B 262 -22.86 -21.44 29.46
CA VAL B 262 -22.87 -22.90 29.57
C VAL B 262 -24.30 -23.45 29.57
N THR B 263 -25.18 -22.81 30.34
CA THR B 263 -26.60 -23.16 30.41
C THR B 263 -27.24 -23.14 29.02
N ALA B 264 -27.10 -22.00 28.33
CA ALA B 264 -27.70 -21.73 27.01
C ALA B 264 -27.25 -22.69 25.90
N LEU B 265 -25.94 -22.88 25.76
CA LEU B 265 -25.38 -23.83 24.80
C LEU B 265 -25.86 -25.27 25.02
N ASN B 266 -25.96 -25.66 26.29
CA ASN B 266 -26.49 -26.98 26.68
C ASN B 266 -27.97 -27.18 26.40
N ARG B 267 -28.70 -26.09 26.22
CA ARG B 267 -30.09 -26.13 25.83
C ARG B 267 -30.25 -25.79 24.35
N GLY B 268 -29.12 -25.69 23.65
CA GLY B 268 -29.09 -25.59 22.19
C GLY B 268 -29.35 -24.25 21.54
N ARG B 269 -29.58 -23.22 22.35
CA ARG B 269 -29.81 -21.87 21.83
C ARG B 269 -28.88 -20.91 22.58
N PRO B 270 -27.88 -20.33 21.89
CA PRO B 270 -27.53 -20.46 20.47
C PRO B 270 -26.83 -21.78 20.19
N GLY B 271 -26.50 -22.03 18.92
CA GLY B 271 -25.92 -23.32 18.52
C GLY B 271 -24.45 -23.45 18.84
N MET B 272 -23.75 -22.32 18.76
CA MET B 272 -22.30 -22.26 18.89
C MET B 272 -21.86 -20.93 19.53
N ALA B 273 -20.73 -20.95 20.24
CA ALA B 273 -20.08 -19.70 20.68
C ALA B 273 -18.62 -19.65 20.25
N ALA B 274 -18.12 -18.43 20.05
CA ALA B 274 -16.69 -18.14 19.89
C ALA B 274 -16.28 -17.11 20.96
N ILE B 275 -15.44 -17.54 21.88
CA ILE B 275 -15.12 -16.79 23.11
C ILE B 275 -13.61 -16.53 23.24
N ASP B 276 -13.25 -15.27 23.47
CA ASP B 276 -11.83 -14.90 23.63
C ASP B 276 -11.54 -14.57 25.11
N VAL B 277 -12.59 -14.39 25.91
CA VAL B 277 -12.45 -13.82 27.24
C VAL B 277 -13.20 -14.63 28.28
N PHE B 278 -12.61 -14.74 29.47
CA PHE B 278 -13.12 -15.67 30.49
C PHE B 278 -13.21 -15.00 31.86
N GLU B 279 -14.01 -15.59 32.75
CA GLU B 279 -14.18 -15.05 34.12
C GLU B 279 -12.86 -15.05 34.90
N THR B 280 -12.10 -16.13 34.74
CA THR B 280 -10.80 -16.28 35.37
C THR B 280 -9.80 -16.65 34.27
N GLU B 281 -8.73 -15.88 34.15
CA GLU B 281 -7.70 -16.15 33.16
C GLU B 281 -6.31 -16.18 33.82
N PRO B 282 -5.42 -17.10 33.42
CA PRO B 282 -5.62 -18.27 32.54
C PRO B 282 -6.67 -19.25 33.04
N ILE B 283 -7.29 -19.97 32.11
CA ILE B 283 -8.17 -21.07 32.46
C ILE B 283 -7.36 -22.37 32.48
N LEU B 284 -7.98 -23.44 32.96
CA LEU B 284 -7.38 -24.78 33.01
C LEU B 284 -8.10 -25.72 32.03
N GLN B 285 -7.48 -26.87 31.75
CA GLN B 285 -7.99 -27.90 30.82
C GLN B 285 -9.46 -28.28 31.01
N GLY B 286 -9.88 -28.40 32.26
CA GLY B 286 -11.24 -28.85 32.60
C GLY B 286 -12.30 -27.77 32.63
N HIS B 287 -11.99 -26.59 32.10
CA HIS B 287 -12.94 -25.48 32.04
C HIS B 287 -14.17 -25.92 31.25
N THR B 288 -15.36 -25.61 31.78
CA THR B 288 -16.62 -26.14 31.24
C THR B 288 -16.86 -25.78 29.78
N LEU B 289 -16.67 -24.51 29.42
CA LEU B 289 -16.79 -24.08 28.02
C LEU B 289 -15.71 -24.64 27.14
N LEU B 290 -14.52 -24.84 27.70
CA LEU B 290 -13.41 -25.43 26.96
C LEU B 290 -13.71 -26.87 26.53
N ARG B 291 -14.43 -27.62 27.36
CA ARG B 291 -14.85 -28.99 27.04
C ARG B 291 -15.88 -29.12 25.91
N MET B 292 -16.60 -28.03 25.64
CA MET B 292 -17.66 -28.03 24.63
C MET B 292 -17.15 -27.95 23.20
N GLU B 293 -17.68 -28.85 22.38
CA GLU B 293 -17.35 -28.93 20.96
C GLU B 293 -17.95 -27.75 20.17
N ASN B 294 -19.05 -27.20 20.66
CA ASN B 294 -19.69 -26.06 20.03
C ASN B 294 -19.30 -24.73 20.70
N CYS B 295 -18.16 -24.71 21.38
CA CYS B 295 -17.58 -23.46 21.85
C CYS B 295 -16.14 -23.39 21.40
N ILE B 296 -15.83 -22.40 20.55
CA ILE B 296 -14.44 -22.14 20.17
C ILE B 296 -13.82 -21.13 21.14
N CYS B 297 -12.79 -21.56 21.87
CA CYS B 297 -12.19 -20.74 22.91
C CYS B 297 -10.78 -20.35 22.53
N THR B 298 -10.53 -19.06 22.53
CA THR B 298 -9.19 -18.51 22.30
C THR B 298 -8.70 -17.80 23.56
N PRO B 299 -7.39 -17.87 23.82
CA PRO B 299 -6.83 -17.39 25.10
C PRO B 299 -6.61 -15.87 25.17
N HIS B 300 -7.71 -15.09 25.13
CA HIS B 300 -7.64 -13.63 25.20
C HIS B 300 -6.55 -13.03 24.29
N ILE B 301 -6.60 -13.36 23.01
CA ILE B 301 -5.58 -12.90 22.03
C ILE B 301 -5.99 -11.68 21.22
N GLY B 302 -7.13 -11.06 21.54
CA GLY B 302 -7.63 -9.87 20.80
C GLY B 302 -6.61 -8.76 20.56
N TYR B 303 -5.84 -8.43 21.61
CA TYR B 303 -4.84 -7.35 21.51
CA TYR B 303 -4.85 -7.36 21.54
C TYR B 303 -3.44 -7.91 21.37
N VAL B 304 -3.34 -9.24 21.33
CA VAL B 304 -2.03 -9.89 21.19
C VAL B 304 -1.67 -10.00 19.73
N GLU B 305 -0.99 -8.98 19.23
CA GLU B 305 -0.71 -8.85 17.83
C GLU B 305 0.53 -7.97 17.71
N ARG B 306 1.38 -8.24 16.71
CA ARG B 306 2.65 -7.52 16.54
C ARG B 306 2.56 -5.96 16.63
N GLU B 307 1.73 -5.37 15.81
CA GLU B 307 1.62 -3.94 15.71
C GLU B 307 0.90 -3.36 16.92
N SER B 308 -0.17 -4.01 17.38
CA SER B 308 -0.78 -3.71 18.67
C SER B 308 0.25 -3.65 19.82
N TYR B 309 1.07 -4.70 19.98
CA TYR B 309 2.15 -4.62 20.97
C TYR B 309 3.11 -3.44 20.76
N GLU B 310 3.52 -3.17 19.52
CA GLU B 310 4.46 -2.08 19.28
C GLU B 310 3.87 -0.75 19.76
N MET B 311 2.62 -0.53 19.41
CA MET B 311 1.87 0.63 19.83
C MET B 311 1.66 0.67 21.33
N TYR B 312 1.12 -0.40 21.92
CA TYR B 312 0.75 -0.38 23.35
C TYR B 312 1.97 -0.19 24.25
N PHE B 313 3.03 -0.94 23.95
CA PHE B 313 4.24 -0.89 24.76
C PHE B 313 5.09 0.31 24.47
N GLY B 314 5.05 0.79 23.23
CA GLY B 314 5.81 1.99 22.87
C GLY B 314 5.33 3.18 23.67
N ILE B 315 4.01 3.36 23.75
CA ILE B 315 3.46 4.40 24.58
C ILE B 315 3.76 4.14 26.07
N ALA B 316 3.60 2.90 26.53
CA ALA B 316 3.80 2.59 27.96
C ALA B 316 5.25 2.84 28.37
N PHE B 317 6.18 2.51 27.49
CA PHE B 317 7.58 2.76 27.76
C PHE B 317 7.89 4.25 27.66
N GLN B 318 7.38 4.94 26.64
CA GLN B 318 7.61 6.40 26.47
C GLN B 318 7.12 7.21 27.66
N ASN B 319 5.91 6.89 28.13
CA ASN B 319 5.39 7.43 29.39
C ASN B 319 6.33 7.37 30.60
N ILE B 320 7.02 6.24 30.78
CA ILE B 320 8.05 6.15 31.85
C ILE B 320 9.18 7.15 31.64
N LEU B 321 9.73 7.17 30.43
CA LEU B 321 10.77 8.14 30.05
C LEU B 321 10.34 9.59 30.23
N ASP B 322 9.10 9.88 29.85
CA ASP B 322 8.49 11.22 29.97
C ASP B 322 8.38 11.68 31.42
N ILE B 323 7.80 10.85 32.28
CA ILE B 323 7.71 11.21 33.69
C ILE B 323 9.08 11.34 34.36
N LEU B 324 10.07 10.56 33.94
CA LEU B 324 11.44 10.74 34.42
C LEU B 324 12.01 12.12 34.06
N GLN B 325 11.55 12.69 32.95
CA GLN B 325 11.94 14.02 32.50
C GLN B 325 11.05 15.14 33.04
N GLY B 326 10.11 14.78 33.90
CA GLY B 326 9.24 15.77 34.53
C GLY B 326 7.88 15.96 33.88
N ASN B 327 7.66 15.32 32.73
CA ASN B 327 6.38 15.38 32.03
C ASN B 327 5.38 14.39 32.63
N VAL B 328 4.39 14.93 33.33
CA VAL B 328 3.43 14.10 34.05
C VAL B 328 2.03 14.07 33.43
N ASP B 329 1.93 14.38 32.13
CA ASP B 329 0.65 14.34 31.41
C ASP B 329 -0.05 12.98 31.49
N SER B 330 0.74 11.91 31.41
CA SER B 330 0.16 10.57 31.36
C SER B 330 -0.32 10.01 32.70
N VAL B 331 -0.17 10.81 33.76
CA VAL B 331 -0.45 10.34 35.11
C VAL B 331 -1.94 10.34 35.38
N ALA B 332 -2.49 9.15 35.62
CA ALA B 332 -3.93 9.00 35.85
C ALA B 332 -4.35 9.48 37.24
N ASN B 333 -3.44 9.40 38.21
CA ASN B 333 -3.72 9.83 39.60
C ASN B 333 -2.76 10.95 40.05
N PRO B 334 -2.94 12.19 39.55
CA PRO B 334 -1.91 13.24 39.77
C PRO B 334 -1.76 13.74 41.23
N THR B 335 -2.71 13.36 42.10
CA THR B 335 -2.60 13.70 43.52
C THR B 335 -1.59 12.80 44.26
N ALA B 336 -1.10 11.76 43.57
CA ALA B 336 0.01 10.94 44.07
C ALA B 336 1.33 11.69 44.00
N LEU B 337 1.34 12.80 43.26
CA LEU B 337 2.55 13.61 43.12
C LEU B 337 2.80 14.59 44.28
N ALA B 338 1.75 14.86 45.05
CA ALA B 338 1.83 15.69 46.26
C ALA B 338 2.64 15.00 47.37
N PRO B 339 3.36 15.78 48.22
CA PRO B 339 4.20 15.15 49.25
C PRO B 339 3.37 14.47 50.35
N ALA B 340 3.97 13.48 51.01
CA ALA B 340 3.28 12.58 51.95
C ALA B 340 2.49 13.26 53.07
N LEU B 341 2.97 14.42 53.52
CA LEU B 341 2.29 15.23 54.53
C LEU B 341 0.95 15.79 54.04
N ILE B 342 0.99 16.45 52.88
CA ILE B 342 -0.19 17.03 52.25
C ILE B 342 -1.16 15.91 51.84
N ARG B 343 -0.58 14.85 51.26
CA ARG B 343 -1.31 13.67 50.82
C ARG B 343 -2.03 12.95 51.96
N SER C 2 -38.15 -44.94 -11.96
CA SER C 2 -37.35 -45.15 -10.72
C SER C 2 -35.97 -45.69 -11.03
N LEU C 3 -35.04 -44.77 -11.32
CA LEU C 3 -33.63 -45.09 -11.49
C LEU C 3 -33.01 -45.46 -10.15
N LYS C 4 -31.97 -46.30 -10.20
CA LYS C 4 -31.08 -46.45 -9.07
C LYS C 4 -30.00 -45.38 -9.21
N ILE C 5 -29.86 -44.55 -8.17
CA ILE C 5 -28.94 -43.42 -8.21
C ILE C 5 -27.93 -43.55 -7.06
N ALA C 6 -26.66 -43.34 -7.36
CA ALA C 6 -25.61 -43.30 -6.34
C ALA C 6 -24.99 -41.88 -6.23
N VAL C 7 -24.90 -41.37 -5.00
CA VAL C 7 -24.16 -40.13 -4.73
C VAL C 7 -22.87 -40.57 -4.06
N LEU C 8 -21.74 -40.20 -4.65
CA LEU C 8 -20.44 -40.60 -4.13
C LEU C 8 -19.80 -39.57 -3.18
N ASP C 9 -18.88 -40.05 -2.34
CA ASP C 9 -17.93 -39.18 -1.61
C ASP C 9 -18.49 -38.14 -0.63
N ASP C 10 -19.65 -38.41 -0.02
CA ASP C 10 -20.28 -37.46 0.91
C ASP C 10 -19.80 -37.76 2.36
N TYR C 11 -18.57 -37.34 2.66
CA TYR C 11 -17.95 -37.68 3.96
C TYR C 11 -18.81 -37.50 5.22
N GLN C 12 -19.55 -36.40 5.29
CA GLN C 12 -20.29 -36.04 6.50
C GLN C 12 -21.76 -36.46 6.47
N ASP C 13 -22.14 -37.17 5.41
CA ASP C 13 -23.51 -37.63 5.19
C ASP C 13 -24.47 -36.44 5.17
N ALA C 14 -24.05 -35.40 4.45
CA ALA C 14 -24.76 -34.11 4.38
C ALA C 14 -25.92 -34.12 3.38
N VAL C 15 -25.67 -34.69 2.20
CA VAL C 15 -26.63 -34.70 1.08
C VAL C 15 -28.04 -35.22 1.44
N ARG C 16 -28.16 -36.31 2.21
CA ARG C 16 -29.47 -36.87 2.56
CA ARG C 16 -29.47 -36.87 2.55
C ARG C 16 -30.26 -36.00 3.54
N LYS C 17 -29.59 -34.96 4.07
CA LYS C 17 -30.21 -33.99 4.97
C LYS C 17 -30.55 -32.65 4.32
N LEU C 18 -30.19 -32.49 3.04
CA LEU C 18 -30.52 -31.29 2.28
C LEU C 18 -32.02 -31.24 1.95
N ASP C 19 -32.53 -30.05 1.72
CA ASP C 19 -33.95 -29.88 1.41
C ASP C 19 -34.21 -30.30 -0.03
N CYS C 20 -33.28 -29.95 -0.92
CA CYS C 20 -33.30 -30.36 -2.32
C CYS C 20 -33.18 -31.88 -2.56
N PHE C 21 -33.07 -32.67 -1.48
CA PHE C 21 -32.95 -34.12 -1.60
C PHE C 21 -34.32 -34.75 -1.84
N SER C 22 -35.37 -33.96 -1.61
CA SER C 22 -36.75 -34.32 -1.91
C SER C 22 -36.98 -34.49 -3.42
N LEU C 23 -36.19 -33.77 -4.23
CA LEU C 23 -36.26 -33.87 -5.69
C LEU C 23 -36.09 -35.28 -6.29
N LEU C 24 -35.52 -36.23 -5.54
CA LEU C 24 -35.29 -37.59 -6.05
C LEU C 24 -36.15 -38.62 -5.31
N GLN C 25 -37.32 -38.18 -4.85
CA GLN C 25 -38.22 -39.00 -4.02
C GLN C 25 -38.84 -40.21 -4.75
N ASP C 26 -38.85 -40.17 -6.08
CA ASP C 26 -39.43 -41.25 -6.87
C ASP C 26 -38.45 -42.40 -7.11
N HIS C 27 -37.21 -42.19 -6.70
CA HIS C 27 -36.10 -43.07 -7.03
C HIS C 27 -35.47 -43.74 -5.83
N GLU C 28 -34.58 -44.69 -6.12
CA GLU C 28 -33.74 -45.32 -5.10
C GLU C 28 -32.41 -44.61 -5.14
N VAL C 29 -32.08 -43.94 -4.05
CA VAL C 29 -30.83 -43.18 -3.97
C VAL C 29 -29.98 -43.77 -2.86
N LYS C 30 -28.73 -44.08 -3.19
CA LYS C 30 -27.78 -44.50 -2.18
C LYS C 30 -26.70 -43.44 -2.09
N VAL C 31 -26.43 -42.96 -0.87
CA VAL C 31 -25.37 -42.00 -0.66
C VAL C 31 -24.24 -42.68 0.10
N PHE C 32 -23.05 -42.66 -0.48
CA PHE C 32 -21.83 -43.17 0.17
C PHE C 32 -21.07 -42.09 0.95
N ASN C 33 -20.49 -42.48 2.09
CA ASN C 33 -19.86 -41.54 3.02
C ASN C 33 -18.34 -41.64 3.08
N ASN C 34 -17.77 -42.39 2.16
CA ASN C 34 -16.32 -42.43 2.04
C ASN C 34 -15.91 -42.52 0.58
N THR C 35 -14.61 -42.57 0.33
CA THR C 35 -14.09 -42.53 -1.02
C THR C 35 -13.39 -43.85 -1.30
N VAL C 36 -13.66 -44.41 -2.49
CA VAL C 36 -12.89 -45.56 -3.01
C VAL C 36 -12.24 -45.17 -4.33
N LYS C 37 -10.98 -45.54 -4.49
CA LYS C 37 -10.24 -45.24 -5.70
C LYS C 37 -9.93 -46.54 -6.44
N GLY C 38 -9.75 -46.44 -7.75
CA GLY C 38 -9.42 -47.60 -8.55
C GLY C 38 -10.66 -48.15 -9.21
N VAL C 39 -10.47 -48.65 -10.43
CA VAL C 39 -11.55 -49.18 -11.26
C VAL C 39 -12.35 -50.28 -10.52
N GLY C 40 -11.66 -51.30 -10.02
CA GLY C 40 -12.33 -52.42 -9.34
C GLY C 40 -13.24 -52.05 -8.19
N GLN C 41 -12.74 -51.20 -7.30
CA GLN C 41 -13.48 -50.84 -6.11
C GLN C 41 -14.68 -49.96 -6.44
N LEU C 42 -14.48 -49.04 -7.36
CA LEU C 42 -15.54 -48.14 -7.81
C LEU C 42 -16.62 -48.91 -8.57
N ALA C 43 -16.20 -49.79 -9.50
CA ALA C 43 -17.14 -50.66 -10.22
C ALA C 43 -17.96 -51.52 -9.27
N ALA C 44 -17.34 -52.14 -8.26
CA ALA C 44 -18.09 -52.99 -7.33
C ALA C 44 -19.16 -52.17 -6.59
N ARG C 45 -18.78 -50.94 -6.23
CA ARG C 45 -19.67 -50.05 -5.47
C ARG C 45 -20.93 -49.63 -6.25
N VAL C 46 -20.75 -49.29 -7.52
CA VAL C 46 -21.85 -48.75 -8.34
C VAL C 46 -22.30 -49.69 -9.49
N ALA C 47 -22.08 -51.00 -9.29
CA ALA C 47 -22.29 -52.03 -10.33
C ALA C 47 -23.68 -52.09 -10.97
N ASP C 48 -24.71 -51.75 -10.22
CA ASP C 48 -26.07 -51.78 -10.77
C ASP C 48 -26.77 -50.43 -10.82
N VAL C 49 -26.02 -49.33 -10.75
CA VAL C 49 -26.66 -48.01 -10.83
C VAL C 49 -26.89 -47.50 -12.25
N GLU C 50 -28.01 -46.79 -12.41
CA GLU C 50 -28.38 -46.17 -13.68
C GLU C 50 -27.94 -44.70 -13.75
N ALA C 51 -27.84 -44.04 -12.60
CA ALA C 51 -27.42 -42.63 -12.53
C ALA C 51 -26.40 -42.37 -11.42
N LEU C 52 -25.36 -41.63 -11.75
CA LEU C 52 -24.30 -41.29 -10.82
C LEU C 52 -24.28 -39.79 -10.55
N VAL C 53 -24.38 -39.39 -9.28
CA VAL C 53 -24.15 -38.00 -8.92
C VAL C 53 -22.77 -37.84 -8.31
N LEU C 54 -21.94 -37.04 -8.97
CA LEU C 54 -20.60 -36.74 -8.49
C LEU C 54 -20.53 -35.42 -7.71
N ILE C 55 -19.72 -35.40 -6.65
CA ILE C 55 -19.46 -34.16 -5.94
C ILE C 55 -18.15 -33.56 -6.44
N ARG C 56 -18.28 -32.51 -7.25
CA ARG C 56 -17.15 -31.81 -7.90
C ARG C 56 -16.09 -32.80 -8.40
N GLU C 57 -14.83 -32.60 -8.07
CA GLU C 57 -13.79 -33.48 -8.60
C GLU C 57 -13.35 -34.61 -7.65
N ARG C 58 -14.22 -35.02 -6.75
CA ARG C 58 -13.81 -36.01 -5.73
C ARG C 58 -13.50 -37.43 -6.23
N THR C 59 -14.11 -37.82 -7.36
CA THR C 59 -13.96 -39.14 -7.99
C THR C 59 -13.72 -38.94 -9.49
N ARG C 60 -12.74 -39.67 -10.03
CA ARG C 60 -12.43 -39.69 -11.45
C ARG C 60 -13.30 -40.75 -12.16
N VAL C 61 -13.79 -40.44 -13.36
CA VAL C 61 -14.53 -41.41 -14.20
C VAL C 61 -13.74 -41.67 -15.48
N THR C 62 -13.07 -42.83 -15.54
CA THR C 62 -12.24 -43.20 -16.69
C THR C 62 -12.96 -44.18 -17.62
N ARG C 63 -12.39 -44.38 -18.81
CA ARG C 63 -12.91 -45.32 -19.80
C ARG C 63 -12.99 -46.77 -19.27
N GLN C 64 -11.92 -47.19 -18.57
CA GLN C 64 -11.87 -48.52 -17.96
CA GLN C 64 -11.86 -48.52 -17.98
C GLN C 64 -13.02 -48.76 -17.00
N LEU C 65 -13.33 -47.74 -16.20
CA LEU C 65 -14.46 -47.81 -15.29
C LEU C 65 -15.78 -47.92 -16.08
N LEU C 66 -15.90 -47.10 -17.13
CA LEU C 66 -17.11 -47.07 -17.97
C LEU C 66 -17.33 -48.38 -18.72
N ASP C 67 -16.25 -49.05 -19.13
CA ASP C 67 -16.30 -50.41 -19.67
C ASP C 67 -16.97 -51.42 -18.73
N ARG C 68 -16.94 -51.12 -17.43
CA ARG C 68 -17.47 -51.99 -16.39
C ARG C 68 -18.82 -51.51 -15.89
N LEU C 69 -19.38 -50.47 -16.49
CA LEU C 69 -20.70 -49.99 -16.05
C LEU C 69 -21.73 -49.89 -17.18
N PRO C 70 -22.09 -51.04 -17.81
CA PRO C 70 -23.02 -51.01 -18.95
C PRO C 70 -24.43 -50.48 -18.63
N LYS C 71 -24.85 -50.56 -17.37
CA LYS C 71 -26.17 -50.10 -16.95
CA LYS C 71 -26.17 -50.10 -16.95
C LYS C 71 -26.23 -48.57 -16.78
N LEU C 72 -25.07 -47.93 -16.72
CA LEU C 72 -25.00 -46.47 -16.49
C LEU C 72 -25.51 -45.62 -17.67
N LYS C 73 -26.45 -44.73 -17.36
CA LYS C 73 -27.10 -43.88 -18.37
C LYS C 73 -26.78 -42.40 -18.20
N ILE C 74 -26.61 -41.98 -16.94
CA ILE C 74 -26.52 -40.56 -16.58
C ILE C 74 -25.40 -40.33 -15.56
N ILE C 75 -24.54 -39.35 -15.83
CA ILE C 75 -23.65 -38.80 -14.80
C ILE C 75 -24.03 -37.34 -14.58
N SER C 76 -24.60 -37.04 -13.41
CA SER C 76 -24.96 -35.68 -13.04
C SER C 76 -23.88 -35.07 -12.17
N GLN C 77 -23.17 -34.09 -12.72
CA GLN C 77 -22.13 -33.36 -12.01
C GLN C 77 -22.71 -32.19 -11.20
N THR C 78 -22.22 -32.02 -9.97
CA THR C 78 -22.40 -30.77 -9.25
C THR C 78 -21.36 -29.79 -9.77
N GLY C 79 -21.82 -28.59 -10.10
CA GLY C 79 -20.95 -27.57 -10.66
C GLY C 79 -20.42 -27.85 -12.06
N ARG C 80 -19.25 -27.30 -12.36
CA ARG C 80 -18.69 -27.22 -13.71
C ARG C 80 -18.08 -28.52 -14.24
N VAL C 81 -18.20 -28.74 -15.55
CA VAL C 81 -17.49 -29.80 -16.26
C VAL C 81 -16.47 -29.17 -17.21
N SER C 82 -15.20 -29.56 -17.08
CA SER C 82 -14.14 -29.03 -17.94
C SER C 82 -13.81 -29.95 -19.11
N ARG C 83 -13.31 -29.38 -20.20
CA ARG C 83 -13.11 -30.09 -21.47
C ARG C 83 -11.63 -30.29 -21.83
N ASP C 84 -10.83 -30.72 -20.86
CA ASP C 84 -9.38 -30.86 -21.06
C ASP C 84 -8.77 -31.99 -20.23
N GLY C 87 -10.16 -33.14 -17.59
CA GLY C 87 -10.82 -33.10 -16.29
C GLY C 87 -10.84 -34.45 -15.62
N HIS C 88 -11.85 -34.67 -14.78
CA HIS C 88 -11.96 -35.93 -14.06
C HIS C 88 -12.91 -36.93 -14.74
N ILE C 89 -13.80 -36.43 -15.61
CA ILE C 89 -14.66 -37.28 -16.45
C ILE C 89 -14.08 -37.38 -17.86
N ASP C 90 -14.01 -38.59 -18.40
CA ASP C 90 -13.69 -38.80 -19.81
C ASP C 90 -14.98 -38.66 -20.61
N LEU C 91 -15.20 -37.50 -21.21
CA LEU C 91 -16.41 -37.22 -21.99
C LEU C 91 -16.42 -38.01 -23.31
N GLU C 92 -15.25 -38.34 -23.81
CA GLU C 92 -15.11 -39.09 -25.05
C GLU C 92 -15.62 -40.52 -24.87
N ALA C 93 -15.25 -41.12 -23.74
CA ALA C 93 -15.67 -42.46 -23.40
C ALA C 93 -17.14 -42.48 -23.06
N CYS C 94 -17.60 -41.43 -22.42
CA CYS C 94 -19.02 -41.27 -22.10
C CYS C 94 -19.85 -41.17 -23.38
N THR C 95 -19.30 -40.47 -24.36
CA THR C 95 -19.93 -40.30 -25.68
C THR C 95 -20.04 -41.64 -26.41
N ASP C 96 -18.93 -42.35 -26.50
CA ASP C 96 -18.86 -43.67 -27.12
C ASP C 96 -19.78 -44.72 -26.52
N LYS C 97 -20.23 -44.53 -25.27
CA LYS C 97 -21.05 -45.52 -24.60
C LYS C 97 -22.49 -45.05 -24.40
N GLY C 98 -22.78 -43.85 -24.89
CA GLY C 98 -24.12 -43.30 -24.82
C GLY C 98 -24.45 -42.70 -23.47
N VAL C 99 -23.42 -42.45 -22.67
CA VAL C 99 -23.61 -41.89 -21.33
C VAL C 99 -23.63 -40.35 -21.36
N VAL C 100 -24.71 -39.82 -20.84
CA VAL C 100 -24.96 -38.39 -20.83
C VAL C 100 -24.37 -37.77 -19.55
N VAL C 101 -23.42 -36.85 -19.73
CA VAL C 101 -22.83 -36.07 -18.64
C VAL C 101 -23.55 -34.73 -18.47
N LEU C 102 -24.27 -34.59 -17.36
CA LEU C 102 -24.97 -33.36 -17.03
C LEU C 102 -24.02 -32.38 -16.33
N GLU C 103 -24.28 -31.09 -16.53
CA GLU C 103 -23.42 -30.02 -16.02
C GLU C 103 -24.26 -29.10 -15.15
N GLY C 104 -23.65 -28.61 -14.07
CA GLY C 104 -24.30 -27.63 -13.20
C GLY C 104 -23.64 -26.26 -13.19
N LYS C 105 -24.08 -25.41 -12.27
CA LYS C 105 -23.57 -24.04 -12.15
C LYS C 105 -22.51 -23.88 -11.05
N GLY C 106 -21.40 -23.25 -11.41
CA GLY C 106 -20.32 -22.93 -10.47
C GLY C 106 -20.49 -21.63 -9.68
N SER C 107 -19.91 -21.59 -8.48
CA SER C 107 -20.00 -20.42 -7.59
C SER C 107 -18.67 -20.08 -6.90
N PRO C 108 -18.34 -18.77 -6.83
CA PRO C 108 -17.05 -18.39 -6.26
C PRO C 108 -17.08 -17.88 -4.79
N VAL C 109 -18.24 -17.82 -4.14
CA VAL C 109 -18.36 -17.16 -2.84
C VAL C 109 -17.84 -18.01 -1.66
N ALA C 110 -18.37 -19.22 -1.52
CA ALA C 110 -17.89 -20.16 -0.50
C ALA C 110 -16.37 -20.38 -0.52
N PRO C 111 -15.73 -20.60 -1.70
CA PRO C 111 -14.27 -20.66 -1.65
C PRO C 111 -13.54 -19.33 -1.38
N ALA C 112 -14.17 -18.21 -1.73
CA ALA C 112 -13.58 -16.90 -1.46
C ALA C 112 -13.63 -16.61 0.04
N GLU C 113 -14.77 -16.93 0.65
CA GLU C 113 -14.97 -16.76 2.07
C GLU C 113 -14.17 -17.73 2.91
N LEU C 114 -13.96 -18.95 2.40
CA LEU C 114 -13.09 -19.93 3.06
C LEU C 114 -11.66 -19.47 2.96
N THR C 115 -11.28 -18.92 1.81
CA THR C 115 -9.92 -18.40 1.60
C THR C 115 -9.63 -17.34 2.65
N TRP C 116 -10.61 -16.45 2.89
CA TRP C 116 -10.45 -15.37 3.87
C TRP C 116 -10.45 -15.88 5.29
N ALA C 117 -11.39 -16.81 5.58
CA ALA C 117 -11.42 -17.51 6.86
C ALA C 117 -10.04 -18.08 7.17
N LEU C 118 -9.40 -18.67 6.17
CA LEU C 118 -8.06 -19.20 6.33
C LEU C 118 -7.00 -18.14 6.42
N VAL C 119 -7.18 -17.01 5.72
CA VAL C 119 -6.21 -15.90 5.79
C VAL C 119 -6.17 -15.39 7.24
N MET C 120 -7.35 -15.18 7.83
CA MET C 120 -7.43 -14.68 9.20
C MET C 120 -7.07 -15.71 10.29
N ALA C 121 -7.46 -16.97 10.07
CA ALA C 121 -7.12 -18.08 10.96
C ALA C 121 -5.61 -18.22 11.04
N ALA C 122 -4.96 -18.09 9.89
CA ALA C 122 -3.50 -18.24 9.86
C ALA C 122 -2.75 -17.03 10.44
N GLN C 123 -3.21 -15.84 10.05
CA GLN C 123 -2.58 -14.60 10.52
C GLN C 123 -2.71 -14.39 12.02
N ARG C 124 -3.79 -14.89 12.60
CA ARG C 124 -3.96 -14.81 14.05
C ARG C 124 -3.65 -16.12 14.78
N ARG C 125 -3.13 -17.11 14.04
CA ARG C 125 -2.69 -18.40 14.58
C ARG C 125 -3.77 -19.09 15.43
N ILE C 126 -5.01 -18.96 14.98
CA ILE C 126 -6.17 -19.46 15.69
CA ILE C 126 -6.20 -19.46 15.66
C ILE C 126 -6.16 -20.98 15.91
N PRO C 127 -5.87 -21.79 14.85
CA PRO C 127 -5.88 -23.22 15.18
C PRO C 127 -4.81 -23.63 16.19
N GLN C 128 -3.63 -23.01 16.09
CA GLN C 128 -2.53 -23.28 17.01
C GLN C 128 -2.83 -22.85 18.45
N TYR C 129 -3.35 -21.62 18.62
CA TYR C 129 -3.77 -21.12 19.93
C TYR C 129 -4.91 -21.92 20.54
N VAL C 130 -5.91 -22.30 19.73
CA VAL C 130 -7.04 -23.13 20.17
C VAL C 130 -6.60 -24.54 20.62
N ALA C 131 -5.75 -25.19 19.82
CA ALA C 131 -5.26 -26.55 20.12
C ALA C 131 -4.45 -26.57 21.42
N SER C 132 -3.60 -25.56 21.62
CA SER C 132 -2.83 -25.42 22.86
C SER C 132 -3.68 -25.20 24.10
N LEU C 133 -4.69 -24.35 23.99
CA LEU C 133 -5.55 -24.06 25.12
C LEU C 133 -6.26 -25.32 25.64
N LYS C 134 -6.73 -26.12 24.68
CA LYS C 134 -7.38 -27.40 24.98
CA LYS C 134 -7.38 -27.40 24.98
C LYS C 134 -6.45 -28.36 25.69
N HIS C 135 -5.16 -28.27 25.36
CA HIS C 135 -4.08 -29.02 26.01
C HIS C 135 -3.62 -28.36 27.32
N GLY C 136 -4.26 -27.26 27.73
CA GLY C 136 -3.90 -26.57 28.96
C GLY C 136 -2.75 -25.55 28.90
N ALA C 137 -2.30 -25.18 27.71
CA ALA C 137 -1.27 -24.15 27.57
C ALA C 137 -1.91 -22.82 27.20
N TRP C 138 -1.90 -21.85 28.13
CA TRP C 138 -2.55 -20.57 27.90
C TRP C 138 -1.75 -19.67 26.98
N GLN C 139 -2.37 -19.26 25.86
CA GLN C 139 -1.75 -18.30 24.94
C GLN C 139 -0.40 -18.75 24.36
N GLN C 140 -0.37 -19.97 23.82
CA GLN C 140 0.83 -20.47 23.13
C GLN C 140 0.43 -20.95 21.74
N SER C 141 1.13 -20.49 20.72
CA SER C 141 0.85 -20.91 19.37
C SER C 141 1.97 -21.80 18.84
N GLY C 142 3.02 -21.97 19.63
CA GLY C 142 4.28 -22.55 19.14
C GLY C 142 5.00 -21.58 18.23
N LEU C 143 5.61 -22.10 17.17
CA LEU C 143 6.35 -21.29 16.17
C LEU C 143 7.56 -20.51 16.73
N LYS C 144 8.22 -21.12 17.72
CA LYS C 144 9.31 -20.46 18.44
C LYS C 144 10.69 -21.07 18.14
N SER C 145 10.78 -21.86 17.07
CA SER C 145 12.06 -22.44 16.65
C SER C 145 12.98 -21.33 16.11
N THR C 146 14.29 -21.51 16.27
CA THR C 146 15.28 -20.47 15.92
C THR C 146 15.33 -20.09 14.43
N THR C 147 14.88 -20.99 13.57
CA THR C 147 14.80 -20.74 12.12
C THR C 147 13.65 -19.79 11.77
N MET C 148 12.65 -19.72 12.64
CA MET C 148 11.51 -18.81 12.46
C MET C 148 11.90 -17.38 12.91
N PRO C 149 11.21 -16.35 12.39
CA PRO C 149 11.47 -14.95 12.80
C PRO C 149 11.09 -14.66 14.27
N PRO C 150 11.66 -13.59 14.86
CA PRO C 150 11.27 -13.25 16.24
C PRO C 150 9.79 -12.87 16.33
N ASN C 151 9.15 -13.30 17.42
CA ASN C 151 7.68 -13.14 17.63
C ASN C 151 6.77 -13.65 16.52
N PHE C 152 7.20 -14.71 15.83
CA PHE C 152 6.40 -15.24 14.74
C PHE C 152 5.14 -15.93 15.26
N GLY C 153 5.20 -16.41 16.50
CA GLY C 153 4.07 -17.03 17.17
C GLY C 153 2.91 -16.08 17.44
N ILE C 154 3.17 -14.78 17.44
CA ILE C 154 2.17 -13.74 17.74
CA ILE C 154 2.09 -13.84 17.74
C ILE C 154 1.36 -13.38 16.48
N GLY C 155 0.09 -13.01 16.65
CA GLY C 155 -0.75 -12.63 15.53
C GLY C 155 -0.35 -11.40 14.77
N ARG C 156 -0.83 -11.31 13.53
CA ARG C 156 -0.48 -10.20 12.64
CA ARG C 156 -0.49 -10.18 12.64
C ARG C 156 -1.74 -9.48 12.14
N VAL C 157 -1.71 -8.16 12.19
CA VAL C 157 -2.77 -7.31 11.66
C VAL C 157 -2.74 -7.40 10.12
N LEU C 158 -3.90 -7.28 9.50
CA LEU C 158 -4.05 -7.20 8.05
C LEU C 158 -3.96 -5.75 7.53
N LYS C 159 -4.58 -4.81 8.21
CA LYS C 159 -4.47 -3.37 7.90
CA LYS C 159 -4.43 -3.40 7.88
C LYS C 159 -3.03 -2.94 7.56
N GLY C 160 -2.87 -2.34 6.40
CA GLY C 160 -1.59 -1.78 5.98
C GLY C 160 -0.57 -2.75 5.39
N GLN C 161 -0.91 -4.03 5.34
CA GLN C 161 0.02 -5.07 4.87
C GLN C 161 -0.22 -5.36 3.39
N THR C 162 0.77 -5.98 2.75
CA THR C 162 0.70 -6.30 1.33
C THR C 162 0.10 -7.68 1.04
N LEU C 163 -1.12 -7.66 0.50
CA LEU C 163 -1.79 -8.82 -0.09
C LEU C 163 -1.44 -9.02 -1.59
N GLY C 164 -0.54 -9.98 -1.85
CA GLY C 164 -0.29 -10.44 -3.23
C GLY C 164 -1.33 -11.44 -3.69
N ILE C 165 -1.99 -11.14 -4.80
CA ILE C 165 -2.92 -12.05 -5.42
C ILE C 165 -2.33 -12.61 -6.74
N PHE C 166 -2.26 -13.94 -6.83
CA PHE C 166 -1.78 -14.60 -8.04
C PHE C 166 -2.96 -15.25 -8.75
N GLY C 167 -3.41 -14.59 -9.81
CA GLY C 167 -4.57 -15.05 -10.57
C GLY C 167 -5.78 -14.22 -10.22
N TYR C 168 -6.32 -13.54 -11.22
CA TYR C 168 -7.42 -12.60 -11.01
C TYR C 168 -8.63 -13.02 -11.83
N GLY C 169 -9.21 -14.15 -11.45
CA GLY C 169 -10.49 -14.57 -12.03
C GLY C 169 -11.58 -14.06 -11.11
N LYS C 170 -12.68 -14.79 -11.03
CA LYS C 170 -13.77 -14.46 -10.13
C LYS C 170 -13.40 -14.64 -8.65
N ILE C 171 -12.57 -15.65 -8.35
CA ILE C 171 -12.20 -15.86 -6.95
C ILE C 171 -11.13 -14.88 -6.50
N GLY C 172 -10.07 -14.76 -7.29
CA GLY C 172 -9.05 -13.75 -7.08
C GLY C 172 -9.58 -12.35 -6.84
N GLN C 173 -10.65 -11.96 -7.55
CA GLN C 173 -11.20 -10.60 -7.47
C GLN C 173 -11.90 -10.35 -6.14
N LEU C 174 -12.62 -11.36 -5.66
CA LEU C 174 -13.38 -11.25 -4.41
C LEU C 174 -12.46 -11.22 -3.19
N VAL C 175 -11.39 -11.97 -3.28
CA VAL C 175 -10.39 -12.03 -2.23
C VAL C 175 -9.62 -10.71 -2.21
N ALA C 176 -9.22 -10.22 -3.39
CA ALA C 176 -8.59 -8.89 -3.48
C ALA C 176 -9.48 -7.75 -2.95
N GLY C 177 -10.80 -7.90 -3.11
CA GLY C 177 -11.76 -7.00 -2.49
C GLY C 177 -11.69 -7.01 -0.96
N TYR C 178 -11.67 -8.22 -0.38
CA TYR C 178 -11.58 -8.38 1.08
C TYR C 178 -10.37 -7.68 1.66
N GLY C 179 -9.22 -7.87 0.99
CA GLY C 179 -7.98 -7.19 1.33
C GLY C 179 -8.14 -5.69 1.36
N ARG C 180 -8.73 -5.15 0.28
CA ARG C 180 -8.99 -3.72 0.15
CA ARG C 180 -8.96 -3.72 0.17
C ARG C 180 -9.88 -3.24 1.30
N ALA C 181 -10.91 -4.02 1.61
CA ALA C 181 -11.86 -3.70 2.69
C ALA C 181 -11.33 -3.95 4.12
N PHE C 182 -10.18 -4.61 4.22
CA PHE C 182 -9.49 -4.74 5.51
C PHE C 182 -8.34 -3.73 5.61
N GLY C 183 -8.18 -2.92 4.55
CA GLY C 183 -7.17 -1.88 4.54
C GLY C 183 -5.82 -2.37 4.10
N MET C 184 -5.79 -3.45 3.31
CA MET C 184 -4.52 -3.98 2.78
C MET C 184 -4.03 -3.30 1.48
N ASN C 185 -2.72 -3.37 1.24
CA ASN C 185 -2.10 -2.97 -0.04
C ASN C 185 -2.12 -4.17 -0.99
N VAL C 186 -3.05 -4.16 -1.95
CA VAL C 186 -3.20 -5.24 -2.93
C VAL C 186 -2.32 -5.10 -4.19
N LEU C 187 -1.49 -6.12 -4.46
CA LEU C 187 -0.81 -6.27 -5.74
C LEU C 187 -1.36 -7.51 -6.42
N VAL C 188 -1.52 -7.44 -7.75
CA VAL C 188 -2.01 -8.55 -8.55
C VAL C 188 -0.91 -9.00 -9.54
N TRP C 189 -0.92 -10.28 -9.90
CA TRP C 189 -0.10 -10.81 -10.97
C TRP C 189 -0.87 -11.95 -11.67
N GLY C 190 -0.38 -12.38 -12.83
CA GLY C 190 -0.97 -13.51 -13.54
C GLY C 190 -0.78 -13.36 -15.03
N ARG C 191 -1.52 -14.17 -15.79
CA ARG C 191 -1.64 -14.10 -17.26
C ARG C 191 -2.11 -12.70 -17.69
N GLU C 192 -1.74 -12.30 -18.92
CA GLU C 192 -2.08 -11.01 -19.53
C GLU C 192 -3.52 -10.51 -19.30
N ASN C 193 -4.50 -11.40 -19.44
CA ASN C 193 -5.89 -11.04 -19.24
C ASN C 193 -6.25 -10.77 -17.77
N SER C 194 -5.56 -11.44 -16.85
CA SER C 194 -5.69 -11.14 -15.42
C SER C 194 -5.25 -9.72 -15.09
N LYS C 195 -4.06 -9.35 -15.57
CA LYS C 195 -3.51 -8.00 -15.44
C LYS C 195 -4.49 -6.93 -15.92
N GLU C 196 -5.06 -7.13 -17.11
CA GLU C 196 -6.01 -6.18 -17.71
C GLU C 196 -7.22 -5.93 -16.83
N ARG C 197 -7.83 -7.02 -16.35
CA ARG C 197 -8.98 -6.97 -15.45
C ARG C 197 -8.65 -6.27 -14.11
N ALA C 198 -7.40 -6.44 -13.67
CA ALA C 198 -6.92 -5.86 -12.41
C ALA C 198 -6.69 -4.35 -12.53
N ARG C 199 -5.97 -3.94 -13.58
CA ARG C 199 -5.82 -2.51 -13.94
C ARG C 199 -7.17 -1.81 -14.16
N ALA C 200 -8.11 -2.52 -14.78
CA ALA C 200 -9.51 -2.04 -14.97
C ALA C 200 -10.23 -1.81 -13.65
N ASP C 201 -9.87 -2.60 -12.64
CA ASP C 201 -10.41 -2.44 -11.30
C ASP C 201 -9.51 -1.55 -10.42
N GLY C 202 -8.40 -1.11 -11.00
CA GLY C 202 -7.51 -0.14 -10.36
C GLY C 202 -6.53 -0.74 -9.37
N PHE C 203 -6.43 -2.07 -9.36
CA PHE C 203 -5.47 -2.74 -8.51
C PHE C 203 -4.12 -2.72 -9.17
N ALA C 204 -3.11 -2.30 -8.42
CA ALA C 204 -1.75 -2.30 -8.94
C ALA C 204 -1.35 -3.73 -9.29
N VAL C 205 -0.78 -3.92 -10.47
CA VAL C 205 -0.18 -5.23 -10.74
C VAL C 205 1.34 -5.19 -10.52
N ALA C 206 1.88 -6.29 -10.00
CA ALA C 206 3.31 -6.37 -9.64
C ALA C 206 4.25 -6.13 -10.82
N GLU C 207 5.48 -5.74 -10.49
CA GLU C 207 6.53 -5.44 -11.46
C GLU C 207 6.95 -6.70 -12.20
N SER C 208 7.08 -7.78 -11.44
CA SER C 208 7.30 -9.13 -11.95
C SER C 208 6.62 -10.15 -11.02
N LYS C 209 6.65 -11.42 -11.43
CA LYS C 209 6.19 -12.53 -10.62
C LYS C 209 7.08 -12.64 -9.39
N ASP C 210 8.39 -12.45 -9.62
CA ASP C 210 9.41 -12.44 -8.58
C ASP C 210 9.15 -11.36 -7.52
N ALA C 211 8.75 -10.17 -8.00
CA ALA C 211 8.43 -9.03 -7.16
C ALA C 211 7.24 -9.31 -6.23
N LEU C 212 6.21 -9.97 -6.77
CA LEU C 212 5.04 -10.39 -6.00
C LEU C 212 5.38 -11.33 -4.85
N PHE C 213 6.32 -12.23 -5.10
CA PHE C 213 6.74 -13.18 -4.09
C PHE C 213 7.66 -12.52 -3.06
N GLU C 214 8.48 -11.59 -3.53
CA GLU C 214 9.36 -10.81 -2.66
C GLU C 214 8.60 -9.83 -1.74
N GLN C 215 7.47 -9.29 -2.22
CA GLN C 215 6.84 -8.14 -1.56
C GLN C 215 5.61 -8.44 -0.71
N SER C 216 5.00 -9.61 -0.90
CA SER C 216 3.73 -9.90 -0.24
C SER C 216 3.90 -10.30 1.22
N ASP C 217 2.89 -9.97 2.01
CA ASP C 217 2.80 -10.43 3.39
C ASP C 217 1.84 -11.60 3.46
N VAL C 218 0.74 -11.50 2.70
CA VAL C 218 -0.16 -12.61 2.41
C VAL C 218 -0.26 -12.79 0.89
N LEU C 219 0.23 -13.91 0.35
CA LEU C 219 -0.01 -14.24 -1.07
C LEU C 219 -1.02 -15.36 -1.24
N SER C 220 -2.15 -15.05 -1.87
CA SER C 220 -3.18 -16.03 -2.11
C SER C 220 -3.37 -16.36 -3.60
N VAL C 221 -3.01 -17.59 -3.99
CA VAL C 221 -3.08 -18.03 -5.39
C VAL C 221 -4.48 -18.48 -5.78
N HIS C 222 -4.97 -17.91 -6.87
CA HIS C 222 -6.29 -18.19 -7.41
C HIS C 222 -6.19 -18.37 -8.93
N LEU C 223 -5.55 -19.47 -9.33
CA LEU C 223 -5.39 -19.85 -10.75
C LEU C 223 -6.16 -21.14 -11.03
N ARG C 224 -6.51 -21.36 -12.30
CA ARG C 224 -7.00 -22.67 -12.75
C ARG C 224 -5.85 -23.48 -13.33
N LEU C 225 -5.92 -24.79 -13.14
CA LEU C 225 -4.91 -25.71 -13.64
C LEU C 225 -5.06 -25.99 -15.14
N ASN C 226 -3.94 -25.89 -15.85
CA ASN C 226 -3.80 -26.23 -17.27
C ASN C 226 -2.32 -26.39 -17.59
N ASP C 227 -1.97 -26.37 -18.87
CA ASP C 227 -0.56 -26.53 -19.28
C ASP C 227 0.29 -25.29 -18.99
N GLU C 228 -0.37 -24.14 -18.89
CA GLU C 228 0.31 -22.89 -18.60
C GLU C 228 0.63 -22.72 -17.11
N THR C 229 -0.27 -23.20 -16.26
CA THR C 229 -0.19 -22.94 -14.81
C THR C 229 0.37 -24.09 -13.96
N ARG C 230 0.53 -25.26 -14.58
CA ARG C 230 1.08 -26.44 -13.90
C ARG C 230 2.54 -26.21 -13.52
N SER C 231 2.81 -26.27 -12.22
CA SER C 231 4.12 -25.96 -11.63
C SER C 231 4.62 -24.55 -12.00
N ILE C 232 3.68 -23.60 -12.12
CA ILE C 232 3.97 -22.17 -12.28
C ILE C 232 4.76 -21.61 -11.07
N ILE C 233 4.40 -22.05 -9.86
CA ILE C 233 5.05 -21.61 -8.65
C ILE C 233 6.17 -22.60 -8.32
N THR C 234 7.41 -22.11 -8.33
CA THR C 234 8.57 -22.97 -8.09
C THR C 234 9.08 -22.76 -6.68
N VAL C 235 10.06 -23.57 -6.27
CA VAL C 235 10.72 -23.40 -4.99
C VAL C 235 11.56 -22.10 -4.99
N ALA C 236 12.03 -21.68 -6.16
CA ALA C 236 12.77 -20.44 -6.32
C ALA C 236 11.87 -19.21 -6.11
N ASP C 237 10.59 -19.32 -6.49
CA ASP C 237 9.60 -18.29 -6.17
C ASP C 237 9.29 -18.25 -4.67
N LEU C 238 9.11 -19.44 -4.09
CA LEU C 238 8.68 -19.53 -2.70
C LEU C 238 9.78 -19.10 -1.74
N THR C 239 11.03 -19.42 -2.08
CA THR C 239 12.17 -19.01 -1.26
C THR C 239 12.52 -17.52 -1.45
N ARG C 240 11.82 -16.85 -2.36
CA ARG C 240 11.92 -15.41 -2.51
C ARG C 240 11.08 -14.67 -1.46
N MET C 241 10.11 -15.38 -0.87
CA MET C 241 9.17 -14.76 0.08
C MET C 241 9.83 -14.37 1.39
N LYS C 242 9.19 -13.46 2.11
CA LYS C 242 9.64 -13.00 3.43
C LYS C 242 9.61 -14.15 4.44
N PRO C 243 10.59 -14.18 5.35
CA PRO C 243 10.56 -15.11 6.47
C PRO C 243 9.24 -15.05 7.25
N THR C 244 8.49 -13.95 7.10
CA THR C 244 7.25 -13.73 7.84
C THR C 244 5.97 -13.87 7.02
N ALA C 245 6.10 -14.17 5.73
CA ALA C 245 4.94 -14.17 4.83
C ALA C 245 4.02 -15.43 4.87
N LEU C 246 2.76 -15.25 4.48
CA LEU C 246 1.77 -16.33 4.42
C LEU C 246 1.36 -16.71 3.00
N PHE C 247 1.61 -17.97 2.62
CA PHE C 247 1.11 -18.49 1.34
C PHE C 247 -0.25 -19.21 1.50
N VAL C 248 -1.26 -18.75 0.75
CA VAL C 248 -2.59 -19.38 0.76
C VAL C 248 -2.99 -20.03 -0.60
N ASN C 249 -3.30 -21.32 -0.59
CA ASN C 249 -3.78 -22.00 -1.79
C ASN C 249 -5.07 -22.79 -1.53
N THR C 250 -6.21 -22.21 -1.93
CA THR C 250 -7.47 -22.94 -1.91
C THR C 250 -7.95 -23.33 -3.33
N SER C 251 -7.01 -23.36 -4.29
CA SER C 251 -7.33 -23.63 -5.70
CA SER C 251 -7.36 -23.63 -5.69
C SER C 251 -7.16 -25.09 -6.09
N ARG C 252 -5.91 -25.46 -6.43
CA ARG C 252 -5.52 -26.82 -6.79
C ARG C 252 -4.04 -26.93 -6.47
N ALA C 253 -3.62 -28.08 -5.97
CA ALA C 253 -2.26 -28.25 -5.45
C ALA C 253 -1.12 -28.24 -6.47
N GLU C 254 -1.44 -28.47 -7.74
CA GLU C 254 -0.40 -28.75 -8.75
C GLU C 254 0.24 -27.50 -9.36
N LEU C 255 -0.33 -26.32 -9.05
CA LEU C 255 0.25 -25.03 -9.46
C LEU C 255 1.61 -24.80 -8.81
N VAL C 256 1.84 -25.48 -7.69
CA VAL C 256 3.14 -25.54 -7.06
C VAL C 256 3.79 -26.86 -7.47
N GLU C 257 5.07 -26.81 -7.83
CA GLU C 257 5.82 -28.03 -8.13
C GLU C 257 5.89 -28.97 -6.93
N GLU C 258 5.92 -30.27 -7.23
CA GLU C 258 5.79 -31.32 -6.22
C GLU C 258 6.87 -31.23 -5.16
N ASN C 259 6.46 -31.41 -3.90
CA ASN C 259 7.34 -31.28 -2.73
CA ASN C 259 7.31 -31.26 -2.70
C ASN C 259 8.03 -29.91 -2.59
N GLY C 260 7.51 -28.92 -3.32
CA GLY C 260 8.14 -27.59 -3.40
C GLY C 260 7.84 -26.80 -2.16
N MET C 261 6.54 -26.72 -1.85
CA MET C 261 6.04 -26.09 -0.64
C MET C 261 6.73 -26.63 0.61
N VAL C 262 6.82 -27.96 0.71
CA VAL C 262 7.54 -28.64 1.79
C VAL C 262 9.00 -28.19 1.92
N THR C 263 9.72 -28.15 0.80
CA THR C 263 11.13 -27.74 0.81
C THR C 263 11.24 -26.24 1.18
N ALA C 264 10.42 -25.41 0.55
CA ALA C 264 10.32 -23.98 0.86
C ALA C 264 10.11 -23.70 2.35
N LEU C 265 9.10 -24.33 2.94
CA LEU C 265 8.73 -24.15 4.33
C LEU C 265 9.77 -24.69 5.30
N ASN C 266 10.45 -25.78 4.93
CA ASN C 266 11.55 -26.30 5.71
C ASN C 266 12.78 -25.37 5.74
N ARG C 267 12.95 -24.55 4.71
CA ARG C 267 14.05 -23.58 4.69
C ARG C 267 13.71 -22.24 5.37
N GLY C 268 12.42 -21.94 5.49
CA GLY C 268 11.97 -20.78 6.25
C GLY C 268 11.40 -19.62 5.46
N ARG C 269 11.14 -19.82 4.17
CA ARG C 269 10.55 -18.79 3.31
C ARG C 269 9.56 -19.47 2.36
N PRO C 270 8.25 -19.16 2.47
CA PRO C 270 7.54 -18.31 3.44
C PRO C 270 7.57 -18.85 4.86
N GLY C 271 7.02 -18.07 5.80
CA GLY C 271 7.02 -18.49 7.18
C GLY C 271 5.90 -19.45 7.49
N MET C 272 4.80 -19.33 6.74
CA MET C 272 3.57 -20.06 7.03
C MET C 272 2.76 -20.29 5.75
N ALA C 273 1.99 -21.38 5.72
CA ALA C 273 1.03 -21.62 4.67
C ALA C 273 -0.37 -21.97 5.20
N ALA C 274 -1.39 -21.71 4.38
CA ALA C 274 -2.76 -22.17 4.61
C ALA C 274 -3.30 -22.84 3.35
N ILE C 275 -3.55 -24.14 3.45
CA ILE C 275 -3.76 -25.03 2.33
C ILE C 275 -5.08 -25.80 2.50
N ASP C 276 -5.91 -25.76 1.47
CA ASP C 276 -7.22 -26.44 1.45
C ASP C 276 -7.19 -27.59 0.44
N VAL C 277 -6.14 -27.64 -0.36
CA VAL C 277 -6.13 -28.50 -1.55
C VAL C 277 -4.86 -29.31 -1.64
N PHE C 278 -5.01 -30.59 -1.98
CA PHE C 278 -3.87 -31.53 -2.00
C PHE C 278 -3.88 -32.37 -3.28
N GLU C 279 -2.71 -32.84 -3.70
CA GLU C 279 -2.59 -33.72 -4.90
C GLU C 279 -3.52 -34.93 -4.84
N THR C 280 -3.50 -35.61 -3.69
CA THR C 280 -4.28 -36.82 -3.48
C THR C 280 -5.18 -36.61 -2.28
N GLU C 281 -6.49 -36.68 -2.49
CA GLU C 281 -7.46 -36.48 -1.43
C GLU C 281 -8.37 -37.71 -1.28
N PRO C 282 -8.64 -38.15 -0.03
CA PRO C 282 -8.10 -37.77 1.29
C PRO C 282 -6.60 -38.03 1.46
N ILE C 283 -5.98 -37.31 2.39
CA ILE C 283 -4.58 -37.49 2.76
C ILE C 283 -4.49 -38.32 4.06
N LEU C 284 -3.33 -38.94 4.29
CA LEU C 284 -3.10 -39.68 5.54
C LEU C 284 -2.57 -38.77 6.64
N GLN C 285 -2.70 -39.20 7.90
CA GLN C 285 -2.20 -38.42 9.05
C GLN C 285 -0.70 -38.10 9.02
N GLY C 286 0.06 -38.87 8.23
CA GLY C 286 1.52 -38.70 8.12
C GLY C 286 1.91 -37.89 6.91
N HIS C 287 0.95 -37.17 6.35
CA HIS C 287 1.18 -36.31 5.19
C HIS C 287 2.18 -35.24 5.60
N THR C 288 3.24 -35.07 4.81
CA THR C 288 4.35 -34.20 5.19
C THR C 288 3.91 -32.77 5.57
N LEU C 289 3.06 -32.16 4.72
CA LEU C 289 2.46 -30.84 5.00
C LEU C 289 1.65 -30.81 6.28
N LEU C 290 0.77 -31.80 6.45
CA LEU C 290 -0.04 -31.95 7.66
C LEU C 290 0.80 -32.07 8.94
N ARG C 291 2.00 -32.64 8.82
CA ARG C 291 2.91 -32.76 9.97
C ARG C 291 3.53 -31.43 10.41
N MET C 292 3.45 -30.41 9.55
CA MET C 292 4.09 -29.11 9.81
C MET C 292 3.23 -28.11 10.59
N GLU C 293 3.82 -27.64 11.70
CA GLU C 293 3.29 -26.59 12.58
C GLU C 293 2.84 -25.31 11.86
N ASN C 294 3.64 -24.93 10.86
CA ASN C 294 3.40 -23.70 10.13
C ASN C 294 2.72 -23.92 8.78
N CYS C 295 1.91 -24.97 8.71
CA CYS C 295 0.99 -25.15 7.61
C CYS C 295 -0.36 -25.51 8.19
N ILE C 296 -1.35 -24.64 8.00
CA ILE C 296 -2.71 -24.90 8.45
C ILE C 296 -3.42 -25.62 7.31
N CYS C 297 -3.77 -26.88 7.55
CA CYS C 297 -4.38 -27.71 6.50
C CYS C 297 -5.86 -27.96 6.78
N THR C 298 -6.70 -27.64 5.79
CA THR C 298 -8.13 -27.92 5.88
C THR C 298 -8.47 -28.96 4.82
N PRO C 299 -9.48 -29.81 5.07
CA PRO C 299 -9.76 -30.92 4.16
C PRO C 299 -10.71 -30.61 2.97
N HIS C 300 -10.25 -29.78 2.03
CA HIS C 300 -11.04 -29.33 0.87
C HIS C 300 -12.47 -28.93 1.27
N ILE C 301 -12.60 -27.93 2.14
CA ILE C 301 -13.94 -27.54 2.61
C ILE C 301 -14.46 -26.27 1.90
N GLY C 302 -13.67 -25.78 0.95
CA GLY C 302 -14.01 -24.57 0.17
C GLY C 302 -15.46 -24.51 -0.28
N TYR C 303 -15.97 -25.63 -0.80
CA TYR C 303 -17.35 -25.68 -1.30
C TYR C 303 -18.28 -26.45 -0.39
N VAL C 304 -17.75 -26.92 0.74
CA VAL C 304 -18.55 -27.67 1.68
C VAL C 304 -19.21 -26.69 2.61
N GLU C 305 -20.37 -26.20 2.18
CA GLU C 305 -21.10 -25.17 2.88
C GLU C 305 -22.58 -25.41 2.60
N ARG C 306 -23.42 -25.15 3.60
CA ARG C 306 -24.86 -25.43 3.56
C ARG C 306 -25.59 -24.84 2.34
N GLU C 307 -25.12 -23.70 1.84
CA GLU C 307 -25.74 -23.00 0.71
C GLU C 307 -25.14 -23.36 -0.65
N SER C 308 -23.84 -23.65 -0.70
CA SER C 308 -23.27 -24.30 -1.87
C SER C 308 -24.00 -25.63 -2.07
N TYR C 309 -24.10 -26.44 -1.01
CA TYR C 309 -24.73 -27.76 -1.09
C TYR C 309 -26.21 -27.74 -1.53
N GLU C 310 -27.01 -26.84 -0.98
CA GLU C 310 -28.43 -26.74 -1.37
C GLU C 310 -28.58 -26.41 -2.85
N MET C 311 -27.74 -25.52 -3.33
CA MET C 311 -27.79 -25.08 -4.71
C MET C 311 -27.12 -26.08 -5.65
N TYR C 312 -25.86 -26.43 -5.39
CA TYR C 312 -25.06 -27.35 -6.22
C TYR C 312 -25.76 -28.70 -6.47
N PHE C 313 -26.39 -29.25 -5.44
CA PHE C 313 -27.13 -30.50 -5.54
C PHE C 313 -28.59 -30.30 -5.97
N GLY C 314 -29.09 -29.09 -5.83
CA GLY C 314 -30.42 -28.74 -6.33
C GLY C 314 -30.40 -28.78 -7.84
N ILE C 315 -29.35 -28.21 -8.41
CA ILE C 315 -29.15 -28.21 -9.84
C ILE C 315 -28.88 -29.64 -10.38
N ALA C 316 -28.00 -30.39 -9.72
CA ALA C 316 -27.63 -31.75 -10.16
C ALA C 316 -28.77 -32.76 -10.14
N PHE C 317 -29.69 -32.59 -9.18
CA PHE C 317 -30.83 -33.48 -9.07
C PHE C 317 -31.91 -33.09 -10.09
N GLN C 318 -32.09 -31.78 -10.28
CA GLN C 318 -33.05 -31.26 -11.25
C GLN C 318 -32.59 -31.55 -12.68
N ASN C 319 -31.28 -31.53 -12.91
CA ASN C 319 -30.72 -31.93 -14.19
C ASN C 319 -31.08 -33.38 -14.58
N ILE C 320 -31.08 -34.28 -13.60
CA ILE C 320 -31.54 -35.66 -13.77
C ILE C 320 -33.03 -35.67 -14.08
N LEU C 321 -33.78 -34.85 -13.35
CA LEU C 321 -35.22 -34.76 -13.56
C LEU C 321 -35.59 -34.16 -14.92
N ASP C 322 -34.84 -33.17 -15.39
CA ASP C 322 -35.14 -32.59 -16.70
CA ASP C 322 -35.07 -32.56 -16.71
C ASP C 322 -34.72 -33.50 -17.85
N ILE C 323 -33.69 -34.33 -17.64
CA ILE C 323 -33.22 -35.26 -18.66
C ILE C 323 -34.21 -36.41 -18.90
N LEU C 324 -34.93 -36.78 -17.85
CA LEU C 324 -35.97 -37.78 -17.95
C LEU C 324 -37.26 -37.16 -18.46
N GLN C 325 -37.13 -36.03 -19.16
CA GLN C 325 -38.24 -35.34 -19.82
C GLN C 325 -37.84 -34.87 -21.23
N GLY C 326 -36.70 -35.35 -21.72
CA GLY C 326 -36.22 -34.97 -23.05
C GLY C 326 -35.58 -33.59 -23.13
N ASN C 327 -35.72 -32.83 -22.05
CA ASN C 327 -35.05 -31.54 -21.85
C ASN C 327 -33.57 -31.79 -21.61
N VAL C 328 -32.72 -31.42 -22.58
CA VAL C 328 -31.31 -31.83 -22.60
C VAL C 328 -30.30 -30.70 -22.61
N ASP C 329 -30.69 -29.55 -22.06
CA ASP C 329 -29.86 -28.34 -22.05
C ASP C 329 -28.50 -28.52 -21.36
N SER C 330 -28.48 -29.29 -20.28
CA SER C 330 -27.29 -29.47 -19.44
C SER C 330 -26.30 -30.53 -19.92
N VAL C 331 -26.58 -31.16 -21.06
CA VAL C 331 -25.72 -32.24 -21.54
C VAL C 331 -24.46 -31.68 -22.17
N ALA C 332 -23.35 -31.87 -21.46
CA ALA C 332 -22.05 -31.39 -21.91
C ALA C 332 -21.54 -32.15 -23.13
N ASN C 333 -22.04 -33.37 -23.33
CA ASN C 333 -21.67 -34.18 -24.49
C ASN C 333 -22.89 -34.55 -25.36
N PRO C 334 -23.29 -33.64 -26.29
CA PRO C 334 -24.50 -33.84 -27.08
C PRO C 334 -24.42 -35.02 -28.05
N THR C 335 -23.22 -35.33 -28.55
CA THR C 335 -22.95 -36.48 -29.43
C THR C 335 -23.35 -37.82 -28.81
N ALA C 336 -23.39 -37.89 -27.47
CA ALA C 336 -23.84 -39.09 -26.76
C ALA C 336 -25.33 -39.41 -26.95
N LEU C 337 -26.10 -38.42 -27.35
CA LEU C 337 -27.52 -38.63 -27.67
C LEU C 337 -27.76 -39.20 -29.09
N ALA C 338 -26.74 -39.13 -29.94
CA ALA C 338 -26.79 -39.70 -31.31
C ALA C 338 -26.91 -41.23 -31.29
N PRO C 339 -27.54 -41.82 -32.34
CA PRO C 339 -27.71 -43.29 -32.40
C PRO C 339 -26.39 -44.06 -32.36
N ALA C 340 -26.41 -45.22 -31.72
CA ALA C 340 -25.23 -46.07 -31.56
C ALA C 340 -24.50 -46.34 -32.88
N LEU C 341 -25.30 -46.46 -33.95
CA LEU C 341 -24.84 -46.68 -35.32
C LEU C 341 -23.87 -45.63 -35.86
N ILE C 342 -24.09 -44.36 -35.51
CA ILE C 342 -23.31 -43.26 -36.06
C ILE C 342 -22.21 -42.78 -35.11
N ARG C 343 -22.50 -42.78 -33.81
CA ARG C 343 -21.53 -42.35 -32.78
C ARG C 343 -20.42 -43.39 -32.55
N SER D 2 3.29 -18.73 -36.98
CA SER D 2 4.41 -17.77 -36.74
C SER D 2 4.40 -16.62 -37.74
N LEU D 3 4.26 -15.40 -37.22
CA LEU D 3 4.28 -14.20 -38.06
C LEU D 3 5.60 -13.46 -37.86
N LYS D 4 6.01 -12.74 -38.90
CA LYS D 4 7.05 -11.76 -38.74
C LYS D 4 6.39 -10.49 -38.20
N ILE D 5 6.81 -10.09 -37.01
CA ILE D 5 6.28 -8.90 -36.34
C ILE D 5 7.40 -7.87 -36.24
N ALA D 6 7.08 -6.61 -36.49
CA ALA D 6 8.04 -5.55 -36.23
C ALA D 6 7.44 -4.50 -35.32
N VAL D 7 8.25 -4.07 -34.35
CA VAL D 7 7.91 -2.95 -33.47
C VAL D 7 8.77 -1.77 -33.87
N LEU D 8 8.11 -0.66 -34.19
CA LEU D 8 8.76 0.55 -34.67
C LEU D 8 9.00 1.59 -33.56
N ASP D 9 10.08 2.38 -33.72
CA ASP D 9 10.35 3.60 -32.95
C ASP D 9 10.59 3.41 -31.44
N ASP D 10 11.24 2.31 -31.05
CA ASP D 10 11.52 2.05 -29.64
C ASP D 10 12.92 2.56 -29.29
N TYR D 11 13.04 3.87 -29.02
CA TYR D 11 14.36 4.53 -28.93
C TYR D 11 15.33 3.97 -27.91
N GLN D 12 14.82 3.55 -26.75
CA GLN D 12 15.65 3.02 -25.67
C GLN D 12 15.69 1.49 -25.61
N ASP D 13 15.08 0.85 -26.60
CA ASP D 13 15.08 -0.62 -26.75
C ASP D 13 14.44 -1.27 -25.50
N ALA D 14 13.32 -0.70 -25.07
CA ALA D 14 12.66 -1.12 -23.85
C ALA D 14 11.70 -2.27 -24.04
N VAL D 15 11.05 -2.31 -25.21
CA VAL D 15 9.98 -3.27 -25.48
C VAL D 15 10.40 -4.74 -25.27
N ARG D 16 11.61 -5.08 -25.68
CA ARG D 16 12.06 -6.48 -25.64
C ARG D 16 12.41 -6.94 -24.21
N LYS D 17 12.61 -5.99 -23.31
CA LYS D 17 12.95 -6.29 -21.93
C LYS D 17 11.71 -6.31 -21.03
N LEU D 18 10.54 -6.08 -21.62
CA LEU D 18 9.28 -6.11 -20.86
C LEU D 18 8.84 -7.55 -20.56
N ASP D 19 8.15 -7.74 -19.44
CA ASP D 19 7.64 -9.06 -19.09
CA ASP D 19 7.59 -9.04 -19.07
C ASP D 19 6.65 -9.56 -20.15
N CYS D 20 5.82 -8.65 -20.67
CA CYS D 20 4.80 -8.99 -21.67
C CYS D 20 5.33 -9.28 -23.06
N PHE D 21 6.65 -9.15 -23.25
CA PHE D 21 7.29 -9.44 -24.54
C PHE D 21 7.22 -10.93 -24.87
N SER D 22 7.22 -11.77 -23.83
CA SER D 22 7.18 -13.22 -23.99
CA SER D 22 7.18 -13.23 -23.97
C SER D 22 5.84 -13.73 -24.50
N LEU D 23 4.87 -12.82 -24.66
CA LEU D 23 3.60 -13.17 -25.29
C LEU D 23 3.79 -13.49 -26.76
N LEU D 24 4.87 -12.98 -27.35
CA LEU D 24 5.17 -13.18 -28.75
C LEU D 24 6.25 -14.24 -29.00
N GLN D 25 6.41 -15.16 -28.04
CA GLN D 25 7.49 -16.19 -28.09
C GLN D 25 7.41 -17.13 -29.31
N ASP D 26 6.20 -17.39 -29.81
CA ASP D 26 6.00 -18.23 -31.00
C ASP D 26 6.18 -17.50 -32.33
N HIS D 27 6.72 -16.27 -32.29
CA HIS D 27 6.81 -15.44 -33.49
C HIS D 27 8.20 -14.86 -33.66
N GLU D 28 8.47 -14.28 -34.83
CA GLU D 28 9.72 -13.60 -35.10
C GLU D 28 9.56 -12.10 -34.90
N VAL D 29 10.23 -11.56 -33.90
CA VAL D 29 10.05 -10.14 -33.59
C VAL D 29 11.32 -9.36 -33.87
N LYS D 30 11.19 -8.30 -34.64
CA LYS D 30 12.26 -7.32 -34.79
C LYS D 30 11.80 -5.98 -34.20
N VAL D 31 12.62 -5.42 -33.33
CA VAL D 31 12.31 -4.11 -32.77
C VAL D 31 13.33 -3.12 -33.30
N PHE D 32 12.86 -2.04 -33.91
CA PHE D 32 13.74 -0.95 -34.34
C PHE D 32 13.88 0.13 -33.26
N ASN D 33 15.05 0.76 -33.20
CA ASN D 33 15.37 1.71 -32.14
C ASN D 33 15.49 3.17 -32.59
N ASN D 34 15.20 3.44 -33.86
CA ASN D 34 15.18 4.81 -34.38
C ASN D 34 14.06 5.02 -35.39
N THR D 35 13.85 6.27 -35.79
CA THR D 35 12.73 6.63 -36.65
C THR D 35 13.19 7.00 -38.07
N VAL D 36 12.60 6.34 -39.06
CA VAL D 36 12.68 6.79 -40.46
C VAL D 36 11.29 7.27 -40.89
N LYS D 37 11.24 8.45 -41.53
CA LYS D 37 9.97 9.03 -41.99
C LYS D 37 9.74 8.86 -43.50
N GLY D 38 10.84 8.69 -44.24
CA GLY D 38 10.79 8.51 -45.68
C GLY D 38 10.04 7.26 -46.06
N VAL D 39 8.98 7.45 -46.83
CA VAL D 39 8.06 6.39 -47.30
C VAL D 39 8.78 5.21 -47.98
N GLY D 40 9.85 5.52 -48.72
CA GLY D 40 10.68 4.49 -49.34
C GLY D 40 11.56 3.74 -48.36
N GLN D 41 12.19 4.48 -47.45
CA GLN D 41 13.07 3.89 -46.42
C GLN D 41 12.27 3.09 -45.39
N LEU D 42 11.07 3.58 -45.10
CA LEU D 42 10.15 2.92 -44.17
C LEU D 42 9.59 1.62 -44.74
N ALA D 43 9.28 1.62 -46.03
CA ALA D 43 8.82 0.40 -46.73
C ALA D 43 9.89 -0.69 -46.78
N ALA D 44 11.15 -0.30 -46.98
CA ALA D 44 12.26 -1.24 -47.08
C ALA D 44 12.55 -1.94 -45.76
N ARG D 45 12.39 -1.20 -44.66
CA ARG D 45 12.55 -1.74 -43.31
C ARG D 45 11.55 -2.83 -42.97
N VAL D 46 10.31 -2.62 -43.40
CA VAL D 46 9.20 -3.42 -42.92
C VAL D 46 8.57 -4.25 -44.09
N ALA D 47 9.41 -4.52 -45.09
CA ALA D 47 9.01 -5.18 -46.34
C ALA D 47 8.48 -6.61 -46.18
N ASP D 48 9.04 -7.36 -45.23
CA ASP D 48 8.70 -8.76 -45.07
CA ASP D 48 8.71 -8.76 -45.06
C ASP D 48 7.72 -9.05 -43.93
N VAL D 49 7.35 -8.03 -43.16
CA VAL D 49 6.51 -8.27 -41.97
C VAL D 49 5.00 -8.28 -42.23
N GLU D 50 4.30 -9.11 -41.47
CA GLU D 50 2.86 -9.29 -41.60
C GLU D 50 2.10 -8.58 -40.48
N ALA D 51 2.81 -8.35 -39.37
CA ALA D 51 2.22 -7.65 -38.23
C ALA D 51 3.09 -6.49 -37.79
N LEU D 52 2.47 -5.32 -37.71
CA LEU D 52 3.16 -4.09 -37.36
C LEU D 52 2.61 -3.61 -36.02
N VAL D 53 3.52 -3.42 -35.06
CA VAL D 53 3.15 -2.84 -33.77
C VAL D 53 3.69 -1.41 -33.67
N LEU D 54 2.76 -0.47 -33.54
CA LEU D 54 3.10 0.95 -33.47
C LEU D 54 3.06 1.50 -32.04
N ILE D 55 3.91 2.49 -31.79
CA ILE D 55 3.98 3.14 -30.48
C ILE D 55 3.26 4.47 -30.52
N ARG D 56 2.03 4.50 -29.98
CA ARG D 56 1.17 5.67 -30.04
C ARG D 56 1.24 6.33 -31.45
N GLU D 57 1.55 7.63 -31.54
CA GLU D 57 1.58 8.32 -32.84
C GLU D 57 2.98 8.49 -33.41
N ARG D 58 3.95 7.69 -32.97
CA ARG D 58 5.34 7.87 -33.44
C ARG D 58 5.54 7.72 -34.96
N THR D 59 4.78 6.82 -35.57
CA THR D 59 4.85 6.62 -37.04
C THR D 59 3.49 6.81 -37.69
N ARG D 60 3.48 7.57 -38.78
CA ARG D 60 2.29 7.79 -39.59
C ARG D 60 2.16 6.65 -40.60
N VAL D 61 0.94 6.15 -40.77
CA VAL D 61 0.66 5.13 -41.78
C VAL D 61 -0.20 5.74 -42.91
N THR D 62 0.44 6.01 -44.05
CA THR D 62 -0.22 6.62 -45.21
C THR D 62 -0.59 5.60 -46.26
N ARG D 63 -1.52 5.98 -47.13
CA ARG D 63 -1.90 5.17 -48.29
C ARG D 63 -0.68 4.79 -49.13
N GLN D 64 0.19 5.77 -49.39
CA GLN D 64 1.39 5.52 -50.19
C GLN D 64 2.46 4.67 -49.48
N LEU D 65 2.29 4.44 -48.19
CA LEU D 65 3.16 3.49 -47.48
C LEU D 65 2.66 2.07 -47.72
N LEU D 66 1.36 1.90 -47.53
CA LEU D 66 0.71 0.61 -47.59
C LEU D 66 0.76 0.01 -49.00
N ASP D 67 0.71 0.89 -50.00
CA ASP D 67 0.90 0.53 -51.42
C ASP D 67 2.23 -0.17 -51.67
N ARG D 68 3.23 0.18 -50.87
CA ARG D 68 4.56 -0.40 -51.00
C ARG D 68 4.80 -1.61 -50.08
N LEU D 69 3.74 -2.10 -49.44
CA LEU D 69 3.83 -3.21 -48.48
C LEU D 69 2.78 -4.31 -48.71
N PRO D 70 3.08 -5.26 -49.64
CA PRO D 70 2.11 -6.30 -50.01
C PRO D 70 1.81 -7.33 -48.91
N LYS D 71 2.81 -7.64 -48.08
CA LYS D 71 2.71 -8.71 -47.09
C LYS D 71 2.04 -8.33 -45.77
N LEU D 72 1.80 -7.03 -45.56
CA LEU D 72 1.25 -6.56 -44.29
C LEU D 72 -0.21 -6.93 -44.09
N LYS D 73 -0.50 -7.56 -42.96
CA LYS D 73 -1.85 -8.02 -42.65
C LYS D 73 -2.44 -7.34 -41.40
N ILE D 74 -1.56 -7.02 -40.43
CA ILE D 74 -2.02 -6.53 -39.13
C ILE D 74 -1.29 -5.24 -38.74
N ILE D 75 -2.04 -4.25 -38.27
CA ILE D 75 -1.44 -3.10 -37.58
C ILE D 75 -2.00 -3.09 -36.15
N SER D 76 -1.11 -3.29 -35.18
CA SER D 76 -1.51 -3.36 -33.78
C SER D 76 -1.10 -2.08 -33.07
N GLN D 77 -2.09 -1.27 -32.72
CA GLN D 77 -1.86 0.00 -32.07
C GLN D 77 -1.85 -0.12 -30.55
N THR D 78 -0.78 0.39 -29.93
CA THR D 78 -0.76 0.61 -28.48
C THR D 78 -1.59 1.87 -28.22
N GLY D 79 -2.49 1.80 -27.24
CA GLY D 79 -3.35 2.94 -26.95
C GLY D 79 -4.50 2.99 -27.91
N ARG D 80 -5.17 4.13 -27.98
CA ARG D 80 -6.37 4.26 -28.80
CA ARG D 80 -6.38 4.27 -28.80
C ARG D 80 -6.07 4.60 -30.26
N VAL D 81 -7.06 4.36 -31.12
CA VAL D 81 -7.02 4.68 -32.55
C VAL D 81 -8.05 5.78 -32.76
N SER D 82 -7.64 6.93 -33.27
CA SER D 82 -8.58 8.05 -33.44
C SER D 82 -9.25 8.00 -34.79
N ARG D 83 -10.57 8.18 -34.79
CA ARG D 83 -11.39 8.15 -36.00
C ARG D 83 -11.55 9.55 -36.60
N ASP D 84 -10.70 10.48 -36.14
CA ASP D 84 -10.74 11.88 -36.58
CA ASP D 84 -10.76 11.87 -36.59
C ASP D 84 -10.25 12.07 -38.00
N ALA D 85 -10.57 13.22 -38.59
CA ALA D 85 -10.15 13.57 -39.96
C ALA D 85 -8.62 13.67 -40.09
N GLY D 86 -7.95 14.00 -38.99
CA GLY D 86 -6.49 13.90 -38.89
C GLY D 86 -6.07 12.45 -38.87
N GLY D 87 -5.71 11.93 -37.69
CA GLY D 87 -5.40 10.51 -37.48
C GLY D 87 -4.15 9.99 -38.17
N HIS D 88 -3.20 9.51 -37.37
CA HIS D 88 -1.91 9.06 -37.89
C HIS D 88 -1.97 7.74 -38.70
N ILE D 89 -3.13 7.07 -38.71
CA ILE D 89 -3.36 5.93 -39.59
C ILE D 89 -4.53 6.20 -40.56
N ASP D 90 -4.27 6.07 -41.86
CA ASP D 90 -5.33 6.07 -42.87
C ASP D 90 -6.10 4.75 -42.76
N LEU D 91 -7.18 4.76 -41.98
CA LEU D 91 -7.97 3.56 -41.72
C LEU D 91 -8.70 3.04 -42.96
N GLU D 92 -9.11 3.96 -43.83
CA GLU D 92 -9.73 3.62 -45.12
C GLU D 92 -8.78 2.89 -46.05
N ALA D 93 -7.54 3.37 -46.15
CA ALA D 93 -6.49 2.69 -46.92
C ALA D 93 -6.22 1.27 -46.38
N CYS D 94 -6.22 1.14 -45.06
CA CYS D 94 -6.05 -0.16 -44.40
C CYS D 94 -7.14 -1.13 -44.80
N THR D 95 -8.38 -0.66 -44.77
CA THR D 95 -9.52 -1.46 -45.19
C THR D 95 -9.39 -1.90 -46.65
N ASP D 96 -9.11 -0.94 -47.55
CA ASP D 96 -8.91 -1.21 -48.98
C ASP D 96 -7.83 -2.26 -49.29
N LYS D 97 -6.79 -2.29 -48.46
CA LYS D 97 -5.69 -3.25 -48.63
C LYS D 97 -5.87 -4.52 -47.81
N GLY D 98 -7.00 -4.62 -47.10
CA GLY D 98 -7.31 -5.75 -46.24
C GLY D 98 -6.47 -5.88 -44.97
N VAL D 99 -5.88 -4.78 -44.52
CA VAL D 99 -5.08 -4.74 -43.29
C VAL D 99 -5.98 -4.39 -42.11
N VAL D 100 -6.04 -5.30 -41.12
CA VAL D 100 -6.78 -5.03 -39.89
C VAL D 100 -5.98 -4.15 -38.92
N VAL D 101 -6.68 -3.17 -38.35
CA VAL D 101 -6.07 -2.28 -37.36
C VAL D 101 -6.64 -2.64 -35.99
N LEU D 102 -5.74 -3.03 -35.07
CA LEU D 102 -6.15 -3.40 -33.72
C LEU D 102 -5.95 -2.22 -32.76
N GLU D 103 -7.03 -1.85 -32.08
CA GLU D 103 -7.01 -0.78 -31.11
C GLU D 103 -6.70 -1.35 -29.73
N GLY D 104 -5.79 -0.69 -29.02
CA GLY D 104 -5.52 -1.02 -27.63
C GLY D 104 -6.23 -0.08 -26.66
N LYS D 105 -5.83 -0.14 -25.40
CA LYS D 105 -6.37 0.73 -24.35
C LYS D 105 -5.27 1.54 -23.68
N GLY D 106 -5.62 2.77 -23.28
CA GLY D 106 -4.70 3.67 -22.59
C GLY D 106 -4.93 3.84 -21.09
N SER D 107 -4.04 4.59 -20.44
CA SER D 107 -4.14 4.87 -19.00
C SER D 107 -3.68 6.32 -18.76
N PRO D 108 -4.41 7.06 -17.92
CA PRO D 108 -4.05 8.46 -17.66
C PRO D 108 -2.92 8.68 -16.63
N VAL D 109 -2.50 7.64 -15.91
CA VAL D 109 -1.65 7.81 -14.72
C VAL D 109 -0.25 8.33 -15.07
N ALA D 110 0.45 7.61 -15.93
CA ALA D 110 1.82 8.01 -16.30
C ALA D 110 1.94 9.43 -16.91
N PRO D 111 1.09 9.79 -17.92
CA PRO D 111 1.18 11.18 -18.39
C PRO D 111 0.75 12.23 -17.34
N ALA D 112 -0.17 11.90 -16.44
CA ALA D 112 -0.54 12.85 -15.38
C ALA D 112 0.61 13.05 -14.41
N GLU D 113 1.32 11.97 -14.07
CA GLU D 113 2.43 12.10 -13.14
C GLU D 113 3.58 12.86 -13.82
N LEU D 114 3.81 12.60 -15.10
CA LEU D 114 4.84 13.34 -15.86
C LEU D 114 4.48 14.83 -15.93
N THR D 115 3.21 15.13 -16.12
CA THR D 115 2.78 16.53 -16.10
C THR D 115 3.18 17.16 -14.78
N TRP D 116 2.86 16.50 -13.65
CA TRP D 116 3.22 17.08 -12.37
C TRP D 116 4.73 17.17 -12.15
N ALA D 117 5.45 16.16 -12.60
CA ALA D 117 6.91 16.19 -12.55
C ALA D 117 7.47 17.44 -13.28
N LEU D 118 6.94 17.80 -14.46
CA LEU D 118 7.33 19.03 -15.15
C LEU D 118 6.91 20.31 -14.41
N VAL D 119 5.67 20.33 -13.87
CA VAL D 119 5.26 21.48 -13.10
C VAL D 119 6.25 21.74 -11.99
N MET D 120 6.63 20.68 -11.26
CA MET D 120 7.53 20.82 -10.11
C MET D 120 8.98 21.13 -10.55
N ALA D 121 9.44 20.45 -11.58
CA ALA D 121 10.78 20.69 -12.15
C ALA D 121 10.93 22.12 -12.64
N ALA D 122 9.89 22.64 -13.30
CA ALA D 122 9.93 24.01 -13.76
C ALA D 122 9.84 24.99 -12.63
N GLN D 123 8.86 24.82 -11.73
CA GLN D 123 8.73 25.79 -10.63
C GLN D 123 9.91 25.85 -9.67
N ARG D 124 10.69 24.80 -9.57
CA ARG D 124 11.90 24.86 -8.78
C ARG D 124 13.19 24.94 -9.59
N ARG D 125 13.05 25.13 -10.90
CA ARG D 125 14.18 25.37 -11.83
C ARG D 125 15.24 24.27 -11.69
N ILE D 126 14.74 23.04 -11.54
CA ILE D 126 15.55 21.87 -11.24
CA ILE D 126 15.55 21.86 -11.23
C ILE D 126 16.57 21.57 -12.32
N PRO D 127 16.13 21.42 -13.61
CA PRO D 127 17.19 21.12 -14.60
C PRO D 127 18.25 22.23 -14.69
N GLN D 128 17.83 23.48 -14.62
CA GLN D 128 18.73 24.62 -14.64
C GLN D 128 19.76 24.58 -13.49
N TYR D 129 19.28 24.35 -12.28
CA TYR D 129 20.15 24.27 -11.10
C TYR D 129 21.08 23.06 -11.20
N VAL D 130 20.54 21.92 -11.63
CA VAL D 130 21.31 20.66 -11.77
C VAL D 130 22.45 20.80 -12.79
N ALA D 131 22.16 21.37 -13.95
CA ALA D 131 23.12 21.52 -15.03
C ALA D 131 24.20 22.50 -14.67
N SER D 132 23.81 23.59 -14.00
CA SER D 132 24.74 24.61 -13.54
C SER D 132 25.70 24.04 -12.51
N LEU D 133 25.16 23.26 -11.57
CA LEU D 133 25.99 22.66 -10.51
C LEU D 133 27.03 21.72 -11.13
N LYS D 134 26.59 20.92 -12.09
CA LYS D 134 27.49 20.01 -12.85
C LYS D 134 28.62 20.77 -13.57
N HIS D 135 28.33 22.01 -13.95
CA HIS D 135 29.31 22.87 -14.64
C HIS D 135 30.12 23.75 -13.68
N GLY D 136 29.92 23.55 -12.38
CA GLY D 136 30.71 24.26 -11.39
C GLY D 136 30.12 25.54 -10.84
N ALA D 137 28.86 25.81 -11.14
CA ALA D 137 28.20 26.99 -10.61
C ALA D 137 27.29 26.60 -9.44
N TRP D 138 27.56 27.16 -8.27
CA TRP D 138 26.81 26.77 -7.10
C TRP D 138 25.58 27.65 -6.96
N GLN D 139 24.44 27.01 -7.04
CA GLN D 139 23.15 27.64 -6.76
C GLN D 139 22.89 28.77 -7.73
N GLN D 140 23.02 28.44 -9.01
CA GLN D 140 22.73 29.33 -10.12
C GLN D 140 21.79 28.58 -11.03
N SER D 141 20.63 29.16 -11.30
CA SER D 141 19.72 28.55 -12.25
C SER D 141 20.07 29.06 -13.65
N GLY D 142 20.77 30.19 -13.71
CA GLY D 142 21.23 30.73 -14.98
C GLY D 142 20.15 31.40 -15.80
N LEU D 143 19.03 31.75 -15.18
CA LEU D 143 18.00 32.53 -15.84
C LEU D 143 18.48 33.97 -15.79
N LYS D 144 19.22 34.33 -16.84
CA LYS D 144 19.99 35.58 -16.85
C LYS D 144 19.39 36.70 -17.72
N SER D 145 18.10 36.59 -18.05
CA SER D 145 17.41 37.67 -18.79
C SER D 145 17.20 38.90 -17.93
N THR D 146 17.22 40.06 -18.57
CA THR D 146 17.16 41.35 -17.89
C THR D 146 15.72 41.85 -17.82
N THR D 147 14.86 41.18 -18.57
CA THR D 147 13.45 41.54 -18.67
C THR D 147 12.53 40.63 -17.84
N MET D 148 13.10 39.63 -17.17
CA MET D 148 12.33 38.72 -16.30
C MET D 148 11.89 39.40 -14.99
N PRO D 149 10.80 38.92 -14.34
CA PRO D 149 10.46 39.45 -13.01
C PRO D 149 11.64 39.29 -12.04
N PRO D 150 11.72 40.17 -11.00
CA PRO D 150 12.78 40.10 -9.99
C PRO D 150 12.75 38.75 -9.30
N ASN D 151 13.92 38.15 -9.14
CA ASN D 151 14.06 36.83 -8.50
C ASN D 151 13.38 35.65 -9.23
N PHE D 152 13.13 35.81 -10.51
CA PHE D 152 12.52 34.73 -11.29
C PHE D 152 13.45 33.51 -11.38
N GLY D 153 14.75 33.71 -11.19
CA GLY D 153 15.69 32.57 -11.21
C GLY D 153 15.62 31.68 -9.96
N ILE D 154 14.93 32.11 -8.90
CA ILE D 154 14.76 31.22 -7.76
C ILE D 154 13.39 30.52 -7.78
N GLY D 155 13.26 29.43 -7.02
CA GLY D 155 12.07 28.58 -7.03
C GLY D 155 10.84 29.28 -6.49
N ARG D 156 9.69 28.64 -6.67
CA ARG D 156 8.40 29.22 -6.32
C ARG D 156 7.57 28.09 -5.72
N VAL D 157 6.99 28.29 -4.53
CA VAL D 157 6.09 27.26 -3.99
C VAL D 157 4.77 27.20 -4.73
N LEU D 158 4.13 26.03 -4.65
CA LEU D 158 2.89 25.80 -5.36
C LEU D 158 1.73 26.20 -4.44
N LYS D 159 1.90 25.91 -3.14
CA LYS D 159 0.88 26.21 -2.14
C LYS D 159 0.40 27.64 -2.27
N GLY D 160 -0.91 27.80 -2.37
CA GLY D 160 -1.50 29.13 -2.46
C GLY D 160 -1.57 29.69 -3.86
N GLN D 161 -0.89 29.07 -4.82
CA GLN D 161 -0.96 29.60 -6.20
C GLN D 161 -2.11 29.02 -6.98
N THR D 162 -2.46 29.68 -8.09
CA THR D 162 -3.53 29.22 -8.96
C THR D 162 -3.08 28.23 -10.03
N LEU D 163 -3.73 27.07 -10.01
CA LEU D 163 -3.54 26.05 -11.03
C LEU D 163 -4.67 26.08 -12.03
N GLY D 164 -4.33 26.51 -13.24
CA GLY D 164 -5.27 26.48 -14.35
C GLY D 164 -5.24 25.17 -15.08
N ILE D 165 -6.41 24.55 -15.23
CA ILE D 165 -6.53 23.30 -15.96
C ILE D 165 -7.42 23.51 -17.19
N PHE D 166 -6.82 23.39 -18.37
CA PHE D 166 -7.57 23.49 -19.64
C PHE D 166 -7.92 22.08 -20.13
N GLY D 167 -9.17 21.65 -19.87
CA GLY D 167 -9.65 20.33 -20.28
C GLY D 167 -9.70 19.40 -19.09
N TYR D 168 -10.86 18.80 -18.84
CA TYR D 168 -11.09 18.03 -17.62
C TYR D 168 -11.45 16.55 -17.90
N GLY D 169 -10.66 15.90 -18.73
CA GLY D 169 -10.83 14.48 -18.99
C GLY D 169 -10.07 13.75 -17.89
N LYS D 170 -9.60 12.54 -18.17
CA LYS D 170 -9.02 11.69 -17.12
C LYS D 170 -7.72 12.23 -16.60
N ILE D 171 -6.89 12.71 -17.52
CA ILE D 171 -5.60 13.31 -17.13
C ILE D 171 -5.79 14.64 -16.39
N GLY D 172 -6.63 15.53 -16.90
CA GLY D 172 -6.85 16.81 -16.22
C GLY D 172 -7.40 16.60 -14.80
N GLN D 173 -8.27 15.60 -14.63
CA GLN D 173 -8.85 15.27 -13.33
C GLN D 173 -7.77 14.85 -12.34
N LEU D 174 -6.82 14.04 -12.80
CA LEU D 174 -5.74 13.66 -11.94
C LEU D 174 -4.85 14.86 -11.56
N VAL D 175 -4.53 15.70 -12.54
CA VAL D 175 -3.64 16.84 -12.33
C VAL D 175 -4.30 17.84 -11.38
N ALA D 176 -5.61 18.04 -11.54
CA ALA D 176 -6.37 18.84 -10.58
C ALA D 176 -6.23 18.32 -9.16
N GLY D 177 -6.35 17.01 -8.98
CA GLY D 177 -6.14 16.34 -7.69
C GLY D 177 -4.76 16.58 -7.07
N TYR D 178 -3.72 16.58 -7.90
CA TYR D 178 -2.38 16.90 -7.40
C TYR D 178 -2.32 18.36 -6.96
N GLY D 179 -2.91 19.25 -7.75
CA GLY D 179 -2.98 20.66 -7.36
C GLY D 179 -3.62 20.83 -5.99
N ARG D 180 -4.74 20.16 -5.80
CA ARG D 180 -5.43 20.22 -4.50
CA ARG D 180 -5.43 20.19 -4.50
C ARG D 180 -4.54 19.71 -3.37
N ALA D 181 -3.86 18.58 -3.59
CA ALA D 181 -2.94 17.99 -2.61
C ALA D 181 -1.78 18.89 -2.22
N PHE D 182 -1.35 19.75 -3.13
CA PHE D 182 -0.30 20.71 -2.80
C PHE D 182 -0.82 22.05 -2.27
N GLY D 183 -2.11 22.16 -2.04
CA GLY D 183 -2.61 23.42 -1.52
C GLY D 183 -2.78 24.51 -2.56
N MET D 184 -2.92 24.12 -3.84
CA MET D 184 -3.11 25.11 -4.90
C MET D 184 -4.60 25.45 -5.04
N ASN D 185 -4.90 26.63 -5.57
CA ASN D 185 -6.26 26.99 -5.96
C ASN D 185 -6.47 26.59 -7.42
N VAL D 186 -7.17 25.47 -7.60
CA VAL D 186 -7.40 24.91 -8.90
C VAL D 186 -8.50 25.68 -9.65
N LEU D 187 -8.21 26.05 -10.90
CA LEU D 187 -9.20 26.72 -11.76
C LEU D 187 -9.38 25.95 -13.08
N VAL D 188 -10.58 25.43 -13.31
CA VAL D 188 -10.80 24.56 -14.47
C VAL D 188 -11.53 25.26 -15.60
N TRP D 189 -11.00 25.14 -16.81
CA TRP D 189 -11.71 25.60 -18.01
C TRP D 189 -11.93 24.51 -19.06
N GLY D 190 -13.10 24.58 -19.71
CA GLY D 190 -13.44 23.67 -20.79
C GLY D 190 -14.87 23.85 -21.26
N ARG D 191 -15.37 22.83 -21.96
CA ARG D 191 -16.78 22.74 -22.37
C ARG D 191 -17.68 22.58 -21.16
N GLU D 192 -18.98 22.82 -21.34
CA GLU D 192 -19.94 22.72 -20.24
C GLU D 192 -19.86 21.44 -19.40
N ASN D 193 -19.83 20.27 -20.02
CA ASN D 193 -19.83 19.03 -19.24
CA ASN D 193 -19.83 19.02 -19.27
C ASN D 193 -18.54 18.81 -18.45
N SER D 194 -17.42 19.35 -18.94
CA SER D 194 -16.17 19.36 -18.18
C SER D 194 -16.29 20.30 -16.98
N LYS D 195 -16.81 21.49 -17.21
CA LYS D 195 -17.00 22.45 -16.12
C LYS D 195 -17.95 21.92 -15.06
N GLU D 196 -18.98 21.17 -15.47
CA GLU D 196 -19.94 20.61 -14.50
C GLU D 196 -19.30 19.53 -13.62
N ARG D 197 -18.52 18.66 -14.25
CA ARG D 197 -17.79 17.62 -13.54
C ARG D 197 -16.76 18.21 -12.57
N ALA D 198 -16.10 19.28 -12.99
CA ALA D 198 -15.19 20.03 -12.12
C ALA D 198 -15.90 20.65 -10.90
N ARG D 199 -17.00 21.37 -11.13
CA ARG D 199 -17.74 21.92 -10.00
C ARG D 199 -18.18 20.82 -9.00
N ALA D 200 -18.59 19.65 -9.52
CA ALA D 200 -19.06 18.55 -8.66
C ALA D 200 -17.91 17.94 -7.86
N ASP D 201 -16.70 17.98 -8.44
CA ASP D 201 -15.49 17.50 -7.81
C ASP D 201 -14.89 18.53 -6.86
N GLY D 202 -15.55 19.69 -6.75
CA GLY D 202 -15.17 20.70 -5.77
C GLY D 202 -14.24 21.77 -6.29
N PHE D 203 -14.08 21.84 -7.61
CA PHE D 203 -13.18 22.85 -8.18
C PHE D 203 -13.89 24.08 -8.70
N ALA D 204 -13.25 25.22 -8.50
CA ALA D 204 -13.60 26.46 -9.15
C ALA D 204 -13.40 26.31 -10.67
N VAL D 205 -14.27 26.97 -11.41
CA VAL D 205 -14.17 27.01 -12.87
C VAL D 205 -14.08 28.43 -13.40
N ALA D 206 -13.38 28.59 -14.52
CA ALA D 206 -13.18 29.88 -15.12
C ALA D 206 -14.45 30.26 -15.89
N GLU D 207 -14.81 31.54 -15.82
CA GLU D 207 -15.96 32.09 -16.54
C GLU D 207 -15.69 32.23 -18.04
N SER D 208 -14.41 32.34 -18.41
CA SER D 208 -14.00 32.51 -19.80
C SER D 208 -12.61 31.96 -19.94
N LYS D 209 -12.20 31.76 -21.19
CA LYS D 209 -10.83 31.36 -21.53
C LYS D 209 -9.84 32.45 -21.13
N ASP D 210 -10.20 33.69 -21.41
CA ASP D 210 -9.56 34.92 -20.91
C ASP D 210 -9.22 34.83 -19.41
N ALA D 211 -10.22 34.52 -18.58
CA ALA D 211 -10.03 34.40 -17.14
C ALA D 211 -9.02 33.30 -16.79
N LEU D 212 -9.08 32.16 -17.49
CA LEU D 212 -8.14 31.07 -17.25
C LEU D 212 -6.69 31.50 -17.51
N PHE D 213 -6.44 32.14 -18.65
CA PHE D 213 -5.08 32.56 -19.03
C PHE D 213 -4.53 33.68 -18.15
N GLU D 214 -5.40 34.65 -17.83
CA GLU D 214 -5.04 35.77 -16.94
C GLU D 214 -4.76 35.40 -15.48
N GLN D 215 -5.51 34.43 -14.93
CA GLN D 215 -5.46 34.17 -13.49
C GLN D 215 -4.54 33.03 -13.04
N SER D 216 -4.10 32.18 -13.96
CA SER D 216 -3.30 31.00 -13.61
C SER D 216 -1.86 31.40 -13.31
N ASP D 217 -1.28 30.76 -12.30
CA ASP D 217 0.14 30.89 -12.04
C ASP D 217 0.88 29.74 -12.70
N VAL D 218 0.22 28.59 -12.74
CA VAL D 218 0.62 27.44 -13.55
C VAL D 218 -0.59 27.07 -14.39
N LEU D 219 -0.41 27.00 -15.69
CA LEU D 219 -1.49 26.60 -16.59
C LEU D 219 -1.10 25.37 -17.38
N SER D 220 -1.90 24.33 -17.22
CA SER D 220 -1.64 23.05 -17.86
C SER D 220 -2.76 22.62 -18.78
N VAL D 221 -2.37 22.17 -19.97
CA VAL D 221 -3.32 21.85 -21.04
C VAL D 221 -3.60 20.36 -21.10
N HIS D 222 -4.87 19.99 -21.00
CA HIS D 222 -5.26 18.58 -20.98
C HIS D 222 -6.43 18.25 -21.89
N LEU D 223 -6.22 18.54 -23.17
CA LEU D 223 -7.21 18.31 -24.21
C LEU D 223 -6.72 17.25 -25.17
N ARG D 224 -7.66 16.47 -25.70
CA ARG D 224 -7.40 15.67 -26.88
C ARG D 224 -7.44 16.58 -28.12
N LEU D 225 -6.63 16.25 -29.11
CA LEU D 225 -6.58 16.97 -30.35
C LEU D 225 -7.70 16.50 -31.29
N ASN D 226 -8.50 17.45 -31.74
CA ASN D 226 -9.61 17.18 -32.65
C ASN D 226 -9.89 18.42 -33.50
N ASP D 227 -10.90 18.36 -34.37
CA ASP D 227 -11.25 19.49 -35.27
C ASP D 227 -11.54 20.82 -34.57
N GLU D 228 -11.92 20.77 -33.29
CA GLU D 228 -12.27 21.99 -32.56
C GLU D 228 -11.13 22.49 -31.67
N THR D 229 -10.36 21.58 -31.08
CA THR D 229 -9.29 21.93 -30.14
C THR D 229 -7.94 22.22 -30.83
N ARG D 230 -7.82 21.83 -32.10
CA ARG D 230 -6.65 22.21 -32.87
C ARG D 230 -6.55 23.73 -32.90
N SER D 231 -5.33 24.24 -32.70
CA SER D 231 -5.08 25.69 -32.63
C SER D 231 -6.03 26.47 -31.73
N ILE D 232 -6.37 25.90 -30.58
CA ILE D 232 -7.26 26.55 -29.64
C ILE D 232 -6.52 27.58 -28.75
N ILE D 233 -5.20 27.47 -28.68
CA ILE D 233 -4.41 28.40 -27.88
C ILE D 233 -3.60 29.24 -28.83
N THR D 234 -3.82 30.55 -28.78
CA THR D 234 -3.13 31.48 -29.67
C THR D 234 -2.03 32.28 -28.91
N VAL D 235 -1.22 33.06 -29.63
CA VAL D 235 -0.24 33.96 -28.99
CA VAL D 235 -0.26 33.99 -29.00
C VAL D 235 -0.95 34.95 -28.08
N ALA D 236 -2.13 35.40 -28.49
CA ALA D 236 -2.91 36.36 -27.72
C ALA D 236 -3.40 35.78 -26.40
N ASP D 237 -3.72 34.48 -26.41
CA ASP D 237 -3.98 33.73 -25.16
C ASP D 237 -2.77 33.69 -24.24
N LEU D 238 -1.62 33.36 -24.82
CA LEU D 238 -0.41 33.18 -24.05
C LEU D 238 0.07 34.50 -23.47
N THR D 239 -0.08 35.62 -24.20
CA THR D 239 0.36 36.93 -23.69
C THR D 239 -0.62 37.58 -22.74
N ARG D 240 -1.77 36.93 -22.54
CA ARG D 240 -2.60 37.24 -21.39
C ARG D 240 -2.08 36.62 -20.07
N MET D 241 -1.16 35.66 -20.15
CA MET D 241 -0.58 35.02 -18.95
C MET D 241 0.31 36.01 -18.19
N LYS D 242 0.46 35.79 -16.90
CA LYS D 242 1.29 36.66 -16.09
C LYS D 242 2.75 36.48 -16.54
N PRO D 243 3.56 37.53 -16.46
CA PRO D 243 5.02 37.42 -16.71
C PRO D 243 5.73 36.44 -15.74
N THR D 244 5.07 36.09 -14.63
CA THR D 244 5.56 35.11 -13.63
C THR D 244 5.03 33.69 -13.84
N ALA D 245 4.08 33.53 -14.77
CA ALA D 245 3.37 32.27 -15.00
C ALA D 245 4.15 31.20 -15.76
N LEU D 246 3.77 29.95 -15.53
CA LEU D 246 4.28 28.77 -16.19
C LEU D 246 3.18 28.14 -17.04
N PHE D 247 3.51 27.89 -18.31
CA PHE D 247 2.60 27.19 -19.22
C PHE D 247 3.09 25.76 -19.41
N VAL D 248 2.23 24.78 -19.17
CA VAL D 248 2.62 23.37 -19.34
C VAL D 248 1.80 22.70 -20.45
N ASN D 249 2.48 22.00 -21.35
CA ASN D 249 1.77 21.22 -22.37
C ASN D 249 2.37 19.85 -22.54
N THR D 250 1.65 18.86 -22.05
CA THR D 250 2.02 17.46 -22.22
C THR D 250 1.03 16.74 -23.11
N SER D 251 0.06 17.49 -23.66
CA SER D 251 -0.98 16.88 -24.49
C SER D 251 -0.56 16.76 -25.96
N ARG D 252 -0.83 17.76 -26.77
CA ARG D 252 -0.41 17.72 -28.19
C ARG D 252 0.08 19.10 -28.58
N ALA D 253 1.16 19.17 -29.34
CA ALA D 253 1.71 20.47 -29.76
C ALA D 253 0.69 21.32 -30.53
N GLU D 254 -0.14 20.66 -31.32
CA GLU D 254 -1.02 21.30 -32.30
C GLU D 254 -2.24 21.97 -31.65
N LEU D 255 -2.39 21.80 -30.33
CA LEU D 255 -3.39 22.61 -29.58
C LEU D 255 -3.00 24.09 -29.55
N VAL D 256 -1.69 24.34 -29.70
CA VAL D 256 -1.16 25.70 -29.68
C VAL D 256 -0.81 26.06 -31.12
N GLU D 257 -1.19 27.27 -31.53
CA GLU D 257 -0.90 27.76 -32.88
C GLU D 257 0.60 27.79 -33.14
N GLU D 258 0.98 27.35 -34.34
CA GLU D 258 2.40 27.23 -34.71
C GLU D 258 3.12 28.55 -34.49
N ASN D 259 4.32 28.44 -33.90
CA ASN D 259 5.18 29.58 -33.52
CA ASN D 259 5.19 29.56 -33.49
C ASN D 259 4.63 30.44 -32.38
N GLY D 260 3.43 30.09 -31.90
CA GLY D 260 2.75 30.85 -30.87
C GLY D 260 3.50 30.88 -29.55
N MET D 261 4.00 29.72 -29.14
CA MET D 261 4.72 29.60 -27.87
C MET D 261 6.06 30.33 -27.90
N VAL D 262 6.84 30.13 -28.97
CA VAL D 262 8.12 30.84 -29.14
C VAL D 262 7.91 32.36 -29.07
N THR D 263 6.96 32.86 -29.85
CA THR D 263 6.63 34.29 -29.92
C THR D 263 6.28 34.86 -28.55
N ALA D 264 5.33 34.22 -27.87
CA ALA D 264 4.92 34.58 -26.52
C ALA D 264 6.09 34.59 -25.51
N LEU D 265 6.86 33.51 -25.46
CA LEU D 265 7.98 33.47 -24.52
C LEU D 265 8.98 34.58 -24.80
N ASN D 266 9.25 34.86 -26.07
CA ASN D 266 10.09 35.99 -26.47
C ASN D 266 9.52 37.37 -26.07
N ARG D 267 8.22 37.44 -25.83
CA ARG D 267 7.58 38.67 -25.36
CA ARG D 267 7.57 38.66 -25.36
C ARG D 267 7.36 38.68 -23.84
N GLY D 268 7.98 37.74 -23.14
CA GLY D 268 7.92 37.67 -21.67
C GLY D 268 6.64 37.16 -21.00
N ARG D 269 5.69 36.65 -21.78
CA ARG D 269 4.39 36.23 -21.23
C ARG D 269 3.86 34.97 -21.95
N PRO D 270 3.90 33.78 -21.30
CA PRO D 270 4.30 33.44 -19.92
C PRO D 270 5.79 33.62 -19.65
N GLY D 271 6.16 33.60 -18.37
CA GLY D 271 7.54 33.72 -17.99
C GLY D 271 8.29 32.44 -18.28
N MET D 272 7.61 31.30 -18.22
CA MET D 272 8.27 30.01 -18.43
C MET D 272 7.34 29.02 -19.10
N ALA D 273 7.91 28.03 -19.75
CA ALA D 273 7.11 26.92 -20.27
C ALA D 273 7.75 25.58 -19.99
N ALA D 274 6.90 24.57 -19.86
CA ALA D 274 7.38 23.18 -19.81
C ALA D 274 6.57 22.32 -20.80
N ILE D 275 7.28 21.75 -21.76
CA ILE D 275 6.66 21.17 -22.92
C ILE D 275 7.19 19.77 -23.18
N ASP D 276 6.27 18.81 -23.32
CA ASP D 276 6.68 17.43 -23.56
C ASP D 276 6.41 17.00 -25.01
N VAL D 277 5.76 17.88 -25.79
CA VAL D 277 5.26 17.50 -27.11
C VAL D 277 5.59 18.54 -28.17
N PHE D 278 5.89 18.09 -29.39
CA PHE D 278 6.41 18.95 -30.44
C PHE D 278 5.75 18.63 -31.78
N GLU D 279 5.74 19.61 -32.68
CA GLU D 279 5.10 19.50 -33.98
C GLU D 279 5.72 18.36 -34.80
N THR D 280 7.04 18.28 -34.76
CA THR D 280 7.78 17.27 -35.49
C THR D 280 8.66 16.56 -34.49
N GLU D 281 8.46 15.25 -34.34
CA GLU D 281 9.29 14.47 -33.43
C GLU D 281 9.92 13.31 -34.19
N PRO D 282 11.19 13.00 -33.89
CA PRO D 282 12.17 13.66 -33.02
C PRO D 282 12.50 15.08 -33.47
N ILE D 283 12.93 15.93 -32.54
CA ILE D 283 13.35 17.29 -32.90
C ILE D 283 14.84 17.36 -33.19
N LEU D 284 15.26 18.46 -33.79
CA LEU D 284 16.68 18.72 -34.01
C LEU D 284 17.24 19.59 -32.90
N GLN D 285 18.56 19.56 -32.72
CA GLN D 285 19.25 20.28 -31.66
C GLN D 285 19.07 21.81 -31.75
N GLY D 286 18.88 22.30 -32.98
CA GLY D 286 18.69 23.73 -33.23
C GLY D 286 17.25 24.22 -33.15
N HIS D 287 16.38 23.37 -32.59
CA HIS D 287 14.97 23.73 -32.38
C HIS D 287 14.89 24.99 -31.51
N THR D 288 14.00 25.90 -31.88
CA THR D 288 13.91 27.21 -31.23
C THR D 288 13.65 27.11 -29.72
N LEU D 289 12.63 26.36 -29.34
CA LEU D 289 12.22 26.19 -27.93
C LEU D 289 13.30 25.58 -27.06
N LEU D 290 14.04 24.65 -27.65
CA LEU D 290 15.11 23.93 -26.98
C LEU D 290 16.30 24.82 -26.58
N ARG D 291 16.52 25.88 -27.34
CA ARG D 291 17.57 26.85 -27.05
C ARG D 291 17.22 27.80 -25.89
N MET D 292 15.93 27.92 -25.58
CA MET D 292 15.44 28.88 -24.58
C MET D 292 15.69 28.42 -23.14
N GLU D 293 16.17 29.35 -22.31
CA GLU D 293 16.45 29.05 -20.91
C GLU D 293 15.14 28.87 -20.13
N ASN D 294 14.07 29.49 -20.63
CA ASN D 294 12.78 29.49 -19.92
C ASN D 294 11.77 28.52 -20.54
N CYS D 295 12.29 27.51 -21.20
CA CYS D 295 11.47 26.42 -21.67
C CYS D 295 12.16 25.13 -21.30
N ILE D 296 11.49 24.33 -20.49
CA ILE D 296 11.99 23.00 -20.16
C ILE D 296 11.37 22.05 -21.17
N CYS D 297 12.21 21.38 -21.96
CA CYS D 297 11.74 20.46 -23.00
C CYS D 297 12.12 19.02 -22.71
N THR D 298 11.11 18.16 -22.60
CA THR D 298 11.31 16.71 -22.47
C THR D 298 10.87 16.05 -23.77
N PRO D 299 11.53 14.94 -24.16
CA PRO D 299 11.29 14.28 -25.44
C PRO D 299 10.07 13.31 -25.47
N HIS D 300 8.88 13.87 -25.28
CA HIS D 300 7.63 13.09 -25.31
C HIS D 300 7.65 11.83 -24.44
N ILE D 301 7.97 12.03 -23.16
CA ILE D 301 8.10 10.94 -22.21
C ILE D 301 6.86 10.64 -21.38
N GLY D 302 5.77 11.38 -21.62
CA GLY D 302 4.54 11.22 -20.84
C GLY D 302 4.06 9.79 -20.65
N TYR D 303 4.16 8.99 -21.71
CA TYR D 303 3.68 7.61 -21.70
C TYR D 303 4.85 6.61 -21.64
N VAL D 304 6.06 7.16 -21.62
CA VAL D 304 7.29 6.32 -21.55
C VAL D 304 7.66 6.00 -20.09
N GLU D 305 7.12 4.90 -19.62
CA GLU D 305 7.15 4.53 -18.21
C GLU D 305 6.93 3.00 -18.13
N ARG D 306 7.54 2.36 -17.15
CA ARG D 306 7.52 0.89 -17.00
C ARG D 306 6.15 0.20 -16.96
N GLU D 307 5.26 0.63 -16.07
CA GLU D 307 3.93 0.04 -15.97
C GLU D 307 3.06 0.35 -17.18
N SER D 308 3.24 1.56 -17.71
CA SER D 308 2.57 2.03 -18.91
C SER D 308 2.94 1.14 -20.11
N TYR D 309 4.24 0.98 -20.36
CA TYR D 309 4.69 0.08 -21.39
C TYR D 309 4.19 -1.35 -21.19
N GLU D 310 4.29 -1.88 -19.96
CA GLU D 310 3.75 -3.21 -19.66
C GLU D 310 2.27 -3.34 -20.04
N MET D 311 1.47 -2.37 -19.62
CA MET D 311 0.07 -2.33 -19.99
C MET D 311 -0.19 -2.18 -21.49
N TYR D 312 0.37 -1.13 -22.10
CA TYR D 312 0.12 -0.79 -23.51
C TYR D 312 0.54 -1.87 -24.48
N PHE D 313 1.75 -2.41 -24.28
CA PHE D 313 2.28 -3.45 -25.13
C PHE D 313 1.68 -4.81 -24.86
N GLY D 314 1.38 -5.09 -23.59
CA GLY D 314 0.62 -6.27 -23.21
C GLY D 314 -0.67 -6.41 -24.00
N ILE D 315 -1.46 -5.34 -24.02
CA ILE D 315 -2.71 -5.32 -24.78
C ILE D 315 -2.48 -5.46 -26.29
N ALA D 316 -1.51 -4.71 -26.82
CA ALA D 316 -1.23 -4.76 -28.25
C ALA D 316 -0.76 -6.14 -28.72
N PHE D 317 0.02 -6.82 -27.88
CA PHE D 317 0.53 -8.15 -28.18
C PHE D 317 -0.57 -9.20 -28.04
N GLN D 318 -1.41 -9.06 -27.02
CA GLN D 318 -2.54 -9.96 -26.79
C GLN D 318 -3.55 -9.85 -27.91
N ASN D 319 -3.79 -8.63 -28.38
CA ASN D 319 -4.65 -8.36 -29.53
C ASN D 319 -4.28 -9.14 -30.78
N ILE D 320 -2.98 -9.19 -31.09
CA ILE D 320 -2.44 -10.01 -32.18
C ILE D 320 -2.78 -11.48 -31.98
N LEU D 321 -2.41 -12.02 -30.81
CA LEU D 321 -2.72 -13.40 -30.46
C LEU D 321 -4.20 -13.72 -30.59
N ASP D 322 -5.04 -12.81 -30.11
CA ASP D 322 -6.48 -12.97 -30.11
C ASP D 322 -7.08 -13.07 -31.52
N ILE D 323 -6.64 -12.20 -32.44
CA ILE D 323 -7.17 -12.25 -33.82
C ILE D 323 -6.66 -13.43 -34.64
N LEU D 324 -5.51 -13.97 -34.26
CA LEU D 324 -4.97 -15.17 -34.89
C LEU D 324 -5.79 -16.41 -34.55
N GLN D 325 -6.41 -16.39 -33.37
CA GLN D 325 -7.32 -17.44 -32.94
C GLN D 325 -8.78 -17.09 -33.28
N GLY D 326 -8.98 -16.03 -34.05
CA GLY D 326 -10.30 -15.66 -34.55
C GLY D 326 -11.08 -14.64 -33.74
N ASN D 327 -10.59 -14.28 -32.56
CA ASN D 327 -11.24 -13.25 -31.72
C ASN D 327 -10.90 -11.88 -32.28
N VAL D 328 -11.92 -11.22 -32.82
CA VAL D 328 -11.69 -9.98 -33.58
C VAL D 328 -12.35 -8.75 -32.95
N ASP D 329 -12.46 -8.74 -31.62
CA ASP D 329 -13.09 -7.63 -30.90
C ASP D 329 -12.27 -6.35 -30.94
N SER D 330 -10.95 -6.49 -31.09
CA SER D 330 -10.04 -5.34 -31.09
C SER D 330 -9.93 -4.64 -32.44
N VAL D 331 -10.52 -5.24 -33.47
CA VAL D 331 -10.44 -4.72 -34.84
C VAL D 331 -11.21 -3.40 -34.97
N ALA D 332 -10.48 -2.34 -35.31
CA ALA D 332 -11.06 -0.99 -35.43
C ALA D 332 -11.79 -0.81 -36.75
N ASN D 333 -11.29 -1.47 -37.80
CA ASN D 333 -11.93 -1.47 -39.12
C ASN D 333 -12.43 -2.89 -39.46
N PRO D 334 -13.62 -3.26 -38.95
CA PRO D 334 -14.11 -4.64 -39.06
C PRO D 334 -14.38 -5.07 -40.51
N THR D 335 -14.69 -4.10 -41.37
CA THR D 335 -14.99 -4.37 -42.78
C THR D 335 -13.74 -4.75 -43.60
N ALA D 336 -12.56 -4.58 -43.02
CA ALA D 336 -11.31 -5.03 -43.65
C ALA D 336 -11.20 -6.56 -43.70
N LEU D 337 -12.09 -7.24 -42.97
CA LEU D 337 -12.10 -8.70 -42.91
C LEU D 337 -12.89 -9.37 -44.06
N ALA D 338 -13.77 -8.62 -44.69
CA ALA D 338 -14.55 -9.06 -45.86
C ALA D 338 -13.63 -9.30 -47.09
N PRO D 339 -13.98 -10.30 -47.96
CA PRO D 339 -13.23 -10.73 -49.16
C PRO D 339 -12.79 -9.61 -50.11
N ALA D 340 -11.59 -9.78 -50.68
CA ALA D 340 -10.96 -8.80 -51.58
C ALA D 340 -11.80 -8.35 -52.78
N LEU D 341 -12.60 -9.29 -53.31
CA LEU D 341 -13.53 -9.01 -54.41
C LEU D 341 -14.74 -8.18 -54.00
N ILE D 342 -15.08 -8.25 -52.71
CA ILE D 342 -16.20 -7.50 -52.16
C ILE D 342 -15.71 -6.10 -51.69
N ARG D 343 -14.43 -6.00 -51.34
CA ARG D 343 -13.79 -4.71 -51.02
C ARG D 343 -13.61 -3.87 -52.28
S SO4 E . 14.53 26.32 9.65
O1 SO4 E . 15.11 27.11 8.57
O2 SO4 E . 14.46 27.12 10.85
O3 SO4 E . 13.19 25.91 9.26
O4 SO4 E . 15.39 25.15 9.84
S SO4 F . 11.05 19.39 11.10
O1 SO4 F . 11.14 20.79 10.71
O2 SO4 F . 12.27 18.94 11.78
O3 SO4 F . 9.93 19.26 12.03
O4 SO4 F . 10.87 18.56 9.89
S SO4 G . 1.66 36.33 -6.11
O1 SO4 G . 0.73 37.26 -5.45
O2 SO4 G . 1.92 35.21 -5.23
O3 SO4 G . 1.06 35.85 -7.35
O4 SO4 G . 2.92 37.01 -6.43
C1 GOL H . 27.89 14.00 -0.55
O1 GOL H . 29.12 13.49 -0.10
C2 GOL H . 26.80 13.67 0.46
O2 GOL H . 27.15 12.54 1.24
C3 GOL H . 25.46 13.49 -0.23
O3 GOL H . 24.42 13.93 0.60
C1 GOL I . 16.54 18.85 9.01
O1 GOL I . 17.72 18.31 8.48
C2 GOL I . 15.34 18.55 8.16
O2 GOL I . 15.19 19.65 7.30
C3 GOL I . 14.06 18.42 9.01
O3 GOL I . 13.25 17.35 8.60
C1 GOL J . 19.46 48.16 -2.96
O1 GOL J . 20.15 47.79 -4.14
C2 GOL J . 18.02 47.66 -2.99
O2 GOL J . 17.87 46.57 -3.88
C3 GOL J . 17.07 48.80 -3.37
O3 GOL J . 16.57 49.38 -2.18
S SO4 K . -7.67 -0.56 25.81
O1 SO4 K . -7.29 0.80 26.19
O2 SO4 K . -8.54 -1.15 26.82
O3 SO4 K . -8.44 -0.49 24.56
O4 SO4 K . -6.50 -1.39 25.62
S SO4 L . -14.80 0.69 22.38
O1 SO4 L . -14.95 2.00 21.72
O2 SO4 L . -13.38 0.43 22.63
O3 SO4 L . -15.56 0.76 23.63
O4 SO4 L . -15.28 -0.42 21.55
C1 GOL M . -29.56 5.66 27.37
O1 GOL M . -28.83 6.63 26.67
C2 GOL M . -29.95 4.51 26.44
O2 GOL M . -30.55 5.03 25.27
C3 GOL M . -30.90 3.54 27.12
O3 GOL M . -32.20 4.10 27.21
S SO4 N . -17.32 -25.00 -9.50
O1 SO4 N . -17.37 -23.54 -9.54
O2 SO4 N . -17.40 -25.44 -8.11
O3 SO4 N . -18.46 -25.57 -10.20
O4 SO4 N . -16.10 -25.46 -10.12
S SO4 O . -12.24 -18.48 -11.32
O1 SO4 O . -13.00 -17.57 -12.18
O2 SO4 O . -11.70 -17.76 -10.16
O3 SO4 O . -13.13 -19.53 -10.86
O4 SO4 O . -11.14 -19.07 -12.07
CL CL P . -15.54 -30.55 -3.37
S SO4 Q . -3.81 6.66 -25.37
O1 SO4 Q . -4.23 8.01 -25.71
O2 SO4 Q . -3.51 6.59 -23.94
O3 SO4 Q . -4.89 5.71 -25.67
O4 SO4 Q . -2.60 6.30 -26.11
S SO4 R . -8.31 11.99 -21.37
O1 SO4 R . -8.35 12.56 -22.72
O2 SO4 R . -7.58 12.93 -20.49
O3 SO4 R . -9.69 11.71 -20.95
O4 SO4 R . -7.57 10.75 -21.41
S SO4 S . -7.23 38.93 -28.89
O1 SO4 S . -6.33 39.17 -30.01
O2 SO4 S . -6.68 39.53 -27.67
O3 SO4 S . -8.54 39.51 -29.17
O4 SO4 S . -7.38 37.48 -28.72
S SO4 T . -1.53 20.65 2.22
O1 SO4 T . -1.36 22.05 1.84
O2 SO4 T . -1.74 20.56 3.67
O3 SO4 T . -2.71 20.11 1.54
O4 SO4 T . -0.34 19.86 1.89
CL CL U . 4.47 7.92 -27.06
C1 GOL V . 5.02 22.87 -28.65
O1 GOL V . 5.82 23.37 -29.70
C2 GOL V . 3.69 23.61 -28.64
O2 GOL V . 3.60 24.60 -29.63
C3 GOL V . 3.50 24.28 -27.29
O3 GOL V . 2.63 23.46 -26.57
C1 GOL W . -20.52 21.07 -24.60
O1 GOL W . -20.42 20.27 -23.44
C2 GOL W . -20.85 22.53 -24.27
O2 GOL W . -19.76 23.42 -24.47
C3 GOL W . -22.07 23.02 -25.05
O3 GOL W . -22.32 24.37 -24.72
#